data_6P60
#
_entry.id   6P60
#
_cell.length_a   77.784
_cell.length_b   72.199
_cell.length_c   185.526
_cell.angle_alpha   90.000
_cell.angle_beta   96.630
_cell.angle_gamma   90.000
#
_symmetry.space_group_name_H-M   'P 1 21 1'
#
loop_
_entity.id
_entity.type
_entity.pdbx_description
1 polymer 'Antibody A12V163-a.02 heavy chain'
2 polymer 'Antibody A12V163-a.02 light chain'
3 polymer 'HIV fusion peptide residue 512-519'
4 water water
#
loop_
_entity_poly.entity_id
_entity_poly.type
_entity_poly.pdbx_seq_one_letter_code
_entity_poly.pdbx_strand_id
1 'polypeptide(L)'
;QVQLQESGPGLVKPSETLSLTCAVTGGSISDAYYWSWIRQFPGKRLEWIGYIYGSTGGTRYNPPLKNRVSISIDTSKNQF
SLKLRSVTAADTAVYYCVRDGVATIETTGDHWGQGVLVTVSSASTKGPSVFPLAPSSRSTSESTAALGCLVKDYFPEPVT
VSWNSGSLTSGVHTFPAVLQSSGLYSLSSVVTVPSSSLGTQTYVCNVNHKPSNTKVDKRVEIKTC
;
A,C,G,J
2 'polypeptide(L)'
;QFVLAQPPSVSGAPGQRVTLSCTGSNSNIGVNYVQWYQQLPGTAPKLLIYENNKRPSGVSDRFSGSQSGTSASLTITGLQ
SEDEADYYCQCYDISLGAHVFGSGTELTVLGQPKAAPSVTLFPPSSEELQANKATLVCLISDFYPGAVEVAWKADGSAVN
AGVETTKPSKQSNNKYAASSYLSLTSDQWKSHKSYSCQVTHEGSTVEKTVAP
;
B,D,H,K
3 'polypeptide(L)' AVGIGAVF E,F,I,L
#
# COMPACT_ATOMS: atom_id res chain seq x y z
N VAL A 2 -12.15 27.31 27.51
CA VAL A 2 -11.41 26.08 27.73
C VAL A 2 -11.84 25.38 29.06
N GLN A 3 -12.01 26.09 30.21
CA GLN A 3 -12.20 25.45 31.51
C GLN A 3 -13.36 26.02 32.31
N LEU A 4 -14.13 25.13 32.92
CA LEU A 4 -15.36 25.44 33.62
C LEU A 4 -15.26 24.93 35.05
N GLN A 5 -15.67 25.76 36.02
CA GLN A 5 -15.54 25.38 37.44
C GLN A 5 -16.81 25.75 38.20
N GLU A 6 -17.56 24.75 38.67
CA GLU A 6 -18.72 25.04 39.49
C GLU A 6 -18.32 25.58 40.86
N SER A 7 -19.25 26.28 41.48
CA SER A 7 -19.09 26.78 42.84
C SER A 7 -19.11 25.61 43.85
N GLY A 8 -18.98 25.94 45.13
CA GLY A 8 -18.75 24.95 46.17
C GLY A 8 -19.95 24.10 46.55
N PRO A 9 -19.68 22.87 47.02
CA PRO A 9 -20.74 21.92 47.34
C PRO A 9 -21.46 22.28 48.64
N GLY A 10 -22.66 21.73 48.79
CA GLY A 10 -23.33 22.15 50.00
C GLY A 10 -24.70 21.57 50.21
N LEU A 11 -25.24 21.99 51.33
CA LEU A 11 -26.52 21.57 51.86
C LEU A 11 -27.54 22.67 51.56
N VAL A 12 -28.73 22.26 51.16
CA VAL A 12 -29.86 23.15 50.99
C VAL A 12 -31.03 22.58 51.79
N LYS A 13 -31.72 23.43 52.52
CA LYS A 13 -32.86 22.93 53.26
C LYS A 13 -34.05 22.71 52.34
N PRO A 14 -34.88 21.72 52.62
CA PRO A 14 -36.06 21.51 51.78
C PRO A 14 -36.89 22.79 51.68
N SER A 15 -37.42 23.03 50.48
CA SER A 15 -38.23 24.18 50.07
C SER A 15 -37.39 25.41 49.79
N GLU A 16 -36.13 25.38 50.04
CA GLU A 16 -35.37 26.58 49.75
C GLU A 16 -34.82 26.56 48.30
N THR A 17 -33.89 27.48 47.98
CA THR A 17 -33.47 27.70 46.60
C THR A 17 -32.02 27.29 46.40
N LEU A 18 -31.81 26.31 45.52
CA LEU A 18 -30.47 25.94 45.09
C LEU A 18 -29.94 27.02 44.17
N SER A 19 -28.70 27.44 44.42
CA SER A 19 -28.09 28.53 43.67
C SER A 19 -26.65 28.16 43.39
N LEU A 20 -26.29 28.01 42.11
CA LEU A 20 -24.95 27.63 41.70
C LEU A 20 -24.40 28.62 40.69
N THR A 21 -23.07 28.70 40.61
CA THR A 21 -22.40 29.44 39.55
C THR A 21 -21.27 28.61 38.97
N CYS A 22 -21.00 28.84 37.69
CA CYS A 22 -19.93 28.22 36.94
C CYS A 22 -19.04 29.34 36.43
N ALA A 23 -17.78 29.33 36.86
CA ALA A 23 -16.81 30.32 36.42
C ALA A 23 -16.10 29.75 35.21
N VAL A 24 -16.03 30.56 34.15
CA VAL A 24 -15.42 30.16 32.89
C VAL A 24 -14.10 30.88 32.73
N THR A 25 -13.08 30.15 32.29
CA THR A 25 -11.79 30.74 31.94
C THR A 25 -11.33 30.12 30.63
N GLY A 26 -10.51 30.86 29.90
CA GLY A 26 -10.01 30.37 28.62
C GLY A 26 -10.96 30.58 27.47
N GLY A 27 -11.97 31.42 27.64
CA GLY A 27 -12.93 31.70 26.59
C GLY A 27 -13.99 32.61 27.18
N SER A 28 -14.77 33.22 26.29
CA SER A 28 -15.75 34.21 26.70
C SER A 28 -17.11 33.58 26.94
N ILE A 29 -17.76 33.97 28.03
CA ILE A 29 -19.12 33.50 28.24
C ILE A 29 -20.08 34.04 27.18
N SER A 30 -19.66 35.05 26.42
CA SER A 30 -20.51 35.65 25.40
C SER A 30 -20.32 35.01 24.02
N ASP A 31 -19.46 34.01 23.90
CA ASP A 31 -19.26 33.34 22.64
C ASP A 31 -20.52 32.57 22.25
N ALA A 32 -20.58 32.18 20.98
CA ALA A 32 -21.76 31.54 20.40
C ALA A 32 -21.78 30.06 20.79
N TYR A 33 -21.96 29.81 22.08
CA TYR A 33 -22.00 28.45 22.59
C TYR A 33 -23.16 28.33 23.56
N TYR A 34 -23.56 27.07 23.81
CA TYR A 34 -24.67 26.75 24.72
C TYR A 34 -24.11 26.27 26.06
N TRP A 35 -24.50 26.97 27.12
CA TRP A 35 -24.03 26.71 28.48
C TRP A 35 -25.15 26.00 29.22
N SER A 36 -24.92 24.72 29.55
CA SER A 36 -25.93 23.84 30.10
C SER A 36 -25.68 23.55 31.57
N TRP A 37 -26.75 23.24 32.27
CA TRP A 37 -26.67 22.58 33.56
C TRP A 37 -27.22 21.18 33.40
N ILE A 38 -26.46 20.20 33.86
CA ILE A 38 -26.84 18.81 33.76
C ILE A 38 -26.58 18.19 35.13
N ARG A 39 -27.53 17.43 35.64
CA ARG A 39 -27.31 16.80 36.93
C ARG A 39 -27.42 15.29 36.82
N GLN A 40 -26.73 14.62 37.73
CA GLN A 40 -26.69 13.18 37.87
C GLN A 40 -27.10 12.82 39.29
N PHE A 41 -28.18 12.07 39.42
CA PHE A 41 -28.70 11.69 40.73
C PHE A 41 -27.93 10.53 41.29
N PRO A 42 -28.02 10.29 42.60
CA PRO A 42 -27.60 8.98 43.12
C PRO A 42 -28.45 7.91 42.43
N GLY A 43 -27.80 6.86 41.98
CA GLY A 43 -28.44 5.94 41.06
C GLY A 43 -28.04 6.15 39.62
N LYS A 44 -27.30 7.21 39.34
CA LYS A 44 -26.55 7.47 38.12
C LYS A 44 -27.39 8.03 36.96
N ARG A 45 -28.69 8.29 37.13
CA ARG A 45 -29.51 8.88 36.09
C ARG A 45 -29.10 10.31 35.77
N LEU A 46 -28.95 10.62 34.48
CA LEU A 46 -28.56 11.92 33.99
C LEU A 46 -29.78 12.69 33.51
N GLU A 47 -29.83 13.98 33.86
CA GLU A 47 -30.94 14.83 33.46
C GLU A 47 -30.40 16.18 33.02
N TRP A 48 -30.85 16.63 31.85
CA TRP A 48 -30.52 17.95 31.36
C TRP A 48 -31.49 18.97 31.95
N ILE A 49 -30.95 19.98 32.61
CA ILE A 49 -31.78 21.00 33.25
C ILE A 49 -32.15 22.11 32.28
N GLY A 50 -31.18 22.62 31.52
CA GLY A 50 -31.44 23.69 30.59
C GLY A 50 -30.14 24.30 30.11
N TYR A 51 -30.27 25.25 29.17
CA TYR A 51 -29.09 26.02 28.79
C TYR A 51 -29.41 27.48 28.46
N ILE A 52 -28.34 28.27 28.44
CA ILE A 52 -28.37 29.66 28.04
C ILE A 52 -27.34 29.83 26.93
N TYR A 53 -27.73 30.55 25.89
CA TYR A 53 -26.85 30.81 24.75
C TYR A 53 -26.02 32.04 25.06
N GLY A 54 -24.70 31.92 24.92
CA GLY A 54 -23.83 33.01 25.35
C GLY A 54 -24.05 34.31 24.59
N SER A 55 -24.35 34.21 23.28
CA SER A 55 -24.42 35.40 22.44
C SER A 55 -25.66 36.24 22.69
N THR A 56 -26.78 35.62 23.07
CA THR A 56 -28.04 36.36 23.23
C THR A 56 -28.63 36.35 24.63
N GLY A 57 -28.26 35.39 25.48
CA GLY A 57 -28.96 35.25 26.76
C GLY A 57 -30.26 34.51 26.67
N GLY A 58 -30.61 33.98 25.50
CA GLY A 58 -31.79 33.15 25.38
C GLY A 58 -31.60 31.81 26.09
N THR A 59 -32.70 31.31 26.65
CA THR A 59 -32.67 30.11 27.46
C THR A 59 -33.67 29.10 26.94
N ARG A 60 -33.38 27.83 27.19
CA ARG A 60 -34.37 26.75 27.09
C ARG A 60 -34.23 25.94 28.36
N TYR A 61 -35.36 25.51 28.91
CA TYR A 61 -35.38 24.71 30.14
C TYR A 61 -36.13 23.42 29.90
N ASN A 62 -35.74 22.39 30.63
CA ASN A 62 -36.47 21.12 30.61
C ASN A 62 -37.90 21.39 31.08
N PRO A 63 -38.91 21.18 30.25
CA PRO A 63 -40.26 21.77 30.51
C PRO A 63 -40.82 21.45 31.89
N PRO A 64 -40.69 20.24 32.42
CA PRO A 64 -41.18 20.02 33.79
C PRO A 64 -40.54 20.96 34.81
N LEU A 65 -39.37 21.53 34.53
CA LEU A 65 -38.69 22.38 35.49
C LEU A 65 -38.91 23.87 35.27
N LYS A 66 -39.62 24.25 34.21
CA LYS A 66 -39.60 25.64 33.75
C LYS A 66 -40.10 26.60 34.81
N ASN A 67 -41.04 26.17 35.65
CA ASN A 67 -41.57 27.04 36.68
C ASN A 67 -40.64 27.19 37.87
N ARG A 68 -39.62 26.34 37.97
CA ARG A 68 -38.71 26.35 39.13
C ARG A 68 -37.32 26.89 38.81
N VAL A 69 -36.91 26.92 37.54
CA VAL A 69 -35.50 27.08 37.21
C VAL A 69 -35.30 28.42 36.52
N SER A 70 -34.13 29.01 36.75
CA SER A 70 -33.70 30.15 35.96
C SER A 70 -32.19 30.05 35.75
N ILE A 71 -31.76 30.30 34.51
CA ILE A 71 -30.35 30.28 34.14
C ILE A 71 -29.98 31.68 33.71
N SER A 72 -28.81 32.15 34.14
CA SER A 72 -28.45 33.53 33.85
C SER A 72 -26.97 33.64 33.55
N ILE A 73 -26.58 34.76 32.94
CA ILE A 73 -25.19 35.04 32.58
C ILE A 73 -24.77 36.32 33.27
N ASP A 74 -23.52 36.36 33.72
CA ASP A 74 -22.88 37.55 34.29
C ASP A 74 -21.57 37.77 33.53
N THR A 75 -21.58 38.85 32.74
CA THR A 75 -20.50 39.19 31.83
C THR A 75 -19.28 39.72 32.56
N SER A 76 -19.51 40.50 33.63
CA SER A 76 -18.42 41.11 34.39
C SER A 76 -17.52 40.06 35.00
N LYS A 77 -18.10 38.94 35.43
CA LYS A 77 -17.35 37.84 36.05
C LYS A 77 -17.13 36.66 35.13
N ASN A 78 -17.60 36.75 33.87
CA ASN A 78 -17.46 35.68 32.88
C ASN A 78 -17.97 34.34 33.43
N GLN A 79 -19.23 34.36 33.86
CA GLN A 79 -19.74 33.18 34.54
C GLN A 79 -21.23 33.05 34.24
N PHE A 80 -21.76 31.85 34.46
CA PHE A 80 -23.20 31.67 34.34
C PHE A 80 -23.70 30.91 35.56
N SER A 81 -25.00 30.96 35.78
CA SER A 81 -25.51 30.55 37.08
C SER A 81 -26.82 29.82 36.88
N LEU A 82 -27.16 29.03 37.90
CA LEU A 82 -28.39 28.26 37.97
C LEU A 82 -29.10 28.59 39.28
N LYS A 83 -30.42 28.79 39.20
CA LYS A 83 -31.28 28.88 40.39
C LYS A 83 -32.42 27.90 40.21
N LEU A 84 -32.56 26.98 41.16
CA LEU A 84 -33.66 26.01 41.14
C LEU A 84 -34.40 26.19 42.47
N ARG A 85 -35.66 26.63 42.41
CA ARG A 85 -36.35 26.96 43.65
C ARG A 85 -37.23 25.80 44.13
N SER A 86 -37.70 25.95 45.38
CA SER A 86 -38.64 25.03 46.03
C SER A 86 -38.10 23.60 46.01
N VAL A 87 -36.86 23.49 46.43
CA VAL A 87 -36.11 22.26 46.23
C VAL A 87 -36.51 21.24 47.28
N THR A 88 -36.43 19.96 46.91
CA THR A 88 -36.75 18.85 47.80
C THR A 88 -35.67 17.78 47.69
N ALA A 89 -35.74 16.78 48.58
CA ALA A 89 -34.76 15.70 48.57
C ALA A 89 -34.62 15.06 47.21
N ALA A 90 -35.65 15.13 46.38
CA ALA A 90 -35.54 14.63 45.02
C ALA A 90 -34.51 15.38 44.18
N ASP A 91 -34.09 16.57 44.61
CA ASP A 91 -33.14 17.34 43.83
C ASP A 91 -31.70 17.13 44.27
N THR A 92 -31.46 16.24 45.23
CA THR A 92 -30.10 15.91 45.61
C THR A 92 -29.41 15.26 44.43
N ALA A 93 -28.28 15.84 44.02
CA ALA A 93 -27.62 15.33 42.82
C ALA A 93 -26.28 16.02 42.69
N VAL A 94 -25.47 15.49 41.78
CA VAL A 94 -24.25 16.15 41.31
C VAL A 94 -24.62 17.04 40.12
N TYR A 95 -24.24 18.31 40.19
CA TYR A 95 -24.58 19.30 39.18
C TYR A 95 -23.34 19.67 38.37
N TYR A 96 -23.43 19.55 37.06
CA TYR A 96 -22.36 19.85 36.13
C TYR A 96 -22.72 21.06 35.28
N CYS A 97 -21.77 21.96 35.10
CA CYS A 97 -21.91 22.95 34.04
C CYS A 97 -21.19 22.42 32.82
N VAL A 98 -21.75 22.67 31.62
CA VAL A 98 -21.16 22.11 30.41
C VAL A 98 -21.32 23.08 29.25
N ARG A 99 -20.36 23.05 28.33
CA ARG A 99 -20.42 23.87 27.13
C ARG A 99 -20.23 22.96 25.93
N ASP A 100 -20.98 23.21 24.87
CA ASP A 100 -20.79 22.38 23.70
C ASP A 100 -19.47 22.73 23.04
N GLY A 101 -18.96 21.77 22.26
CA GLY A 101 -17.63 21.87 21.69
C GLY A 101 -17.57 22.70 20.41
N VAL A 102 -16.33 23.08 20.07
CA VAL A 102 -16.08 23.78 18.82
C VAL A 102 -16.41 22.87 17.65
N ALA A 103 -17.03 23.43 16.63
CA ALA A 103 -17.43 22.65 15.47
C ALA A 103 -16.33 22.70 14.39
N THR A 104 -15.23 22.00 14.67
CA THR A 104 -14.17 21.76 13.71
C THR A 104 -13.81 20.30 13.81
N ILE A 105 -13.22 19.76 12.74
CA ILE A 105 -13.08 18.31 12.66
C ILE A 105 -12.15 17.77 13.76
N GLU A 106 -11.16 18.54 14.20
CA GLU A 106 -10.27 18.06 15.25
C GLU A 106 -10.70 18.59 16.64
N THR A 107 -12.00 18.76 16.84
CA THR A 107 -12.50 19.19 18.14
C THR A 107 -12.22 18.15 19.20
N THR A 108 -11.99 18.63 20.42
CA THR A 108 -11.79 17.74 21.56
C THR A 108 -13.10 17.20 22.10
N GLY A 109 -14.23 17.84 21.79
CA GLY A 109 -15.52 17.42 22.30
C GLY A 109 -16.13 18.55 23.09
N ASP A 110 -17.16 18.27 23.91
CA ASP A 110 -17.69 19.33 24.76
C ASP A 110 -16.84 19.43 26.03
N HIS A 111 -17.16 20.42 26.86
CA HIS A 111 -16.38 20.73 28.05
C HIS A 111 -17.28 20.68 29.27
N TRP A 112 -16.95 19.82 30.23
CA TRP A 112 -17.73 19.62 31.43
C TRP A 112 -16.95 20.13 32.64
N GLY A 113 -17.67 20.72 33.58
CA GLY A 113 -17.08 21.03 34.87
C GLY A 113 -16.82 19.74 35.61
N GLN A 114 -16.34 19.87 36.84
CA GLN A 114 -16.04 18.72 37.68
C GLN A 114 -17.25 18.20 38.42
N GLY A 115 -18.35 18.94 38.46
CA GLY A 115 -19.54 18.50 39.14
C GLY A 115 -19.48 18.97 40.58
N VAL A 116 -20.62 19.31 41.16
CA VAL A 116 -20.68 19.74 42.55
C VAL A 116 -21.86 19.03 43.20
N LEU A 117 -21.59 18.35 44.32
CA LEU A 117 -22.64 17.67 45.05
C LEU A 117 -23.47 18.67 45.86
N VAL A 118 -24.76 18.71 45.55
CA VAL A 118 -25.73 19.48 46.32
C VAL A 118 -26.68 18.48 46.95
N THR A 119 -26.76 18.50 48.28
CA THR A 119 -27.63 17.57 48.98
C THR A 119 -28.70 18.37 49.71
N VAL A 120 -29.95 17.96 49.52
CA VAL A 120 -31.10 18.65 50.09
C VAL A 120 -31.58 17.85 51.29
N SER A 121 -31.47 18.45 52.47
CA SER A 121 -31.73 17.74 53.71
C SER A 121 -32.07 18.72 54.81
N SER A 122 -32.94 18.27 55.73
CA SER A 122 -33.21 19.01 56.94
C SER A 122 -32.12 18.80 57.99
N ALA A 123 -31.28 17.78 57.81
CA ALA A 123 -30.22 17.55 58.76
C ALA A 123 -29.27 18.75 58.75
N SER A 124 -28.43 18.81 59.76
CA SER A 124 -27.57 19.98 59.93
C SER A 124 -26.14 19.66 59.46
N THR A 125 -25.44 20.67 58.95
CA THR A 125 -24.06 20.49 58.52
C THR A 125 -23.17 20.22 59.74
N LYS A 126 -22.17 19.35 59.57
CA LYS A 126 -21.21 19.10 60.65
C LYS A 126 -19.85 18.86 60.03
N GLY A 127 -18.85 19.60 60.50
CA GLY A 127 -17.49 19.41 60.04
C GLY A 127 -16.80 18.25 60.72
N PRO A 128 -15.74 17.73 60.09
CA PRO A 128 -15.11 16.50 60.54
C PRO A 128 -14.09 16.74 61.64
N SER A 129 -13.79 15.65 62.36
CA SER A 129 -12.51 15.59 63.07
C SER A 129 -11.51 14.88 62.18
N VAL A 130 -10.28 15.34 62.21
CA VAL A 130 -9.22 14.78 61.37
C VAL A 130 -8.18 14.24 62.31
N PHE A 131 -7.88 12.93 62.19
CA PHE A 131 -6.91 12.27 63.04
C PHE A 131 -5.79 11.65 62.22
N PRO A 132 -4.57 11.66 62.71
CA PRO A 132 -3.47 11.05 61.96
C PRO A 132 -3.44 9.54 62.15
N LEU A 133 -3.16 8.83 61.07
CA LEU A 133 -2.99 7.37 61.09
C LEU A 133 -1.51 7.07 60.90
N ALA A 134 -0.83 6.77 62.00
CA ALA A 134 0.57 6.49 61.83
C ALA A 134 0.78 4.98 61.94
N PRO A 135 1.69 4.42 61.18
CA PRO A 135 1.76 2.95 61.10
C PRO A 135 2.17 2.33 62.42
N SER A 136 1.60 1.15 62.68
CA SER A 136 2.06 0.33 63.79
C SER A 136 3.54 0.01 63.62
N SER A 137 4.18 -0.40 64.73
CA SER A 137 5.63 -0.58 64.73
C SER A 137 6.08 -1.58 63.66
N ARG A 138 5.39 -2.71 63.56
CA ARG A 138 5.88 -3.76 62.67
C ARG A 138 5.83 -3.35 61.20
N SER A 139 4.97 -2.39 60.85
CA SER A 139 4.88 -1.97 59.45
C SER A 139 6.06 -1.08 59.05
N THR A 140 6.57 -0.27 59.99
CA THR A 140 7.74 0.55 59.70
C THR A 140 8.97 -0.31 59.45
N SER A 141 8.92 -1.59 59.87
CA SER A 141 9.99 -2.54 59.61
C SER A 141 10.04 -2.97 58.16
N GLU A 142 8.92 -2.88 57.44
CA GLU A 142 8.97 -3.29 56.04
C GLU A 142 9.67 -2.21 55.23
N SER A 143 9.81 -2.46 53.93
CA SER A 143 10.50 -1.51 53.08
C SER A 143 9.64 -0.28 52.79
N THR A 144 8.35 -0.47 52.58
CA THR A 144 7.39 0.62 52.49
C THR A 144 6.45 0.61 53.69
N ALA A 145 5.97 1.81 54.04
CA ALA A 145 5.04 2.00 55.14
C ALA A 145 3.87 2.84 54.65
N ALA A 146 2.69 2.54 55.18
CA ALA A 146 1.49 3.29 54.86
C ALA A 146 1.17 4.21 56.02
N LEU A 147 0.90 5.47 55.71
CA LEU A 147 0.45 6.42 56.71
C LEU A 147 -0.74 7.14 56.12
N GLY A 148 -1.63 7.64 56.98
CA GLY A 148 -2.85 8.24 56.45
C GLY A 148 -3.50 9.21 57.40
N CYS A 149 -4.72 9.64 57.02
CA CYS A 149 -5.58 10.54 57.79
C CYS A 149 -6.99 9.97 57.82
N LEU A 150 -7.58 9.97 59.00
CA LEU A 150 -8.97 9.60 59.24
C LEU A 150 -9.81 10.87 59.34
N VAL A 151 -10.82 10.99 58.48
CA VAL A 151 -11.75 12.12 58.48
C VAL A 151 -13.09 11.59 59.01
N LYS A 152 -13.43 11.90 60.27
CA LYS A 152 -14.52 11.22 60.99
C LYS A 152 -15.70 12.15 61.26
N ASP A 153 -16.91 11.64 61.00
CA ASP A 153 -18.18 12.20 61.49
C ASP A 153 -18.46 13.58 60.89
N TYR A 154 -18.71 13.60 59.57
CA TYR A 154 -19.12 14.81 58.87
C TYR A 154 -20.42 14.59 58.12
N PHE A 155 -21.06 15.70 57.74
CA PHE A 155 -22.26 15.74 56.92
C PHE A 155 -22.32 17.13 56.31
N PRO A 156 -22.74 17.27 55.06
CA PRO A 156 -22.95 16.18 54.11
C PRO A 156 -21.65 15.82 53.39
N GLU A 157 -21.73 14.93 52.41
CA GLU A 157 -20.63 14.73 51.49
C GLU A 157 -20.45 16.02 50.68
N PRO A 158 -19.28 16.21 50.06
CA PRO A 158 -18.06 15.41 50.01
C PRO A 158 -16.94 16.02 50.82
N VAL A 159 -15.87 15.27 51.04
CA VAL A 159 -14.60 15.82 51.51
C VAL A 159 -13.52 15.36 50.55
N THR A 160 -12.53 16.23 50.31
CA THR A 160 -11.37 15.94 49.47
C THR A 160 -10.11 15.86 50.33
N VAL A 161 -9.18 14.98 49.94
CA VAL A 161 -7.90 14.88 50.62
C VAL A 161 -6.79 14.99 49.57
N SER A 162 -5.74 15.74 49.91
CA SER A 162 -4.49 15.83 49.16
C SER A 162 -3.41 15.41 50.14
N TRP A 163 -2.19 15.27 49.63
CA TRP A 163 -1.06 15.00 50.51
C TRP A 163 0.06 15.98 50.15
N ASN A 164 0.64 16.57 51.20
CA ASN A 164 1.67 17.60 51.10
C ASN A 164 1.31 18.63 50.03
N SER A 165 0.14 19.24 50.20
CA SER A 165 -0.37 20.33 49.36
C SER A 165 -0.47 19.92 47.89
N GLY A 166 -0.60 18.64 47.62
CA GLY A 166 -0.73 18.17 46.25
C GLY A 166 0.58 17.80 45.59
N SER A 167 1.69 17.92 46.31
CA SER A 167 3.01 17.55 45.82
C SER A 167 3.37 16.09 46.08
N LEU A 168 2.39 15.26 46.47
CA LEU A 168 2.57 13.81 46.66
C LEU A 168 1.40 13.09 46.00
N THR A 169 1.67 12.47 44.85
CA THR A 169 0.67 11.76 44.05
C THR A 169 0.79 10.25 44.08
N SER A 170 1.99 9.70 43.89
CA SER A 170 2.12 8.24 43.76
C SER A 170 2.00 7.57 45.13
N GLY A 171 1.18 6.53 45.19
CA GLY A 171 0.96 5.83 46.43
C GLY A 171 -0.23 6.32 47.21
N VAL A 172 -0.95 7.32 46.69
CA VAL A 172 -2.08 7.94 47.40
C VAL A 172 -3.35 7.21 47.02
N HIS A 173 -4.17 6.90 48.02
CA HIS A 173 -5.45 6.22 47.82
C HIS A 173 -6.42 6.81 48.83
N THR A 174 -7.44 7.52 48.35
CA THR A 174 -8.46 8.06 49.22
C THR A 174 -9.73 7.23 49.05
N PHE A 175 -10.18 6.69 50.11
CA PHE A 175 -11.27 5.73 49.98
C PHE A 175 -12.62 6.43 50.00
N PRO A 176 -13.59 5.84 49.31
CA PRO A 176 -14.96 6.32 49.44
C PRO A 176 -15.42 6.24 50.89
N ALA A 177 -16.22 7.24 51.28
CA ALA A 177 -16.71 7.37 52.65
C ALA A 177 -17.69 6.25 52.97
N VAL A 178 -17.83 5.99 54.25
CA VAL A 178 -18.86 5.11 54.78
C VAL A 178 -19.94 5.99 55.40
N LEU A 179 -21.22 5.59 55.21
CA LEU A 179 -22.35 6.27 55.84
C LEU A 179 -22.75 5.48 57.08
N GLN A 180 -22.50 6.06 58.24
CA GLN A 180 -22.68 5.39 59.51
C GLN A 180 -24.13 5.45 59.96
N SER A 181 -24.46 4.57 60.92
CA SER A 181 -25.82 4.50 61.45
C SER A 181 -26.26 5.81 62.09
N SER A 182 -25.32 6.60 62.59
CA SER A 182 -25.62 7.92 63.12
C SER A 182 -26.06 8.89 62.04
N GLY A 183 -25.98 8.51 60.76
CA GLY A 183 -26.27 9.41 59.66
C GLY A 183 -25.12 10.28 59.20
N LEU A 184 -23.93 10.13 59.79
CA LEU A 184 -22.72 10.89 59.48
C LEU A 184 -21.69 10.04 58.71
N TYR A 185 -20.85 10.72 57.94
CA TYR A 185 -19.84 10.07 57.11
C TYR A 185 -18.48 10.01 57.77
N SER A 186 -17.68 9.00 57.40
CA SER A 186 -16.24 8.98 57.65
C SER A 186 -15.56 8.46 56.39
N LEU A 187 -14.33 8.93 56.16
CA LEU A 187 -13.49 8.36 55.12
C LEU A 187 -12.06 8.41 55.62
N SER A 188 -11.17 7.74 54.87
CA SER A 188 -9.76 7.62 55.20
C SER A 188 -8.96 7.84 53.93
N SER A 189 -7.81 8.50 54.05
CA SER A 189 -6.87 8.59 52.94
C SER A 189 -5.52 8.05 53.39
N VAL A 190 -4.88 7.27 52.53
CA VAL A 190 -3.61 6.64 52.88
C VAL A 190 -2.62 6.83 51.73
N VAL A 191 -1.36 7.00 52.08
CA VAL A 191 -0.27 7.05 51.11
C VAL A 191 0.82 6.09 51.60
N THR A 192 1.37 5.31 50.68
CA THR A 192 2.49 4.42 50.99
C THR A 192 3.80 5.08 50.53
N VAL A 193 4.81 5.01 51.39
CA VAL A 193 6.05 5.79 51.30
C VAL A 193 7.22 4.89 51.75
N PRO A 194 8.44 5.22 51.29
CA PRO A 194 9.60 4.41 51.73
C PRO A 194 9.86 4.55 53.22
N SER A 195 10.06 3.41 53.89
CA SER A 195 10.22 3.40 55.34
C SER A 195 11.43 4.21 55.80
N SER A 196 12.51 4.22 55.02
CA SER A 196 13.66 5.06 55.35
C SER A 196 13.26 6.53 55.58
N SER A 197 12.31 7.03 54.80
CA SER A 197 12.03 8.46 54.79
C SER A 197 11.32 8.98 56.05
N LEU A 198 10.90 8.12 56.98
CA LEU A 198 10.07 8.62 58.07
C LEU A 198 10.81 9.63 58.95
N GLY A 199 12.12 9.52 59.06
CA GLY A 199 12.80 10.60 59.76
C GLY A 199 13.04 11.86 58.93
N THR A 200 13.59 11.75 57.72
CA THR A 200 13.86 12.93 56.88
C THR A 200 12.61 13.79 56.66
N GLN A 201 11.53 13.20 56.16
CA GLN A 201 10.50 13.94 55.44
C GLN A 201 9.27 14.19 56.31
N THR A 202 8.56 15.28 55.99
CA THR A 202 7.31 15.63 56.65
C THR A 202 6.13 15.23 55.78
N TYR A 203 5.14 14.58 56.39
CA TYR A 203 3.93 14.15 55.71
C TYR A 203 2.72 14.87 56.31
N VAL A 204 2.01 15.61 55.47
CA VAL A 204 0.87 16.42 55.87
C VAL A 204 -0.29 16.14 54.93
N CYS A 205 -1.45 15.78 55.49
CA CYS A 205 -2.64 15.56 54.66
C CYS A 205 -3.59 16.77 54.72
N ASN A 206 -4.11 17.15 53.55
CA ASN A 206 -4.94 18.35 53.40
C ASN A 206 -6.39 17.96 53.16
N VAL A 207 -7.20 18.11 54.19
CA VAL A 207 -8.61 17.75 54.19
C VAL A 207 -9.42 19.00 53.91
N ASN A 208 -10.30 18.95 52.92
CA ASN A 208 -11.21 20.05 52.64
C ASN A 208 -12.64 19.53 52.74
N HIS A 209 -13.42 20.11 53.66
CA HIS A 209 -14.87 19.90 53.77
C HIS A 209 -15.52 21.25 53.44
N LYS A 210 -15.73 21.48 52.14
CA LYS A 210 -16.35 22.74 51.71
C LYS A 210 -17.75 22.97 52.28
N PRO A 211 -18.63 21.98 52.45
CA PRO A 211 -19.97 22.29 52.98
C PRO A 211 -19.95 23.00 54.33
N SER A 212 -18.92 22.80 55.14
CA SER A 212 -18.77 23.53 56.39
C SER A 212 -17.61 24.52 56.34
N ASN A 213 -17.16 24.86 55.14
CA ASN A 213 -16.14 25.89 54.95
C ASN A 213 -14.90 25.60 55.78
N THR A 214 -14.54 24.31 55.95
CA THR A 214 -13.40 24.01 56.83
C THR A 214 -12.33 23.17 56.14
N LYS A 215 -11.08 23.49 56.43
CA LYS A 215 -9.91 22.89 55.82
C LYS A 215 -8.92 22.61 56.93
N VAL A 216 -8.34 21.42 56.94
CA VAL A 216 -7.39 21.03 57.97
C VAL A 216 -6.15 20.43 57.31
N ASP A 217 -4.98 20.90 57.71
CA ASP A 217 -3.70 20.35 57.26
C ASP A 217 -3.10 19.67 58.48
N LYS A 218 -3.02 18.34 58.45
CA LYS A 218 -2.63 17.54 59.60
C LYS A 218 -1.26 16.92 59.38
N ARG A 219 -0.36 17.15 60.33
CA ARG A 219 0.93 16.51 60.27
C ARG A 219 0.82 15.10 60.85
N VAL A 220 1.33 14.12 60.11
CA VAL A 220 1.35 12.73 60.54
C VAL A 220 2.71 12.53 61.20
N GLU A 221 2.72 12.36 62.51
CA GLU A 221 3.97 12.25 63.26
C GLU A 221 4.38 10.80 63.49
N ILE A 222 5.62 10.64 63.98
CA ILE A 222 6.23 9.37 64.30
C ILE A 222 5.48 8.79 65.49
N PHE B 2 -37.20 7.03 31.16
CA PHE B 2 -36.19 6.78 30.13
C PHE B 2 -36.86 6.60 28.77
N VAL B 3 -36.65 7.60 27.89
CA VAL B 3 -37.13 7.55 26.51
C VAL B 3 -36.14 6.84 25.60
N LEU B 4 -34.89 6.70 26.01
CA LEU B 4 -33.90 5.92 25.29
C LEU B 4 -33.58 4.70 26.15
N ALA B 5 -33.90 3.51 25.63
CA ALA B 5 -33.74 2.27 26.38
C ALA B 5 -32.41 1.65 26.01
N GLN B 6 -31.65 1.24 27.02
CA GLN B 6 -30.36 0.61 26.81
C GLN B 6 -30.28 -0.66 27.61
N PRO B 7 -29.54 -1.66 27.13
CA PRO B 7 -29.29 -2.86 27.95
C PRO B 7 -28.51 -2.48 29.19
N PRO B 8 -29.01 -2.83 30.39
CA PRO B 8 -28.29 -2.47 31.61
C PRO B 8 -26.88 -3.01 31.68
N SER B 9 -26.60 -4.16 31.07
CA SER B 9 -25.26 -4.72 31.14
C SER B 9 -24.93 -5.43 29.83
N VAL B 10 -23.69 -5.25 29.38
CA VAL B 10 -23.13 -5.92 28.20
C VAL B 10 -21.69 -6.26 28.53
N SER B 11 -21.26 -7.47 28.17
CA SER B 11 -19.90 -7.92 28.46
C SER B 11 -19.25 -8.51 27.22
N GLY B 12 -17.94 -8.39 27.16
CA GLY B 12 -17.16 -8.94 26.05
C GLY B 12 -15.84 -9.46 26.54
N ALA B 13 -15.22 -10.38 25.71
CA ALA B 13 -13.89 -10.89 26.02
C ALA B 13 -12.84 -9.96 25.43
N PRO B 14 -11.65 -9.87 26.02
CA PRO B 14 -10.67 -8.92 25.50
C PRO B 14 -10.32 -9.22 24.04
N GLY B 15 -10.04 -8.16 23.30
CA GLY B 15 -9.74 -8.24 21.88
C GLY B 15 -10.95 -8.41 20.98
N GLN B 16 -12.14 -8.63 21.53
CA GLN B 16 -13.35 -8.90 20.77
C GLN B 16 -14.02 -7.57 20.37
N ARG B 17 -15.16 -7.69 19.67
CA ARG B 17 -15.98 -6.58 19.22
C ARG B 17 -17.32 -6.64 19.94
N VAL B 18 -17.74 -5.52 20.53
CA VAL B 18 -19.01 -5.44 21.24
C VAL B 18 -19.78 -4.23 20.72
N THR B 19 -21.12 -4.34 20.76
CA THR B 19 -22.01 -3.26 20.33
C THR B 19 -23.01 -2.94 21.44
N LEU B 20 -23.03 -1.67 21.85
CA LEU B 20 -23.97 -1.13 22.83
C LEU B 20 -25.12 -0.48 22.08
N SER B 21 -26.34 -0.92 22.37
CA SER B 21 -27.53 -0.50 21.66
C SER B 21 -28.26 0.63 22.38
N CYS B 22 -29.03 1.38 21.62
CA CYS B 22 -29.81 2.49 22.16
C CYS B 22 -31.08 2.55 21.33
N THR B 23 -32.21 2.22 21.94
CA THR B 23 -33.48 2.10 21.24
C THR B 23 -34.34 3.32 21.56
N GLY B 24 -34.77 4.03 20.53
CA GLY B 24 -35.57 5.22 20.72
C GLY B 24 -36.86 5.16 19.92
N SER B 25 -37.38 6.33 19.61
CA SER B 25 -38.63 6.49 18.91
C SER B 25 -38.46 7.45 17.73
N ASN B 26 -39.56 7.70 17.01
CA ASN B 26 -39.54 8.69 15.94
C ASN B 26 -39.52 10.12 16.45
N SER B 27 -39.74 10.34 17.74
CA SER B 27 -39.62 11.69 18.27
C SER B 27 -38.21 11.99 18.80
N ASN B 28 -37.27 11.05 18.75
CA ASN B 28 -35.90 11.39 19.11
C ASN B 28 -34.88 10.84 18.12
N ILE B 29 -34.41 9.61 18.32
CA ILE B 29 -33.34 9.06 17.48
C ILE B 29 -33.76 9.05 16.00
N GLY B 30 -35.04 8.88 15.72
CA GLY B 30 -35.45 8.87 14.34
C GLY B 30 -35.16 10.18 13.61
N VAL B 31 -35.13 11.30 14.32
CA VAL B 31 -35.06 12.61 13.67
C VAL B 31 -33.86 13.45 14.10
N ASN B 32 -33.27 13.23 15.28
CA ASN B 32 -32.26 14.12 15.82
C ASN B 32 -30.96 13.36 16.06
N TYR B 33 -29.86 14.10 16.13
CA TYR B 33 -28.55 13.49 16.28
C TYR B 33 -28.41 12.76 17.61
N VAL B 34 -27.60 11.70 17.61
CA VAL B 34 -27.35 10.88 18.78
C VAL B 34 -25.91 11.11 19.22
N GLN B 35 -25.71 11.34 20.52
CA GLN B 35 -24.39 11.47 21.11
C GLN B 35 -24.12 10.30 22.06
N TRP B 36 -22.85 9.93 22.23
CA TRP B 36 -22.47 8.85 23.13
C TRP B 36 -21.41 9.36 24.10
N TYR B 37 -21.69 9.15 25.41
CA TYR B 37 -20.84 9.57 26.52
C TYR B 37 -20.33 8.37 27.31
N GLN B 38 -19.08 8.45 27.73
CA GLN B 38 -18.46 7.44 28.57
C GLN B 38 -18.16 8.04 29.94
N GLN B 39 -18.47 7.29 31.00
CA GLN B 39 -18.20 7.78 32.33
C GLN B 39 -17.43 6.70 33.08
N LEU B 40 -16.21 7.03 33.44
CA LEU B 40 -15.33 6.27 34.28
C LEU B 40 -15.59 6.63 35.73
N PRO B 41 -15.22 5.75 36.68
CA PRO B 41 -15.51 6.01 38.09
C PRO B 41 -14.91 7.33 38.57
N GLY B 42 -15.74 8.13 39.23
CA GLY B 42 -15.36 9.38 39.85
C GLY B 42 -15.27 10.57 38.92
N THR B 43 -15.57 10.43 37.63
CA THR B 43 -15.29 11.46 36.65
C THR B 43 -16.56 11.88 35.92
N ALA B 44 -16.49 13.08 35.34
CA ALA B 44 -17.58 13.58 34.52
C ALA B 44 -17.71 12.75 33.25
N PRO B 45 -18.90 12.73 32.65
CA PRO B 45 -19.06 12.09 31.35
C PRO B 45 -18.14 12.70 30.31
N LYS B 46 -17.68 11.85 29.38
CA LYS B 46 -16.80 12.28 28.32
C LYS B 46 -17.45 11.97 26.97
N LEU B 47 -17.45 12.94 26.08
CA LEU B 47 -18.04 12.76 24.76
C LEU B 47 -17.20 11.80 23.94
N LEU B 48 -17.78 10.67 23.55
CA LEU B 48 -17.11 9.76 22.64
C LEU B 48 -17.59 9.92 21.21
N ILE B 49 -18.90 10.07 20.99
CA ILE B 49 -19.45 10.24 19.65
C ILE B 49 -20.43 11.40 19.66
N TYR B 50 -20.46 12.17 18.57
CA TYR B 50 -21.49 13.19 18.39
C TYR B 50 -22.01 13.16 16.96
N GLU B 51 -23.25 13.64 16.80
CA GLU B 51 -23.90 13.69 15.50
C GLU B 51 -23.89 12.31 14.85
N ASN B 52 -24.44 11.34 15.59
CA ASN B 52 -24.64 9.96 15.13
C ASN B 52 -23.33 9.18 14.98
N ASN B 53 -22.31 9.77 14.36
CA ASN B 53 -21.11 8.99 14.03
C ASN B 53 -19.80 9.77 14.00
N LYS B 54 -19.72 10.99 14.51
CA LYS B 54 -18.44 11.71 14.50
C LYS B 54 -17.69 11.46 15.80
N ARG B 55 -16.38 11.43 15.70
CA ARG B 55 -15.52 11.11 16.83
C ARG B 55 -14.56 12.26 17.06
N PRO B 56 -14.53 12.85 18.26
CA PRO B 56 -13.59 13.95 18.52
C PRO B 56 -12.16 13.47 18.53
N SER B 57 -11.24 14.42 18.32
CA SER B 57 -9.82 14.11 18.40
C SER B 57 -9.47 13.66 19.81
N GLY B 58 -8.72 12.57 19.91
CA GLY B 58 -8.35 12.02 21.20
C GLY B 58 -9.22 10.88 21.69
N VAL B 59 -10.25 10.50 20.94
CA VAL B 59 -10.99 9.28 21.22
C VAL B 59 -10.47 8.19 20.29
N SER B 60 -10.09 7.06 20.88
CA SER B 60 -9.51 5.99 20.09
C SER B 60 -10.48 5.55 18.99
N ASP B 61 -9.92 5.22 17.82
CA ASP B 61 -10.69 4.81 16.66
C ASP B 61 -11.30 3.44 16.81
N ARG B 62 -11.07 2.75 17.93
CA ARG B 62 -11.82 1.53 18.19
C ARG B 62 -13.28 1.82 18.49
N PHE B 63 -13.61 3.09 18.78
CA PHE B 63 -14.97 3.51 19.04
C PHE B 63 -15.59 4.10 17.76
N SER B 64 -16.82 3.68 17.47
CA SER B 64 -17.49 4.20 16.29
C SER B 64 -18.99 4.14 16.52
N GLY B 65 -19.71 5.12 15.98
CA GLY B 65 -21.14 5.24 16.20
C GLY B 65 -21.92 5.07 14.91
N SER B 66 -23.17 4.62 15.03
CA SER B 66 -24.03 4.45 13.88
C SER B 66 -25.48 4.62 14.29
N GLN B 67 -26.33 4.97 13.32
CA GLN B 67 -27.74 5.20 13.57
C GLN B 67 -28.55 4.74 12.37
N SER B 68 -29.75 4.24 12.65
CA SER B 68 -30.68 3.84 11.59
C SER B 68 -32.08 3.76 12.18
N GLY B 69 -33.05 4.34 11.48
CA GLY B 69 -34.41 4.30 11.99
C GLY B 69 -34.45 4.90 13.39
N THR B 70 -35.05 4.16 14.32
CA THR B 70 -35.18 4.62 15.69
C THR B 70 -34.15 3.99 16.63
N SER B 71 -33.04 3.51 16.09
CA SER B 71 -32.03 2.83 16.89
C SER B 71 -30.65 3.36 16.56
N ALA B 72 -29.78 3.37 17.59
CA ALA B 72 -28.41 3.84 17.45
C ALA B 72 -27.50 2.86 18.16
N SER B 73 -26.21 2.88 17.79
CA SER B 73 -25.27 1.89 18.30
C SER B 73 -23.89 2.49 18.46
N LEU B 74 -23.25 2.12 19.58
CA LEU B 74 -21.83 2.32 19.84
C LEU B 74 -21.11 1.01 19.64
N THR B 75 -20.00 1.04 18.92
CA THR B 75 -19.27 -0.15 18.55
C THR B 75 -17.85 -0.03 19.05
N ILE B 76 -17.39 -1.05 19.76
CA ILE B 76 -16.03 -1.10 20.29
C ILE B 76 -15.33 -2.32 19.72
N THR B 77 -14.23 -2.09 19.01
CA THR B 77 -13.39 -3.13 18.46
C THR B 77 -12.10 -3.27 19.28
N GLY B 78 -11.55 -4.47 19.30
CA GLY B 78 -10.33 -4.75 20.04
C GLY B 78 -10.50 -4.42 21.51
N LEU B 79 -11.52 -5.03 22.12
CA LEU B 79 -11.96 -4.63 23.45
C LEU B 79 -10.83 -4.75 24.48
N GLN B 80 -10.72 -3.72 25.32
CA GLN B 80 -9.69 -3.66 26.35
C GLN B 80 -10.33 -3.48 27.73
N SER B 81 -9.56 -3.85 28.76
CA SER B 81 -10.06 -3.70 30.11
C SER B 81 -10.27 -2.23 30.47
N GLU B 82 -9.47 -1.34 29.90
CA GLU B 82 -9.65 0.07 30.20
C GLU B 82 -10.85 0.67 29.49
N ASP B 83 -11.67 -0.15 28.85
CA ASP B 83 -12.94 0.30 28.31
C ASP B 83 -14.09 0.03 29.26
N GLU B 84 -13.85 -0.63 30.38
CA GLU B 84 -14.90 -0.83 31.37
C GLU B 84 -15.31 0.54 31.91
N ALA B 85 -16.59 0.87 31.75
CA ALA B 85 -17.13 2.16 32.15
C ALA B 85 -18.65 2.07 32.01
N ASP B 86 -19.33 3.17 32.31
CA ASP B 86 -20.72 3.29 31.91
C ASP B 86 -20.81 4.09 30.62
N TYR B 87 -21.77 3.72 29.77
CA TYR B 87 -21.94 4.36 28.48
C TYR B 87 -23.39 4.81 28.38
N TYR B 88 -23.59 6.09 28.06
CA TYR B 88 -24.91 6.68 27.90
C TYR B 88 -25.07 7.21 26.48
N CYS B 89 -26.22 6.93 25.86
CA CYS B 89 -26.59 7.65 24.66
C CYS B 89 -27.43 8.88 25.04
N GLN B 90 -27.45 9.86 24.14
CA GLN B 90 -28.10 11.14 24.41
C GLN B 90 -28.70 11.69 23.11
N CYS B 91 -29.93 12.20 23.20
CA CYS B 91 -30.59 12.74 22.01
C CYS B 91 -31.58 13.80 22.45
N TYR B 92 -32.19 14.49 21.49
CA TYR B 92 -33.23 15.47 21.80
C TYR B 92 -34.60 14.88 21.45
N ASP B 93 -35.57 15.05 22.33
CA ASP B 93 -36.91 14.50 22.15
C ASP B 93 -37.87 15.66 21.88
N ILE B 94 -38.48 15.61 20.68
CA ILE B 94 -39.35 16.69 20.20
C ILE B 94 -40.62 16.75 21.03
N SER B 95 -41.19 15.60 21.39
CA SER B 95 -42.46 15.58 22.11
C SER B 95 -42.32 16.03 23.56
N LEU B 96 -41.17 15.79 24.18
CA LEU B 96 -40.90 16.30 25.51
C LEU B 96 -40.25 17.66 25.45
N GLY B 97 -39.70 18.03 24.30
CA GLY B 97 -38.95 19.26 24.19
C GLY B 97 -37.74 19.28 25.09
N ALA B 98 -36.94 18.22 25.09
CA ALA B 98 -35.82 18.21 26.02
C ALA B 98 -34.68 17.38 25.47
N HIS B 99 -33.44 17.75 25.82
CA HIS B 99 -32.32 16.84 25.64
C HIS B 99 -32.37 15.78 26.72
N VAL B 100 -32.28 14.50 26.34
CA VAL B 100 -32.45 13.39 27.25
C VAL B 100 -31.30 12.39 27.10
N PHE B 101 -31.04 11.67 28.19
CA PHE B 101 -30.01 10.66 28.28
C PHE B 101 -30.63 9.26 28.34
N GLY B 102 -29.91 8.29 27.80
CA GLY B 102 -30.34 6.91 27.91
C GLY B 102 -30.17 6.38 29.33
N SER B 103 -30.74 5.20 29.58
CA SER B 103 -30.71 4.60 30.91
C SER B 103 -29.33 4.07 31.29
N GLY B 104 -28.44 3.94 30.33
CA GLY B 104 -27.07 3.55 30.66
C GLY B 104 -26.80 2.08 30.48
N THR B 105 -25.62 1.77 29.94
CA THR B 105 -25.15 0.41 29.77
C THR B 105 -23.83 0.28 30.51
N GLU B 106 -23.75 -0.71 31.40
CA GLU B 106 -22.51 -1.00 32.11
C GLU B 106 -21.74 -2.08 31.34
N LEU B 107 -20.51 -1.76 30.95
CA LEU B 107 -19.68 -2.65 30.15
C LEU B 107 -18.62 -3.29 31.04
N THR B 108 -18.59 -4.62 31.05
CA THR B 108 -17.57 -5.37 31.77
C THR B 108 -16.73 -6.16 30.76
N VAL B 109 -15.40 -6.11 30.92
CA VAL B 109 -14.47 -6.90 30.11
C VAL B 109 -14.17 -8.21 30.84
N LEU B 110 -14.53 -9.33 30.20
CA LEU B 110 -14.48 -10.65 30.84
C LEU B 110 -13.04 -11.16 30.96
N GLY B 111 -12.89 -12.24 31.73
CA GLY B 111 -11.62 -12.92 31.84
C GLY B 111 -10.52 -12.13 32.52
N GLN B 112 -10.88 -11.21 33.44
CA GLN B 112 -9.85 -10.52 34.19
C GLN B 112 -9.35 -11.44 35.31
N PRO B 113 -8.06 -11.42 35.63
CA PRO B 113 -7.54 -12.36 36.62
C PRO B 113 -7.97 -12.01 38.05
N LYS B 114 -8.09 -13.05 38.84
CA LYS B 114 -8.41 -12.93 40.25
C LYS B 114 -7.26 -12.21 40.96
N ALA B 115 -7.58 -11.31 41.90
CA ALA B 115 -6.54 -10.62 42.69
C ALA B 115 -6.94 -10.53 44.15
N ALA B 116 -6.02 -10.92 45.05
CA ALA B 116 -6.35 -10.92 46.46
C ALA B 116 -6.32 -9.51 47.04
N PRO B 117 -7.12 -9.23 48.09
CA PRO B 117 -7.15 -7.85 48.62
C PRO B 117 -5.88 -7.56 49.36
N SER B 118 -5.34 -6.36 49.17
CA SER B 118 -4.26 -5.79 49.99
C SER B 118 -4.88 -5.05 51.18
N VAL B 119 -4.35 -5.31 52.39
CA VAL B 119 -5.02 -4.91 53.63
C VAL B 119 -4.11 -4.13 54.56
N THR B 120 -4.58 -3.00 55.04
CA THR B 120 -3.87 -2.19 56.02
C THR B 120 -4.81 -1.92 57.18
N LEU B 121 -4.29 -2.08 58.39
CA LEU B 121 -5.05 -1.87 59.61
C LEU B 121 -4.36 -0.81 60.44
N PHE B 122 -5.08 0.25 60.77
CA PHE B 122 -4.49 1.24 61.64
C PHE B 122 -5.11 1.19 63.04
N PRO B 123 -4.27 1.33 64.04
CA PRO B 123 -4.72 1.53 65.43
C PRO B 123 -5.27 2.94 65.61
N PRO B 124 -5.86 3.25 66.76
CA PRO B 124 -6.34 4.62 66.98
C PRO B 124 -5.19 5.59 67.16
N SER B 125 -5.43 6.84 66.77
CA SER B 125 -4.46 7.88 67.01
C SER B 125 -4.40 8.21 68.48
N SER B 126 -3.24 8.73 68.91
CA SER B 126 -3.13 9.19 70.29
C SER B 126 -4.13 10.30 70.58
N GLU B 127 -4.33 11.20 69.62
CA GLU B 127 -5.20 12.33 69.93
C GLU B 127 -6.67 11.96 69.88
N GLU B 128 -7.06 10.94 69.11
CA GLU B 128 -8.43 10.46 69.29
C GLU B 128 -8.57 9.79 70.66
N LEU B 129 -7.53 9.09 71.14
CA LEU B 129 -7.57 8.48 72.47
C LEU B 129 -7.66 9.54 73.56
N GLN B 130 -7.07 10.71 73.34
CA GLN B 130 -7.17 11.78 74.32
C GLN B 130 -8.61 12.28 74.44
N ALA B 131 -9.40 12.14 73.39
CA ALA B 131 -10.82 12.42 73.48
C ALA B 131 -11.61 11.21 73.98
N ASN B 132 -10.91 10.23 74.54
CA ASN B 132 -11.52 9.03 75.12
C ASN B 132 -12.18 8.12 74.08
N LYS B 133 -11.81 8.23 72.80
CA LYS B 133 -12.32 7.35 71.75
C LYS B 133 -11.19 6.60 71.04
N ALA B 134 -11.58 5.62 70.23
CA ALA B 134 -10.62 4.80 69.50
C ALA B 134 -11.29 4.22 68.27
N THR B 135 -10.86 4.63 67.07
CA THR B 135 -11.36 4.10 65.81
C THR B 135 -10.25 3.27 65.17
N LEU B 136 -10.51 1.98 64.97
CA LEU B 136 -9.60 1.17 64.17
C LEU B 136 -10.07 1.22 62.73
N VAL B 137 -9.12 1.41 61.82
CA VAL B 137 -9.46 1.61 60.41
C VAL B 137 -8.85 0.49 59.59
N CYS B 138 -9.66 -0.20 58.83
CA CYS B 138 -9.19 -1.31 58.01
C CYS B 138 -9.41 -0.95 56.54
N LEU B 139 -8.31 -0.72 55.82
CA LEU B 139 -8.34 -0.32 54.41
C LEU B 139 -8.03 -1.51 53.51
N ILE B 140 -8.84 -1.69 52.47
CA ILE B 140 -8.81 -2.89 51.66
C ILE B 140 -8.83 -2.49 50.20
N SER B 141 -7.82 -2.88 49.44
CA SER B 141 -7.74 -2.40 48.08
C SER B 141 -7.21 -3.45 47.12
N ASP B 142 -7.53 -3.25 45.83
CA ASP B 142 -6.92 -3.98 44.71
C ASP B 142 -7.37 -5.44 44.64
N PHE B 143 -8.62 -5.73 44.98
CA PHE B 143 -9.15 -7.08 44.85
C PHE B 143 -10.09 -7.16 43.64
N TYR B 144 -10.24 -8.38 43.14
CA TYR B 144 -11.08 -8.70 42.00
C TYR B 144 -11.43 -10.18 42.07
N PRO B 145 -12.71 -10.55 41.92
CA PRO B 145 -13.86 -9.69 41.64
C PRO B 145 -14.36 -8.92 42.88
N GLY B 146 -15.39 -8.11 42.69
CA GLY B 146 -15.78 -7.08 43.62
C GLY B 146 -16.46 -7.48 44.91
N ALA B 147 -16.33 -8.73 45.36
CA ALA B 147 -16.99 -9.16 46.58
C ALA B 147 -15.99 -9.48 47.67
N VAL B 148 -16.27 -9.02 48.88
CA VAL B 148 -15.37 -9.25 50.00
C VAL B 148 -16.23 -9.26 51.25
N GLU B 149 -15.78 -9.98 52.26
CA GLU B 149 -16.48 -9.99 53.54
C GLU B 149 -15.50 -9.63 54.64
N VAL B 150 -15.93 -8.76 55.55
CA VAL B 150 -15.06 -8.24 56.61
C VAL B 150 -15.63 -8.65 57.95
N ALA B 151 -14.80 -9.23 58.79
CA ALA B 151 -15.17 -9.60 60.13
C ALA B 151 -14.07 -9.13 61.04
N TRP B 152 -14.43 -8.66 62.24
CA TRP B 152 -13.46 -8.21 63.22
C TRP B 152 -13.38 -9.20 64.38
N LYS B 153 -12.20 -9.29 64.99
CA LYS B 153 -12.06 -10.08 66.19
C LYS B 153 -11.30 -9.26 67.23
N ALA B 154 -11.59 -9.53 68.49
CA ALA B 154 -10.88 -8.94 69.62
C ALA B 154 -10.30 -10.08 70.44
N ASP B 155 -8.98 -10.18 70.48
CA ASP B 155 -8.33 -11.41 70.89
C ASP B 155 -8.88 -12.55 70.05
N GLY B 156 -9.43 -13.59 70.66
CA GLY B 156 -9.98 -14.63 69.83
C GLY B 156 -11.32 -14.32 69.20
N SER B 157 -12.19 -13.67 69.94
CA SER B 157 -13.62 -13.71 69.73
C SER B 157 -14.11 -12.65 68.74
N ALA B 158 -15.23 -12.96 68.10
CA ALA B 158 -15.90 -12.05 67.19
C ALA B 158 -16.35 -10.78 67.88
N VAL B 159 -16.32 -9.67 67.15
CA VAL B 159 -16.94 -8.45 67.59
C VAL B 159 -18.15 -8.26 66.70
N ASN B 160 -19.30 -8.10 67.33
CA ASN B 160 -20.57 -8.08 66.63
C ASN B 160 -21.26 -6.73 66.68
N ALA B 161 -20.62 -5.72 67.27
CA ALA B 161 -21.15 -4.37 67.39
C ALA B 161 -20.07 -3.35 67.08
N GLY B 162 -20.51 -2.15 66.68
CA GLY B 162 -19.58 -1.05 66.47
C GLY B 162 -18.82 -1.04 65.16
N VAL B 163 -19.27 -1.80 64.18
CA VAL B 163 -18.58 -1.96 62.91
C VAL B 163 -19.39 -1.31 61.80
N GLU B 164 -18.73 -0.49 60.99
CA GLU B 164 -19.31 0.06 59.76
C GLU B 164 -18.35 -0.21 58.61
N THR B 165 -18.89 -0.79 57.54
CA THR B 165 -18.14 -1.31 56.41
C THR B 165 -18.78 -0.86 55.12
N THR B 166 -17.97 -0.32 54.20
CA THR B 166 -18.48 0.17 52.93
C THR B 166 -18.76 -0.99 51.98
N LYS B 167 -19.63 -0.73 51.01
CA LYS B 167 -19.71 -1.59 49.85
C LYS B 167 -18.42 -1.44 49.05
N PRO B 168 -18.01 -2.48 48.32
CA PRO B 168 -16.87 -2.33 47.42
C PRO B 168 -17.21 -1.34 46.32
N SER B 169 -16.21 -0.56 45.92
CA SER B 169 -16.37 0.37 44.82
C SER B 169 -15.17 0.28 43.88
N LYS B 170 -15.45 0.48 42.60
CA LYS B 170 -14.45 0.21 41.58
C LYS B 170 -13.36 1.28 41.60
N GLN B 171 -12.12 0.84 41.46
CA GLN B 171 -10.98 1.73 41.30
C GLN B 171 -10.77 2.09 39.83
N SER B 172 -9.83 2.99 39.59
CA SER B 172 -9.50 3.36 38.21
C SER B 172 -8.91 2.18 37.44
N ASN B 173 -8.20 1.27 38.12
CA ASN B 173 -7.60 0.12 37.45
C ASN B 173 -8.53 -1.08 37.38
N ASN B 174 -9.84 -0.87 37.56
CA ASN B 174 -10.89 -1.89 37.52
C ASN B 174 -10.85 -2.89 38.66
N LYS B 175 -9.90 -2.80 39.59
CA LYS B 175 -10.05 -3.58 40.81
C LYS B 175 -10.89 -2.80 41.81
N TYR B 176 -11.11 -3.36 42.98
CA TYR B 176 -12.09 -2.82 43.90
C TYR B 176 -11.45 -2.43 45.23
N ALA B 177 -12.10 -1.48 45.90
CA ALA B 177 -11.70 -0.99 47.21
C ALA B 177 -12.87 -1.02 48.17
N ALA B 178 -12.56 -1.24 49.44
CA ALA B 178 -13.52 -1.16 50.53
C ALA B 178 -12.79 -0.73 51.80
N SER B 179 -13.55 -0.34 52.81
CA SER B 179 -12.94 -0.03 54.10
C SER B 179 -13.93 -0.35 55.20
N SER B 180 -13.39 -0.61 56.39
CA SER B 180 -14.21 -0.98 57.53
C SER B 180 -13.67 -0.30 58.79
N TYR B 181 -14.59 0.12 59.65
CA TYR B 181 -14.30 0.94 60.82
C TYR B 181 -14.87 0.27 62.05
N LEU B 182 -14.04 0.05 63.04
CA LEU B 182 -14.49 -0.42 64.35
C LEU B 182 -14.35 0.74 65.34
N SER B 183 -15.50 1.23 65.86
CA SER B 183 -15.49 2.39 66.77
C SER B 183 -15.66 1.91 68.21
N LEU B 184 -14.64 2.13 69.03
CA LEU B 184 -14.53 1.80 70.44
C LEU B 184 -14.33 3.06 71.28
N THR B 185 -14.45 2.89 72.60
CA THR B 185 -13.98 3.90 73.54
C THR B 185 -12.53 3.61 73.90
N SER B 186 -11.88 4.56 74.57
CA SER B 186 -10.51 4.33 75.05
C SER B 186 -10.41 3.09 75.92
N ASP B 187 -11.36 2.91 76.83
CA ASP B 187 -11.26 1.82 77.78
C ASP B 187 -11.41 0.47 77.10
N GLN B 188 -12.30 0.39 76.10
CA GLN B 188 -12.41 -0.85 75.34
C GLN B 188 -11.11 -1.17 74.64
N TRP B 189 -10.53 -0.18 73.95
CA TRP B 189 -9.27 -0.41 73.25
C TRP B 189 -8.20 -0.88 74.22
N LYS B 190 -8.10 -0.21 75.38
CA LYS B 190 -7.07 -0.59 76.33
C LYS B 190 -7.36 -1.95 76.95
N SER B 191 -8.62 -2.40 76.90
CA SER B 191 -9.04 -3.59 77.60
C SER B 191 -8.52 -4.88 76.97
N HIS B 192 -8.54 -4.98 75.64
CA HIS B 192 -8.12 -6.20 74.99
C HIS B 192 -6.65 -6.14 74.61
N LYS B 193 -6.10 -7.30 74.31
CA LYS B 193 -4.69 -7.47 73.99
C LYS B 193 -4.39 -7.24 72.50
N SER B 194 -5.35 -7.53 71.62
CA SER B 194 -5.12 -7.31 70.20
C SER B 194 -6.47 -7.27 69.48
N TYR B 195 -6.49 -6.58 68.35
CA TYR B 195 -7.67 -6.53 67.48
C TYR B 195 -7.26 -6.95 66.08
N SER B 196 -8.20 -7.57 65.35
CA SER B 196 -7.90 -8.11 64.05
C SER B 196 -9.00 -7.76 63.06
N CYS B 197 -8.58 -7.38 61.86
CA CYS B 197 -9.47 -7.22 60.71
C CYS B 197 -9.23 -8.40 59.78
N GLN B 198 -10.30 -9.17 59.50
CA GLN B 198 -10.23 -10.36 58.64
C GLN B 198 -11.02 -10.13 57.36
N VAL B 199 -10.35 -10.24 56.22
CA VAL B 199 -10.98 -9.99 54.95
C VAL B 199 -11.02 -11.29 54.14
N THR B 200 -12.21 -11.76 53.84
CA THR B 200 -12.42 -12.97 53.06
C THR B 200 -12.77 -12.61 51.64
N HIS B 201 -12.10 -13.27 50.71
CA HIS B 201 -12.22 -12.97 49.30
C HIS B 201 -12.00 -14.26 48.53
N GLU B 202 -12.97 -14.60 47.68
CA GLU B 202 -12.94 -15.84 46.87
C GLU B 202 -12.42 -17.02 47.67
N GLY B 203 -12.99 -17.18 48.87
CA GLY B 203 -12.76 -18.35 49.67
C GLY B 203 -11.49 -18.37 50.49
N SER B 204 -10.60 -17.38 50.37
CA SER B 204 -9.43 -17.28 51.24
C SER B 204 -9.51 -15.98 52.02
N THR B 205 -8.78 -15.88 53.14
CA THR B 205 -8.82 -14.69 53.98
C THR B 205 -7.43 -14.12 54.18
N VAL B 206 -7.32 -12.79 54.17
CA VAL B 206 -6.15 -12.07 54.66
C VAL B 206 -6.53 -11.36 55.94
N GLU B 207 -5.74 -11.56 57.00
CA GLU B 207 -6.02 -10.96 58.30
C GLU B 207 -4.84 -10.11 58.76
N LYS B 208 -5.17 -8.94 59.34
CA LYS B 208 -4.22 -8.02 59.93
C LYS B 208 -4.54 -7.79 61.40
N THR B 209 -3.50 -7.56 62.21
CA THR B 209 -3.66 -7.44 63.66
C THR B 209 -2.96 -6.18 64.17
N VAL B 210 -3.51 -5.59 65.22
CA VAL B 210 -2.92 -4.42 65.85
C VAL B 210 -3.10 -4.53 67.36
N ALA B 211 -2.16 -3.96 68.12
CA ALA B 211 -2.20 -4.10 69.60
C ALA B 211 -1.90 -2.78 70.31
N PRO B 212 -2.57 -2.53 71.47
CA PRO B 212 -2.39 -1.36 72.35
C PRO B 212 -1.03 -1.27 73.01
N ALA C 1 -24.95 19.23 16.97
CA ALA C 1 -24.13 19.90 17.97
C ALA C 1 -23.01 18.99 18.41
N VAL C 2 -21.86 19.56 18.77
CA VAL C 2 -20.78 18.75 19.36
C VAL C 2 -21.08 18.64 20.84
N GLY C 3 -21.99 17.72 21.19
CA GLY C 3 -22.48 17.69 22.54
C GLY C 3 -23.94 18.10 22.58
N ILE C 4 -24.33 18.84 23.61
CA ILE C 4 -25.71 19.30 23.77
C ILE C 4 -25.73 20.76 23.39
N GLY C 5 -26.44 21.07 22.30
CA GLY C 5 -26.50 22.40 21.75
C GLY C 5 -27.75 22.68 20.94
N ALA C 6 -27.59 23.31 19.78
CA ALA C 6 -28.75 23.62 18.95
C ALA C 6 -29.48 22.35 18.57
N VAL C 7 -30.80 22.39 18.59
CA VAL C 7 -31.57 21.16 18.41
C VAL C 7 -31.28 20.55 17.04
N PHE C 8 -31.41 21.36 15.98
CA PHE C 8 -30.81 21.02 14.71
C PHE C 8 -30.11 22.24 14.15
N VAL D 2 30.59 9.26 3.34
CA VAL D 2 31.09 7.93 3.61
C VAL D 2 30.51 7.35 4.93
N GLN D 3 30.39 8.12 6.04
CA GLN D 3 30.13 7.50 7.34
C GLN D 3 28.99 8.11 8.16
N LEU D 4 28.23 7.23 8.81
CA LEU D 4 27.02 7.58 9.54
C LEU D 4 27.08 7.10 10.99
N GLN D 5 26.68 7.95 11.94
CA GLN D 5 26.78 7.60 13.37
C GLN D 5 25.50 8.00 14.10
N GLU D 6 24.75 7.02 14.61
CA GLU D 6 23.56 7.31 15.40
C GLU D 6 23.94 7.87 16.77
N SER D 7 23.00 8.60 17.40
CA SER D 7 23.19 9.10 18.76
C SER D 7 23.14 7.94 19.75
N GLY D 8 23.27 8.27 21.04
CA GLY D 8 23.49 7.28 22.06
C GLY D 8 22.26 6.46 22.45
N PRO D 9 22.51 5.22 22.91
CA PRO D 9 21.41 4.30 23.25
C PRO D 9 20.74 4.73 24.52
N GLY D 10 19.52 4.21 24.72
CA GLY D 10 18.87 4.66 25.93
C GLY D 10 17.52 4.06 26.18
N LEU D 11 16.98 4.50 27.31
CA LEU D 11 15.72 4.04 27.84
C LEU D 11 14.68 5.11 27.53
N VAL D 12 13.49 4.68 27.14
CA VAL D 12 12.36 5.57 26.97
C VAL D 12 11.20 4.99 27.76
N LYS D 13 10.47 5.83 28.45
CA LYS D 13 9.31 5.37 29.18
C LYS D 13 8.13 5.22 28.23
N PRO D 14 7.23 4.26 28.47
CA PRO D 14 6.06 4.11 27.58
C PRO D 14 5.25 5.40 27.48
N SER D 15 4.75 5.67 26.28
CA SER D 15 3.93 6.81 25.89
C SER D 15 4.75 8.06 25.63
N GLU D 16 6.05 8.05 25.91
CA GLU D 16 6.90 9.20 25.61
C GLU D 16 7.34 9.17 24.15
N THR D 17 8.27 10.05 23.79
CA THR D 17 8.71 10.22 22.42
C THR D 17 10.17 9.78 22.30
N LEU D 18 10.40 8.75 21.48
CA LEU D 18 11.73 8.34 21.09
C LEU D 18 12.33 9.34 20.12
N SER D 19 13.58 9.77 20.36
CA SER D 19 14.20 10.80 19.52
C SER D 19 15.65 10.41 19.25
N LEU D 20 16.01 10.24 17.98
CA LEU D 20 17.35 9.87 17.58
C LEU D 20 17.88 10.85 16.57
N THR D 21 19.20 10.97 16.51
CA THR D 21 19.83 11.71 15.42
C THR D 21 20.98 10.88 14.86
N CYS D 22 21.23 11.10 13.58
CA CYS D 22 22.28 10.45 12.82
C CYS D 22 23.18 11.55 12.26
N ALA D 23 24.44 11.55 12.67
CA ALA D 23 25.43 12.51 12.21
C ALA D 23 26.25 11.93 11.06
N VAL D 24 26.32 12.67 9.96
CA VAL D 24 26.97 12.23 8.72
C VAL D 24 28.30 12.94 8.56
N THR D 25 29.33 12.19 8.18
CA THR D 25 30.64 12.76 7.85
C THR D 25 31.14 12.14 6.56
N GLY D 26 31.97 12.87 5.83
CA GLY D 26 32.44 12.35 4.57
C GLY D 26 31.48 12.51 3.43
N GLY D 27 30.46 13.35 3.59
CA GLY D 27 29.48 13.59 2.57
C GLY D 27 28.43 14.51 3.15
N SER D 28 27.68 15.13 2.26
CA SER D 28 26.73 16.16 2.64
C SER D 28 25.34 15.56 2.83
N ILE D 29 24.65 15.98 3.88
CA ILE D 29 23.27 15.56 4.06
C ILE D 29 22.36 16.11 2.96
N SER D 30 22.83 17.10 2.20
CA SER D 30 22.02 17.73 1.17
C SER D 30 22.10 17.03 -0.18
N ASP D 31 22.92 15.98 -0.29
CA ASP D 31 23.08 15.26 -1.55
C ASP D 31 21.79 14.57 -1.93
N ALA D 32 21.69 14.17 -3.21
CA ALA D 32 20.47 13.55 -3.73
C ALA D 32 20.46 12.09 -3.32
N TYR D 33 20.27 11.87 -2.03
CA TYR D 33 20.25 10.53 -1.49
C TYR D 33 19.10 10.34 -0.52
N TYR D 34 18.79 9.08 -0.26
CA TYR D 34 17.71 8.69 0.62
C TYR D 34 18.28 8.26 1.97
N TRP D 35 17.84 8.95 3.02
CA TRP D 35 18.29 8.73 4.39
C TRP D 35 17.15 8.01 5.09
N SER D 36 17.35 6.73 5.41
CA SER D 36 16.33 5.85 5.96
C SER D 36 16.60 5.62 7.43
N TRP D 37 15.53 5.37 8.19
CA TRP D 37 15.64 4.75 9.50
C TRP D 37 15.04 3.37 9.41
N ILE D 38 15.78 2.38 9.89
CA ILE D 38 15.38 0.99 9.83
C ILE D 38 15.60 0.38 11.21
N ARG D 39 14.64 -0.38 11.71
CA ARG D 39 14.82 -0.97 13.02
C ARG D 39 14.76 -2.49 12.90
N GLN D 40 15.44 -3.15 13.84
CA GLN D 40 15.49 -4.60 13.97
C GLN D 40 15.06 -4.95 15.39
N PHE D 41 13.97 -5.68 15.51
CA PHE D 41 13.40 -6.07 16.77
C PHE D 41 14.17 -7.25 17.35
N PRO D 42 14.08 -7.49 18.65
CA PRO D 42 14.53 -8.80 19.19
C PRO D 42 13.78 -9.92 18.47
N GLY D 43 14.50 -10.94 18.07
CA GLY D 43 13.95 -11.92 17.15
C GLY D 43 14.36 -11.70 15.72
N LYS D 44 15.04 -10.59 15.46
CA LYS D 44 15.75 -10.25 14.23
C LYS D 44 14.87 -9.70 13.11
N ARG D 45 13.55 -9.50 13.29
CA ARG D 45 12.75 -8.93 12.20
C ARG D 45 13.18 -7.51 11.88
N LEU D 46 13.38 -7.24 10.58
CA LEU D 46 13.80 -5.94 10.09
C LEU D 46 12.59 -5.20 9.51
N GLU D 47 12.49 -3.91 9.82
CA GLU D 47 11.37 -3.08 9.37
C GLU D 47 11.88 -1.71 8.94
N TRP D 48 11.44 -1.29 7.76
CA TRP D 48 11.76 0.03 7.25
C TRP D 48 10.78 1.03 7.84
N ILE D 49 11.31 2.07 8.48
CA ILE D 49 10.46 3.08 9.12
C ILE D 49 10.08 4.20 8.14
N GLY D 50 11.05 4.70 7.39
CA GLY D 50 10.78 5.77 6.46
C GLY D 50 12.10 6.36 6.00
N TYR D 51 12.00 7.29 5.05
CA TYR D 51 13.22 8.01 4.71
C TYR D 51 12.89 9.44 4.32
N ILE D 52 13.95 10.24 4.25
CA ILE D 52 13.92 11.63 3.81
C ILE D 52 14.96 11.81 2.72
N TYR D 53 14.60 12.55 1.67
CA TYR D 53 15.47 12.78 0.53
C TYR D 53 16.34 14.00 0.81
N GLY D 54 17.65 13.84 0.61
CA GLY D 54 18.57 14.89 1.02
C GLY D 54 18.38 16.20 0.28
N SER D 55 18.10 16.15 -1.03
CA SER D 55 18.02 17.35 -1.84
C SER D 55 16.78 18.17 -1.58
N THR D 56 15.66 17.55 -1.18
CA THR D 56 14.40 18.27 -1.06
C THR D 56 13.79 18.34 0.33
N GLY D 57 14.14 17.45 1.24
CA GLY D 57 13.40 17.35 2.48
C GLY D 57 12.11 16.57 2.35
N GLY D 58 11.85 15.96 1.20
CA GLY D 58 10.69 15.10 1.07
C GLY D 58 10.85 13.80 1.84
N THR D 59 9.72 13.32 2.37
CA THR D 59 9.69 12.13 3.21
C THR D 59 8.67 11.13 2.69
N ARG D 60 8.92 9.85 3.00
CA ARG D 60 7.92 8.79 2.90
C ARG D 60 8.01 7.98 4.19
N TYR D 61 6.86 7.58 4.74
CA TYR D 61 6.82 6.83 5.99
C TYR D 61 6.07 5.52 5.77
N ASN D 62 6.47 4.50 6.52
CA ASN D 62 5.74 3.24 6.49
C ASN D 62 4.31 3.51 6.95
N PRO D 63 3.31 3.28 6.11
CA PRO D 63 1.98 3.86 6.35
C PRO D 63 1.42 3.57 7.74
N PRO D 64 1.58 2.36 8.30
CA PRO D 64 1.08 2.15 9.68
C PRO D 64 1.71 3.07 10.70
N LEU D 65 2.88 3.64 10.42
CA LEU D 65 3.54 4.51 11.38
C LEU D 65 3.33 5.99 11.14
N LYS D 66 2.67 6.42 10.06
CA LYS D 66 2.75 7.85 9.75
C LYS D 66 2.08 8.76 10.79
N ASN D 67 1.08 8.31 11.57
CA ASN D 67 0.62 9.30 12.54
C ASN D 67 1.53 9.37 13.78
N ARG D 68 2.54 8.49 13.88
CA ARG D 68 3.48 8.45 15.00
C ARG D 68 4.87 8.99 14.66
N VAL D 69 5.25 9.03 13.39
CA VAL D 69 6.66 9.18 13.06
C VAL D 69 6.90 10.51 12.35
N SER D 70 8.09 11.06 12.54
CA SER D 70 8.52 12.19 11.74
C SER D 70 10.04 12.09 11.55
N ILE D 71 10.49 12.30 10.33
CA ILE D 71 11.91 12.30 10.00
C ILE D 71 12.27 13.69 9.50
N SER D 72 13.40 14.21 9.96
CA SER D 72 13.76 15.59 9.65
C SER D 72 15.25 15.69 9.38
N ILE D 73 15.68 16.82 8.79
CA ILE D 73 17.06 17.10 8.42
C ILE D 73 17.52 18.41 9.05
N ASP D 74 18.79 18.47 9.46
CA ASP D 74 19.43 19.70 9.91
C ASP D 74 20.74 19.88 9.14
N THR D 75 20.76 20.87 8.24
CA THR D 75 21.91 21.09 7.38
C THR D 75 23.07 21.69 8.15
N SER D 76 22.77 22.54 9.14
CA SER D 76 23.81 23.22 9.91
C SER D 76 24.73 22.26 10.62
N LYS D 77 24.19 21.15 11.15
CA LYS D 77 25.03 20.13 11.77
C LYS D 77 25.17 18.88 10.89
N ASN D 78 24.67 18.92 9.66
CA ASN D 78 24.79 17.81 8.70
C ASN D 78 24.28 16.49 9.26
N GLN D 79 23.02 16.49 9.64
CA GLN D 79 22.47 15.35 10.36
C GLN D 79 21.01 15.17 9.98
N PHE D 80 20.48 13.99 10.24
CA PHE D 80 19.06 13.79 10.09
C PHE D 80 18.57 13.03 11.32
N SER D 81 17.26 13.05 11.53
CA SER D 81 16.75 12.67 12.83
C SER D 81 15.41 11.97 12.71
N LEU D 82 15.10 11.21 13.76
CA LEU D 82 13.88 10.44 13.86
C LEU D 82 13.17 10.81 15.16
N LYS D 83 11.86 11.02 15.08
CA LYS D 83 11.00 11.19 16.24
C LYS D 83 9.85 10.22 16.11
N LEU D 84 9.68 9.35 17.11
CA LEU D 84 8.60 8.38 17.12
C LEU D 84 7.82 8.55 18.42
N ARG D 85 6.56 8.92 18.33
CA ARG D 85 5.81 9.24 19.53
C ARG D 85 4.93 8.07 19.99
N SER D 86 4.42 8.20 21.22
CA SER D 86 3.48 7.24 21.81
C SER D 86 4.03 5.82 21.79
N VAL D 87 5.22 5.67 22.33
CA VAL D 87 5.97 4.44 22.17
C VAL D 87 5.46 3.40 23.16
N THR D 88 5.63 2.13 22.78
CA THR D 88 5.23 0.94 23.53
C THR D 88 6.45 0.03 23.58
N ALA D 89 6.41 -1.00 24.44
CA ALA D 89 7.48 -1.99 24.45
C ALA D 89 7.67 -2.63 23.08
N ALA D 90 6.64 -2.60 22.24
CA ALA D 90 6.79 -3.09 20.87
C ALA D 90 7.81 -2.30 20.07
N ASP D 91 8.16 -1.10 20.52
CA ASP D 91 9.10 -0.31 19.75
C ASP D 91 10.54 -0.51 20.21
N THR D 92 10.77 -1.42 21.16
CA THR D 92 12.13 -1.75 21.60
C THR D 92 12.89 -2.40 20.45
N ALA D 93 14.03 -1.82 20.07
CA ALA D 93 14.71 -2.33 18.89
C ALA D 93 16.06 -1.67 18.73
N VAL D 94 16.84 -2.22 17.80
CA VAL D 94 18.05 -1.56 17.31
C VAL D 94 17.66 -0.69 16.11
N TYR D 95 18.04 0.59 16.16
CA TYR D 95 17.67 1.57 15.15
C TYR D 95 18.92 1.94 14.35
N TYR D 96 18.82 1.78 13.04
CA TYR D 96 19.89 2.02 12.08
C TYR D 96 19.51 3.20 11.22
N CYS D 97 20.45 4.11 11.01
CA CYS D 97 20.31 5.06 9.94
C CYS D 97 21.11 4.54 8.75
N VAL D 98 20.56 4.70 7.54
CA VAL D 98 21.22 4.16 6.35
C VAL D 98 20.98 5.10 5.19
N ARG D 99 21.96 5.15 4.29
CA ARG D 99 21.86 5.95 3.08
C ARG D 99 22.06 5.04 1.89
N ASP D 100 21.30 5.28 0.83
CA ASP D 100 21.47 4.42 -0.32
C ASP D 100 22.82 4.68 -0.97
N GLY D 101 23.28 3.69 -1.75
CA GLY D 101 24.61 3.75 -2.32
C GLY D 101 24.71 4.60 -3.58
N VAL D 102 25.94 4.95 -3.94
CA VAL D 102 26.15 5.64 -5.21
C VAL D 102 25.85 4.70 -6.36
N ALA D 103 25.18 5.22 -7.39
CA ALA D 103 24.77 4.41 -8.53
C ALA D 103 25.88 4.50 -9.56
N THR D 104 26.96 3.76 -9.29
CA THR D 104 28.08 3.61 -10.20
C THR D 104 28.51 2.14 -10.18
N ILE D 105 29.23 1.73 -11.23
CA ILE D 105 29.50 0.30 -11.39
C ILE D 105 30.42 -0.24 -10.28
N GLU D 106 31.41 0.53 -9.82
CA GLU D 106 32.22 0.05 -8.70
C GLU D 106 31.81 0.66 -7.34
N THR D 107 30.48 0.78 -7.13
CA THR D 107 29.90 1.13 -5.84
C THR D 107 30.14 0.04 -4.80
N THR D 108 30.40 0.45 -3.57
CA THR D 108 30.58 -0.50 -2.46
C THR D 108 29.27 -1.00 -1.89
N GLY D 109 28.15 -0.33 -2.17
CA GLY D 109 26.84 -0.66 -1.65
C GLY D 109 26.26 0.51 -0.91
N ASP D 110 25.19 0.25 -0.13
CA ASP D 110 24.67 1.30 0.73
C ASP D 110 25.51 1.39 1.99
N HIS D 111 25.18 2.36 2.84
CA HIS D 111 25.98 2.68 4.03
C HIS D 111 25.06 2.65 5.24
N TRP D 112 25.40 1.81 6.22
CA TRP D 112 24.60 1.66 7.43
C TRP D 112 25.35 2.22 8.62
N GLY D 113 24.61 2.78 9.56
CA GLY D 113 25.17 3.12 10.84
C GLY D 113 25.47 1.85 11.64
N GLN D 114 25.92 2.05 12.88
CA GLN D 114 26.23 0.94 13.75
C GLN D 114 25.01 0.42 14.49
N GLY D 115 23.91 1.18 14.52
CA GLY D 115 22.73 0.73 15.20
C GLY D 115 22.77 1.23 16.63
N VAL D 116 21.62 1.59 17.19
CA VAL D 116 21.55 2.07 18.56
C VAL D 116 20.35 1.39 19.22
N LEU D 117 20.61 0.75 20.38
CA LEU D 117 19.55 0.09 21.13
C LEU D 117 18.69 1.11 21.88
N VAL D 118 17.40 1.14 21.55
CA VAL D 118 16.43 1.92 22.30
C VAL D 118 15.48 0.94 22.95
N THR D 119 15.44 0.97 24.27
CA THR D 119 14.58 0.05 24.98
C THR D 119 13.52 0.85 25.70
N VAL D 120 12.27 0.42 25.53
CA VAL D 120 11.10 1.07 26.08
C VAL D 120 10.70 0.30 27.31
N SER D 121 10.73 0.95 28.46
CA SER D 121 10.51 0.25 29.71
C SER D 121 10.06 1.22 30.79
N SER D 122 9.19 0.73 31.68
CA SER D 122 8.84 1.45 32.89
C SER D 122 9.93 1.32 33.96
N ALA D 123 10.83 0.36 33.83
CA ALA D 123 11.91 0.19 34.77
C ALA D 123 12.84 1.39 34.74
N SER D 124 13.73 1.44 35.72
CA SER D 124 14.62 2.57 35.90
C SER D 124 16.01 2.26 35.36
N THR D 125 16.69 3.30 34.87
CA THR D 125 18.07 3.11 34.45
C THR D 125 18.90 2.83 35.69
N LYS D 126 19.87 1.95 35.57
CA LYS D 126 20.78 1.68 36.68
C LYS D 126 22.16 1.42 36.09
N GLY D 127 23.14 2.20 36.52
CA GLY D 127 24.50 2.04 36.07
C GLY D 127 25.18 0.84 36.71
N PRO D 128 26.27 0.39 36.09
CA PRO D 128 26.95 -0.82 36.55
C PRO D 128 27.96 -0.54 37.65
N SER D 129 28.31 -1.61 38.38
CA SER D 129 29.55 -1.67 39.15
C SER D 129 30.59 -2.44 38.34
N VAL D 130 31.86 -2.03 38.44
CA VAL D 130 32.91 -2.61 37.61
C VAL D 130 34.00 -3.19 38.51
N PHE D 131 34.24 -4.51 38.37
CA PHE D 131 35.23 -5.15 39.24
C PHE D 131 36.35 -5.78 38.41
N PRO D 132 37.58 -5.74 38.89
CA PRO D 132 38.67 -6.36 38.13
C PRO D 132 38.66 -7.87 38.31
N LEU D 133 38.89 -8.57 37.23
CA LEU D 133 39.03 -10.02 37.21
C LEU D 133 40.49 -10.34 36.99
N ALA D 134 41.18 -10.72 38.04
CA ALA D 134 42.59 -11.06 37.96
C ALA D 134 42.79 -12.57 38.03
N PRO D 135 43.77 -13.13 37.31
CA PRO D 135 43.89 -14.58 37.25
C PRO D 135 44.33 -15.19 38.57
N SER D 136 44.17 -16.50 38.63
CA SER D 136 44.59 -17.29 39.76
C SER D 136 46.08 -17.60 39.67
N SER D 137 46.67 -17.87 40.83
CA SER D 137 48.10 -18.22 40.89
C SER D 137 48.47 -19.24 39.83
N ARG D 138 47.75 -20.37 39.81
CA ARG D 138 48.06 -21.45 38.87
C ARG D 138 48.06 -20.95 37.43
N SER D 139 47.13 -20.06 37.08
CA SER D 139 47.03 -19.65 35.68
C SER D 139 48.09 -18.62 35.29
N THR D 140 48.60 -17.83 36.24
CA THR D 140 49.72 -16.94 35.94
C THR D 140 50.97 -17.73 35.59
N SER D 141 51.07 -18.99 36.02
CA SER D 141 52.22 -19.80 35.73
C SER D 141 52.21 -20.39 34.32
N GLU D 142 51.14 -20.23 33.55
CA GLU D 142 51.18 -20.64 32.15
C GLU D 142 51.85 -19.55 31.34
N SER D 143 51.94 -19.77 30.02
CA SER D 143 52.63 -18.80 29.17
C SER D 143 51.76 -17.57 28.92
N THR D 144 50.46 -17.76 28.71
CA THR D 144 49.51 -16.66 28.64
C THR D 144 48.55 -16.73 29.82
N ALA D 145 48.02 -15.56 30.19
CA ALA D 145 47.06 -15.39 31.26
C ALA D 145 45.91 -14.53 30.75
N ALA D 146 44.71 -14.80 31.27
CA ALA D 146 43.55 -14.00 30.92
C ALA D 146 43.26 -13.02 32.05
N LEU D 147 42.91 -11.80 31.66
CA LEU D 147 42.53 -10.73 32.57
C LEU D 147 41.17 -10.20 32.16
N GLY D 148 40.38 -9.69 33.10
CA GLY D 148 39.12 -9.16 32.64
C GLY D 148 38.50 -8.12 33.54
N CYS D 149 37.28 -7.71 33.17
CA CYS D 149 36.45 -6.80 33.92
C CYS D 149 35.07 -7.40 33.98
N LEU D 150 34.50 -7.43 35.17
CA LEU D 150 33.11 -7.80 35.38
C LEU D 150 32.30 -6.50 35.53
N VAL D 151 31.31 -6.33 34.66
CA VAL D 151 30.41 -5.19 34.67
C VAL D 151 29.07 -5.72 35.18
N LYS D 152 28.77 -5.43 36.45
CA LYS D 152 27.71 -6.09 37.19
C LYS D 152 26.53 -5.16 37.43
N ASP D 153 25.31 -5.68 37.19
CA ASP D 153 24.05 -5.09 37.64
C ASP D 153 23.82 -3.71 37.03
N TYR D 154 23.60 -3.71 35.73
CA TYR D 154 23.25 -2.51 34.99
C TYR D 154 21.97 -2.71 34.22
N PHE D 155 21.35 -1.58 33.83
CA PHE D 155 20.14 -1.59 33.03
C PHE D 155 19.95 -0.23 32.36
N PRO D 156 19.46 -0.18 31.11
CA PRO D 156 19.27 -1.32 30.22
C PRO D 156 20.58 -1.60 29.50
N GLU D 157 20.52 -2.52 28.55
CA GLU D 157 21.61 -2.72 27.62
C GLU D 157 21.76 -1.46 26.78
N PRO D 158 22.93 -1.24 26.18
CA PRO D 158 24.17 -2.00 26.14
C PRO D 158 25.32 -1.43 26.94
N VAL D 159 26.40 -2.19 27.16
CA VAL D 159 27.66 -1.64 27.63
C VAL D 159 28.74 -2.09 26.64
N THR D 160 29.71 -1.22 26.37
CA THR D 160 30.86 -1.55 25.54
C THR D 160 32.10 -1.56 26.41
N VAL D 161 33.03 -2.47 26.11
CA VAL D 161 34.29 -2.55 26.82
C VAL D 161 35.43 -2.48 25.82
N SER D 162 36.47 -1.70 26.16
CA SER D 162 37.73 -1.61 25.42
C SER D 162 38.89 -1.89 26.37
N TRP D 163 40.09 -2.02 25.84
CA TRP D 163 41.23 -2.29 26.70
C TRP D 163 42.38 -1.36 26.35
N ASN D 164 43.02 -0.82 27.40
CA ASN D 164 44.06 0.18 27.26
C ASN D 164 43.71 1.21 26.20
N SER D 165 42.52 1.79 26.38
CA SER D 165 41.98 2.88 25.57
C SER D 165 41.89 2.52 24.09
N GLY D 166 41.81 1.23 23.77
CA GLY D 166 41.73 0.79 22.39
C GLY D 166 43.04 0.43 21.73
N SER D 167 44.16 0.54 22.45
CA SER D 167 45.46 0.12 21.96
C SER D 167 45.79 -1.34 22.32
N LEU D 168 44.79 -2.12 22.74
CA LEU D 168 44.92 -3.56 23.03
C LEU D 168 43.76 -4.23 22.31
N THR D 169 44.09 -4.92 21.21
CA THR D 169 43.10 -5.57 20.35
C THR D 169 43.12 -7.08 20.43
N SER D 170 44.28 -7.70 20.20
CA SER D 170 44.34 -9.15 20.05
C SER D 170 44.18 -9.83 21.40
N GLY D 171 43.35 -10.87 21.43
CA GLY D 171 43.08 -11.58 22.66
C GLY D 171 41.88 -11.03 23.41
N VAL D 172 41.21 -10.00 22.86
CA VAL D 172 40.09 -9.35 23.54
C VAL D 172 38.81 -10.05 23.11
N HIS D 173 37.95 -10.32 24.10
CA HIS D 173 36.66 -10.98 23.90
C HIS D 173 35.69 -10.44 24.95
N THR D 174 34.62 -9.78 24.49
CA THR D 174 33.55 -9.29 25.34
C THR D 174 32.31 -10.16 25.13
N PHE D 175 31.79 -10.73 26.21
CA PHE D 175 30.75 -11.74 26.06
C PHE D 175 29.34 -11.14 26.06
N PRO D 176 28.39 -11.76 25.36
CA PRO D 176 26.98 -11.32 25.50
C PRO D 176 26.53 -11.33 26.94
N ALA D 177 25.75 -10.33 27.30
CA ALA D 177 25.39 -10.15 28.71
C ALA D 177 24.44 -11.23 29.18
N VAL D 178 24.42 -11.44 30.48
CA VAL D 178 23.43 -12.34 31.05
C VAL D 178 22.35 -11.44 31.63
N LEU D 179 21.10 -11.83 31.44
CA LEU D 179 19.95 -11.13 32.02
C LEU D 179 19.59 -11.91 33.27
N GLN D 180 19.88 -11.32 34.42
CA GLN D 180 19.72 -11.95 35.72
C GLN D 180 18.26 -11.90 36.15
N SER D 181 17.93 -12.78 37.09
CA SER D 181 16.55 -12.89 37.57
C SER D 181 16.05 -11.58 38.19
N SER D 182 16.95 -10.74 38.70
CA SER D 182 16.57 -9.42 39.20
C SER D 182 16.12 -8.47 38.09
N GLY D 183 16.24 -8.85 36.82
CA GLY D 183 15.95 -7.95 35.73
C GLY D 183 17.12 -7.08 35.30
N LEU D 184 18.28 -7.23 35.94
CA LEU D 184 19.48 -6.46 35.60
C LEU D 184 20.47 -7.34 34.86
N TYR D 185 21.26 -6.72 33.98
CA TYR D 185 22.25 -7.38 33.15
C TYR D 185 23.60 -7.37 33.83
N SER D 186 24.43 -8.36 33.47
CA SER D 186 25.87 -8.38 33.79
C SER D 186 26.61 -8.88 32.57
N LEU D 187 27.88 -8.45 32.40
CA LEU D 187 28.76 -9.01 31.38
C LEU D 187 30.20 -8.98 31.84
N SER D 188 31.05 -9.66 31.08
CA SER D 188 32.47 -9.76 31.39
C SER D 188 33.25 -9.53 30.10
N SER D 189 34.39 -8.84 30.20
CA SER D 189 35.28 -8.75 29.05
C SER D 189 36.65 -9.25 29.48
N VAL D 190 37.28 -10.05 28.63
CA VAL D 190 38.53 -10.72 28.98
C VAL D 190 39.53 -10.46 27.84
N VAL D 191 40.80 -10.33 28.20
CA VAL D 191 41.89 -10.21 27.23
C VAL D 191 42.99 -11.19 27.64
N THR D 192 43.53 -11.92 26.67
CA THR D 192 44.63 -12.84 26.95
C THR D 192 45.97 -12.20 26.63
N VAL D 193 46.93 -12.40 27.53
CA VAL D 193 48.13 -11.56 27.63
C VAL D 193 49.33 -12.41 28.01
N PRO D 194 50.55 -11.99 27.64
CA PRO D 194 51.75 -12.73 28.05
C PRO D 194 52.05 -12.64 29.54
N SER D 195 52.31 -13.81 30.15
CA SER D 195 52.52 -13.88 31.60
C SER D 195 53.72 -13.05 32.07
N SER D 196 54.73 -12.89 31.21
CA SER D 196 55.84 -11.99 31.52
C SER D 196 55.34 -10.58 31.85
N SER D 197 54.29 -10.13 31.18
CA SER D 197 53.81 -8.75 31.25
C SER D 197 53.13 -8.39 32.58
N LEU D 198 52.96 -9.35 33.49
CA LEU D 198 52.06 -9.11 34.62
C LEU D 198 52.58 -8.06 35.63
N GLY D 199 53.86 -8.07 35.94
CA GLY D 199 54.33 -7.03 36.84
C GLY D 199 54.60 -5.70 36.15
N THR D 200 55.33 -5.80 35.05
CA THR D 200 55.72 -4.63 34.25
C THR D 200 54.52 -3.77 33.80
N GLN D 201 53.54 -4.37 33.14
CA GLN D 201 52.57 -3.63 32.33
C GLN D 201 51.27 -3.40 33.09
N THR D 202 50.63 -2.27 32.81
CA THR D 202 49.32 -1.93 33.36
C THR D 202 48.23 -2.18 32.34
N TYR D 203 47.17 -2.85 32.77
CA TYR D 203 46.02 -3.18 31.93
C TYR D 203 44.78 -2.45 32.46
N VAL D 204 44.11 -1.69 31.60
CA VAL D 204 42.97 -0.90 32.01
C VAL D 204 41.80 -1.19 31.08
N CYS D 205 40.65 -1.54 31.64
CA CYS D 205 39.48 -1.76 30.80
C CYS D 205 38.54 -0.56 30.85
N ASN D 206 38.03 -0.18 29.68
CA ASN D 206 37.25 1.02 29.46
C ASN D 206 35.79 0.60 29.27
N VAL D 207 35.00 0.76 30.31
CA VAL D 207 33.59 0.37 30.32
C VAL D 207 32.75 1.59 30.05
N ASN D 208 31.89 1.52 29.04
CA ASN D 208 30.95 2.57 28.72
C ASN D 208 29.52 2.04 28.80
N HIS D 209 28.70 2.68 29.66
CA HIS D 209 27.26 2.47 29.76
C HIS D 209 26.59 3.80 29.42
N LYS D 210 26.36 4.04 28.13
CA LYS D 210 25.74 5.30 27.71
C LYS D 210 24.33 5.52 28.29
N PRO D 211 23.47 4.53 28.45
CA PRO D 211 22.12 4.83 28.97
C PRO D 211 22.10 5.54 30.31
N SER D 212 23.14 5.38 31.13
CA SER D 212 23.27 6.10 32.40
C SER D 212 24.43 7.10 32.37
N ASN D 213 24.91 7.45 31.19
CA ASN D 213 25.97 8.44 31.00
C ASN D 213 27.19 8.11 31.83
N THR D 214 27.53 6.83 31.94
CA THR D 214 28.63 6.50 32.83
C THR D 214 29.73 5.74 32.10
N LYS D 215 30.96 6.09 32.46
CA LYS D 215 32.17 5.56 31.85
C LYS D 215 33.16 5.33 32.97
N VAL D 216 33.75 4.13 33.02
CA VAL D 216 34.70 3.77 34.06
C VAL D 216 35.90 3.12 33.38
N ASP D 217 37.11 3.54 33.77
CA ASP D 217 38.33 2.92 33.29
C ASP D 217 38.99 2.29 34.51
N LYS D 218 38.98 0.96 34.56
CA LYS D 218 39.32 0.22 35.76
C LYS D 218 40.66 -0.46 35.59
N ARG D 219 41.54 -0.27 36.57
CA ARG D 219 42.87 -0.84 36.49
C ARG D 219 42.84 -2.29 36.95
N VAL D 220 43.43 -3.17 36.17
CA VAL D 220 43.53 -4.56 36.60
C VAL D 220 44.95 -4.79 37.11
N GLU D 221 45.14 -4.86 38.43
CA GLU D 221 46.39 -5.45 38.85
C GLU D 221 46.24 -6.71 39.74
N ILE D 222 47.43 -7.32 39.90
CA ILE D 222 47.86 -8.59 40.47
C ILE D 222 47.25 -9.61 39.53
N PHE E 2 4.87 -11.02 7.61
CA PHE E 2 5.85 -11.02 6.52
C PHE E 2 5.22 -11.16 5.13
N VAL E 3 5.55 -10.23 4.23
CA VAL E 3 5.12 -10.28 2.83
C VAL E 3 6.07 -11.02 1.90
N LEU E 4 7.33 -11.18 2.27
CA LEU E 4 8.30 -11.97 1.51
C LEU E 4 8.67 -13.20 2.33
N ALA E 5 8.39 -14.38 1.78
CA ALA E 5 8.59 -15.65 2.49
C ALA E 5 9.93 -16.25 2.17
N GLN E 6 10.67 -16.65 3.20
CA GLN E 6 11.98 -17.26 3.03
C GLN E 6 12.05 -18.51 3.88
N PRO E 7 12.76 -19.54 3.42
CA PRO E 7 12.96 -20.73 4.26
C PRO E 7 13.76 -20.38 5.49
N PRO E 8 13.25 -20.70 6.68
CA PRO E 8 13.96 -20.29 7.91
C PRO E 8 15.37 -20.80 7.97
N SER E 9 15.64 -21.96 7.38
CA SER E 9 16.97 -22.56 7.46
C SER E 9 17.28 -23.25 6.14
N VAL E 10 18.53 -23.12 5.72
CA VAL E 10 19.06 -23.76 4.53
C VAL E 10 20.47 -24.22 4.86
N SER E 11 20.81 -25.45 4.46
CA SER E 11 22.12 -26.00 4.75
C SER E 11 22.76 -26.55 3.49
N GLY E 12 24.07 -26.41 3.41
CA GLY E 12 24.82 -26.92 2.28
C GLY E 12 26.18 -27.39 2.76
N ALA E 13 26.76 -28.36 1.99
CA ALA E 13 28.10 -28.80 2.34
C ALA E 13 29.15 -27.94 1.64
N PRO E 14 30.36 -27.83 2.21
CA PRO E 14 31.37 -26.94 1.61
C PRO E 14 31.72 -27.30 0.18
N GLY E 15 32.06 -26.26 -0.59
CA GLY E 15 32.40 -26.40 -2.00
C GLY E 15 31.22 -26.51 -2.95
N GLN E 16 30.00 -26.64 -2.43
CA GLN E 16 28.82 -26.83 -3.25
C GLN E 16 28.18 -25.51 -3.65
N ARG E 17 27.01 -25.62 -4.30
CA ARG E 17 26.18 -24.52 -4.73
C ARG E 17 24.89 -24.57 -3.94
N VAL E 18 24.49 -23.45 -3.36
CA VAL E 18 23.22 -23.41 -2.65
C VAL E 18 22.43 -22.21 -3.14
N THR E 19 21.10 -22.33 -3.07
CA THR E 19 20.19 -21.28 -3.52
C THR E 19 19.19 -20.96 -2.42
N LEU E 20 19.16 -19.68 -2.03
CA LEU E 20 18.21 -19.13 -1.07
C LEU E 20 17.05 -18.50 -1.83
N SER E 21 15.83 -18.97 -1.53
CA SER E 21 14.65 -18.57 -2.26
C SER E 21 13.92 -17.44 -1.53
N CYS E 22 13.16 -16.66 -2.31
CA CYS E 22 12.40 -15.54 -1.77
C CYS E 22 11.13 -15.44 -2.60
N THR E 23 10.01 -15.77 -1.99
CA THR E 23 8.71 -15.82 -2.66
C THR E 23 7.84 -14.66 -2.22
N GLY E 24 7.33 -13.89 -3.18
CA GLY E 24 6.53 -12.71 -2.96
C GLY E 24 5.22 -12.78 -3.72
N SER E 25 4.72 -11.62 -4.11
CA SER E 25 3.50 -11.48 -4.87
C SER E 25 3.75 -10.58 -6.08
N ASN E 26 2.69 -10.33 -6.84
CA ASN E 26 2.78 -9.39 -7.95
C ASN E 26 2.82 -7.94 -7.50
N SER E 27 2.54 -7.67 -6.22
CA SER E 27 2.66 -6.32 -5.73
C SER E 27 4.04 -6.00 -5.16
N ASN E 28 4.98 -6.95 -5.19
CA ASN E 28 6.36 -6.63 -4.83
C ASN E 28 7.34 -7.24 -5.84
N ILE E 29 7.76 -8.49 -5.62
CA ILE E 29 8.81 -9.09 -6.43
C ILE E 29 8.43 -9.12 -7.90
N GLY E 30 7.15 -9.24 -8.20
CA GLY E 30 6.75 -9.27 -9.59
C GLY E 30 7.05 -7.99 -10.32
N VAL E 31 7.09 -6.87 -9.61
CA VAL E 31 7.19 -5.56 -10.27
C VAL E 31 8.38 -4.73 -9.82
N ASN E 32 8.93 -4.93 -8.62
CA ASN E 32 9.95 -4.02 -8.14
C ASN E 32 11.25 -4.76 -7.89
N TYR E 33 12.35 -4.01 -7.88
CA TYR E 33 13.66 -4.62 -7.74
C TYR E 33 13.81 -5.32 -6.39
N VAL E 34 14.66 -6.34 -6.37
CA VAL E 34 14.95 -7.12 -5.17
C VAL E 34 16.38 -6.83 -4.73
N GLN E 35 16.57 -6.60 -3.43
CA GLN E 35 17.88 -6.50 -2.81
C GLN E 35 18.11 -7.68 -1.87
N TRP E 36 19.39 -8.03 -1.66
CA TRP E 36 19.80 -9.10 -0.73
C TRP E 36 20.86 -8.58 0.23
N TYR E 37 20.58 -8.75 1.53
CA TYR E 37 21.45 -8.32 2.62
C TYR E 37 21.94 -9.52 3.42
N GLN E 38 23.19 -9.47 3.85
CA GLN E 38 23.77 -10.48 4.72
C GLN E 38 24.08 -9.88 6.08
N GLN E 39 23.76 -10.62 7.15
CA GLN E 39 24.01 -10.13 8.50
C GLN E 39 24.81 -11.18 9.25
N LEU E 40 26.03 -10.82 9.61
CA LEU E 40 26.94 -11.54 10.47
C LEU E 40 26.65 -11.18 11.92
N PRO E 41 27.09 -12.02 12.86
CA PRO E 41 26.82 -11.73 14.28
C PRO E 41 27.41 -10.39 14.71
N GLY E 42 26.56 -9.58 15.35
CA GLY E 42 27.00 -8.31 15.91
C GLY E 42 27.09 -7.15 14.95
N THR E 43 26.69 -7.31 13.68
CA THR E 43 26.94 -6.30 12.67
C THR E 43 25.66 -5.88 11.97
N ALA E 44 25.72 -4.71 11.38
CA ALA E 44 24.62 -4.24 10.55
C ALA E 44 24.50 -5.13 9.31
N PRO E 45 23.32 -5.21 8.73
CA PRO E 45 23.16 -5.90 7.44
C PRO E 45 24.10 -5.30 6.40
N LYS E 46 24.60 -6.14 5.50
CA LYS E 46 25.51 -5.69 4.46
C LYS E 46 24.90 -6.00 3.10
N LEU E 47 24.87 -5.01 2.21
CA LEU E 47 24.28 -5.20 0.89
C LEU E 47 25.16 -6.09 0.03
N LEU E 48 24.61 -7.24 -0.38
CA LEU E 48 25.25 -8.17 -1.31
C LEU E 48 24.71 -8.09 -2.73
N ILE E 49 23.39 -7.92 -2.92
CA ILE E 49 22.83 -7.82 -4.27
C ILE E 49 21.83 -6.68 -4.31
N TYR E 50 21.86 -5.90 -5.40
CA TYR E 50 20.85 -4.86 -5.59
C TYR E 50 20.34 -4.90 -7.02
N GLU E 51 19.15 -4.37 -7.20
CA GLU E 51 18.50 -4.33 -8.50
C GLU E 51 18.51 -5.73 -9.13
N ASN E 52 17.95 -6.67 -8.37
CA ASN E 52 17.74 -8.05 -8.78
C ASN E 52 19.02 -8.86 -8.94
N ASN E 53 20.09 -8.29 -9.54
CA ASN E 53 21.27 -9.10 -9.81
C ASN E 53 22.57 -8.33 -9.85
N LYS E 54 22.64 -7.10 -9.36
CA LYS E 54 23.89 -6.37 -9.40
C LYS E 54 24.64 -6.59 -8.09
N ARG E 55 25.95 -6.67 -8.21
CA ARG E 55 26.81 -6.97 -7.09
C ARG E 55 27.73 -5.79 -6.85
N PRO E 56 27.76 -5.24 -5.64
CA PRO E 56 28.71 -4.16 -5.35
C PRO E 56 30.14 -4.66 -5.39
N SER E 57 31.06 -3.71 -5.59
CA SER E 57 32.47 -4.05 -5.55
C SER E 57 32.85 -4.52 -4.16
N GLY E 58 33.62 -5.59 -4.08
CA GLY E 58 34.04 -6.12 -2.81
C GLY E 58 33.19 -7.25 -2.30
N VAL E 59 32.14 -7.64 -3.03
CA VAL E 59 31.39 -8.85 -2.72
C VAL E 59 31.93 -9.94 -3.62
N SER E 60 32.28 -11.08 -3.04
CA SER E 60 32.86 -12.17 -3.82
C SER E 60 31.92 -12.56 -4.95
N ASP E 61 32.49 -12.90 -6.11
CA ASP E 61 31.66 -13.27 -7.25
C ASP E 61 30.98 -14.62 -7.10
N ARG E 62 31.19 -15.31 -5.97
CA ARG E 62 30.43 -16.53 -5.70
C ARG E 62 28.96 -16.23 -5.38
N PHE E 63 28.64 -14.98 -5.09
CA PHE E 63 27.27 -14.55 -4.83
C PHE E 63 26.66 -14.00 -6.11
N SER E 64 25.44 -14.43 -6.41
CA SER E 64 24.76 -13.96 -7.60
C SER E 64 23.26 -13.98 -7.35
N GLY E 65 22.56 -13.02 -7.93
CA GLY E 65 21.15 -12.86 -7.73
C GLY E 65 20.42 -13.08 -9.04
N SER E 66 19.19 -13.58 -8.93
CA SER E 66 18.37 -13.77 -10.11
C SER E 66 16.93 -13.61 -9.68
N GLN E 67 16.10 -13.25 -10.64
CA GLN E 67 14.69 -13.01 -10.37
C GLN E 67 13.88 -13.47 -11.56
N SER E 68 12.72 -14.02 -11.28
CA SER E 68 11.83 -14.42 -12.36
C SER E 68 10.43 -14.49 -11.78
N GLY E 69 9.50 -13.85 -12.46
CA GLY E 69 8.15 -13.84 -11.97
C GLY E 69 8.08 -13.32 -10.56
N THR E 70 7.46 -14.12 -9.69
CA THR E 70 7.19 -13.74 -8.32
C THR E 70 8.22 -14.32 -7.35
N SER E 71 9.36 -14.73 -7.86
CA SER E 71 10.38 -15.31 -7.00
C SER E 71 11.75 -14.72 -7.33
N ALA E 72 12.59 -14.65 -6.31
CA ALA E 72 13.96 -14.20 -6.47
C ALA E 72 14.83 -15.17 -5.71
N SER E 73 16.11 -15.23 -6.09
CA SER E 73 17.05 -16.19 -5.53
C SER E 73 18.44 -15.59 -5.40
N LEU E 74 19.08 -15.93 -4.28
CA LEU E 74 20.49 -15.72 -4.04
C LEU E 74 21.20 -17.05 -4.21
N THR E 75 22.30 -17.07 -4.94
CA THR E 75 23.02 -18.30 -5.25
C THR E 75 24.48 -18.13 -4.86
N ILE E 76 24.98 -19.10 -4.10
CA ILE E 76 26.37 -19.13 -3.63
C ILE E 76 27.02 -20.39 -4.16
N THR E 77 28.11 -20.22 -4.90
CA THR E 77 28.92 -21.32 -5.41
C THR E 77 30.20 -21.44 -4.61
N GLY E 78 30.75 -22.66 -4.57
CA GLY E 78 31.98 -22.95 -3.84
C GLY E 78 31.81 -22.54 -2.39
N LEU E 79 30.75 -23.07 -1.78
CA LEU E 79 30.31 -22.61 -0.46
C LEU E 79 31.43 -22.73 0.57
N GLN E 80 31.55 -21.71 1.43
CA GLN E 80 32.59 -21.69 2.44
C GLN E 80 31.97 -21.49 3.81
N SER E 81 32.74 -21.86 4.84
CA SER E 81 32.26 -21.71 6.19
C SER E 81 32.02 -20.24 6.53
N GLU E 82 32.77 -19.34 5.92
CA GLU E 82 32.62 -17.91 6.17
C GLU E 82 31.41 -17.31 5.50
N ASP E 83 30.52 -18.12 4.94
CA ASP E 83 29.24 -17.67 4.42
C ASP E 83 28.11 -17.89 5.41
N GLU E 84 28.41 -18.48 6.56
CA GLU E 84 27.41 -18.66 7.60
C GLU E 84 26.97 -17.28 8.08
N ALA E 85 25.68 -16.97 7.93
CA ALA E 85 25.11 -15.68 8.28
C ALA E 85 23.60 -15.79 8.15
N ASP E 86 22.89 -14.69 8.42
CA ASP E 86 21.49 -14.58 8.05
C ASP E 86 21.39 -13.79 6.74
N TYR E 87 20.40 -14.16 5.92
CA TYR E 87 20.20 -13.59 4.59
C TYR E 87 18.78 -13.09 4.51
N TYR E 88 18.62 -11.81 4.14
CA TYR E 88 17.31 -11.18 3.98
C TYR E 88 17.14 -10.70 2.55
N CYS E 89 15.98 -10.99 1.95
CA CYS E 89 15.59 -10.32 0.73
C CYS E 89 14.76 -9.11 1.13
N GLN E 90 14.75 -8.12 0.24
CA GLN E 90 14.14 -6.84 0.54
C GLN E 90 13.54 -6.31 -0.74
N CYS E 91 12.33 -5.80 -0.68
CA CYS E 91 11.65 -5.34 -1.89
C CYS E 91 10.66 -4.24 -1.52
N TYR E 92 10.09 -3.59 -2.53
CA TYR E 92 9.07 -2.58 -2.26
C TYR E 92 7.71 -3.17 -2.59
N ASP E 93 6.75 -2.99 -1.69
CA ASP E 93 5.42 -3.55 -1.88
C ASP E 93 4.45 -2.39 -2.11
N ILE E 94 3.86 -2.40 -3.32
CA ILE E 94 2.96 -1.34 -3.78
C ILE E 94 1.67 -1.33 -2.98
N SER E 95 1.17 -2.51 -2.61
CA SER E 95 -0.09 -2.61 -1.88
C SER E 95 0.02 -2.10 -0.45
N LEU E 96 1.18 -2.27 0.17
CA LEU E 96 1.46 -1.72 1.48
C LEU E 96 2.06 -0.33 1.40
N GLY E 97 2.54 0.06 0.22
CA GLY E 97 3.25 1.31 0.07
C GLY E 97 4.47 1.39 0.96
N ALA E 98 5.26 0.32 1.02
CA ALA E 98 6.38 0.34 1.94
C ALA E 98 7.50 -0.55 1.43
N HIS E 99 8.73 -0.18 1.78
CA HIS E 99 9.85 -1.09 1.65
C HIS E 99 9.76 -2.15 2.75
N VAL E 100 9.87 -3.41 2.36
CA VAL E 100 9.69 -4.54 3.26
C VAL E 100 10.86 -5.49 3.13
N PHE E 101 11.09 -6.25 4.21
CA PHE E 101 12.12 -7.28 4.26
C PHE E 101 11.50 -8.68 4.34
N GLY E 102 12.21 -9.65 3.79
CA GLY E 102 11.81 -11.04 3.93
C GLY E 102 12.02 -11.55 5.35
N SER E 103 11.47 -12.74 5.62
CA SER E 103 11.52 -13.32 6.96
C SER E 103 12.92 -13.80 7.34
N GLY E 104 13.83 -13.96 6.39
CA GLY E 104 15.21 -14.26 6.72
C GLY E 104 15.54 -15.73 6.70
N THR E 105 16.69 -16.09 6.16
CA THR E 105 17.16 -17.47 6.11
C THR E 105 18.50 -17.58 6.81
N GLU E 106 18.63 -18.53 7.74
CA GLU E 106 19.92 -18.81 8.35
C GLU E 106 20.62 -19.87 7.52
N LEU E 107 21.84 -19.57 7.09
CA LEU E 107 22.60 -20.48 6.24
C LEU E 107 23.60 -21.21 7.11
N THR E 108 23.56 -22.55 7.06
CA THR E 108 24.50 -23.38 7.81
C THR E 108 25.41 -24.11 6.83
N VAL E 109 26.70 -24.05 7.08
CA VAL E 109 27.69 -24.80 6.32
C VAL E 109 28.01 -26.10 7.08
N LEU E 110 27.71 -27.23 6.44
CA LEU E 110 27.83 -28.53 7.07
C LEU E 110 29.28 -28.94 7.23
N GLY E 111 29.47 -30.00 8.01
CA GLY E 111 30.76 -30.66 8.20
C GLY E 111 31.83 -29.85 8.90
N GLN E 112 31.45 -28.87 9.70
CA GLN E 112 32.52 -28.24 10.44
C GLN E 112 32.93 -29.13 11.60
N PRO E 113 34.22 -29.15 11.95
CA PRO E 113 34.69 -30.07 12.98
C PRO E 113 34.23 -29.66 14.36
N LYS E 114 34.08 -30.67 15.20
CA LYS E 114 33.76 -30.47 16.61
C LYS E 114 34.90 -29.72 17.30
N ALA E 115 34.55 -28.79 18.19
CA ALA E 115 35.59 -28.08 18.93
C ALA E 115 35.19 -27.97 20.39
N ALA E 116 36.13 -28.32 21.27
CA ALA E 116 35.98 -28.29 22.70
C ALA E 116 36.12 -26.85 23.23
N PRO E 117 35.47 -26.53 24.35
CA PRO E 117 35.48 -25.15 24.87
C PRO E 117 36.77 -24.78 25.56
N SER E 118 37.17 -23.52 25.37
CA SER E 118 38.11 -22.89 26.28
C SER E 118 37.30 -22.30 27.42
N VAL E 119 37.72 -22.60 28.65
CA VAL E 119 37.00 -22.23 29.85
C VAL E 119 37.96 -21.46 30.75
N THR E 120 37.51 -20.31 31.24
CA THR E 120 38.31 -19.51 32.16
C THR E 120 37.47 -19.25 33.38
N LEU E 121 38.06 -19.43 34.55
CA LEU E 121 37.37 -19.21 35.80
C LEU E 121 38.13 -18.16 36.59
N PHE E 122 37.45 -17.06 36.95
CA PHE E 122 38.06 -16.03 37.80
C PHE E 122 37.47 -16.07 39.19
N PRO E 123 38.34 -15.92 40.20
CA PRO E 123 37.87 -15.74 41.60
C PRO E 123 37.27 -14.37 41.79
N PRO E 124 36.62 -14.11 42.92
CA PRO E 124 36.08 -12.77 43.16
C PRO E 124 37.17 -11.74 43.34
N SER E 125 36.87 -10.52 42.93
CA SER E 125 37.81 -9.43 43.16
C SER E 125 37.91 -9.09 44.65
N SER E 126 39.07 -8.61 45.04
CA SER E 126 39.22 -8.17 46.42
C SER E 126 38.22 -7.08 46.74
N GLU E 127 37.97 -6.18 45.80
CA GLU E 127 37.11 -5.06 46.16
C GLU E 127 35.64 -5.44 46.18
N GLU E 128 35.22 -6.46 45.43
CA GLU E 128 33.87 -6.96 45.63
C GLU E 128 33.76 -7.66 46.96
N LEU E 129 34.81 -8.36 47.39
CA LEU E 129 34.80 -8.99 48.70
C LEU E 129 34.72 -7.95 49.81
N GLN E 130 35.33 -6.78 49.61
CA GLN E 130 35.24 -5.73 50.62
C GLN E 130 33.81 -5.25 50.79
N ALA E 131 33.00 -5.36 49.74
CA ALA E 131 31.58 -5.09 49.85
C ALA E 131 30.81 -6.32 50.31
N ASN E 132 31.51 -7.34 50.82
CA ASN E 132 30.93 -8.56 51.39
C ASN E 132 30.22 -9.44 50.36
N LYS E 133 30.55 -9.30 49.08
CA LYS E 133 29.99 -10.11 48.00
C LYS E 133 31.10 -10.89 47.30
N ALA E 134 30.72 -11.87 46.50
CA ALA E 134 31.70 -12.65 45.76
C ALA E 134 31.00 -13.22 44.53
N THR E 135 31.38 -12.74 43.34
CA THR E 135 30.89 -13.27 42.08
C THR E 135 32.02 -13.99 41.36
N LEU E 136 31.86 -15.30 41.15
CA LEU E 136 32.80 -16.06 40.33
C LEU E 136 32.35 -16.01 38.89
N VAL E 137 33.30 -15.83 37.98
CA VAL E 137 32.94 -15.68 36.58
C VAL E 137 33.55 -16.82 35.76
N CYS E 138 32.73 -17.53 35.03
CA CYS E 138 33.19 -18.62 34.19
C CYS E 138 32.90 -18.30 32.72
N LEU E 139 33.94 -18.08 31.92
CA LEU E 139 33.81 -17.71 30.50
C LEU E 139 34.12 -18.89 29.58
N ILE E 140 33.28 -19.11 28.57
CA ILE E 140 33.34 -20.31 27.74
C ILE E 140 33.31 -19.90 26.28
N SER E 141 34.31 -20.30 25.51
CA SER E 141 34.41 -19.80 24.15
C SER E 141 34.95 -20.87 23.22
N ASP E 142 34.70 -20.67 21.91
CA ASP E 142 35.36 -21.45 20.84
C ASP E 142 34.91 -22.90 20.80
N PHE E 143 33.63 -23.17 21.12
CA PHE E 143 33.10 -24.52 21.05
C PHE E 143 32.13 -24.64 19.88
N TYR E 144 31.98 -25.85 19.38
CA TYR E 144 31.15 -26.15 18.23
C TYR E 144 30.88 -27.64 18.24
N PRO E 145 29.63 -28.09 18.08
CA PRO E 145 28.46 -27.22 17.80
C PRO E 145 27.95 -26.47 19.04
N GLY E 146 26.91 -25.67 18.84
CA GLY E 146 26.50 -24.65 19.77
C GLY E 146 25.77 -24.99 21.04
N ALA E 147 25.86 -26.21 21.56
CA ALA E 147 25.14 -26.56 22.77
C ALA E 147 26.11 -26.88 23.88
N VAL E 148 25.82 -26.40 25.09
CA VAL E 148 26.72 -26.59 26.22
C VAL E 148 25.89 -26.62 27.48
N GLU E 149 26.42 -27.28 28.52
CA GLU E 149 25.76 -27.31 29.83
C GLU E 149 26.77 -26.86 30.88
N VAL E 150 26.39 -26.02 31.84
CA VAL E 150 27.34 -25.51 32.83
C VAL E 150 26.88 -25.88 34.22
N ALA E 151 27.78 -26.45 35.02
CA ALA E 151 27.44 -26.82 36.38
C ALA E 151 28.50 -26.31 37.32
N TRP E 152 28.09 -25.82 38.48
CA TRP E 152 29.03 -25.35 39.49
C TRP E 152 29.13 -26.37 40.63
N LYS E 153 30.32 -26.46 41.23
CA LYS E 153 30.50 -27.31 42.39
C LYS E 153 31.23 -26.56 43.48
N ALA E 154 30.95 -26.91 44.71
CA ALA E 154 31.68 -26.40 45.87
C ALA E 154 32.27 -27.61 46.58
N ASP E 155 33.59 -27.69 46.62
CA ASP E 155 34.25 -28.93 47.00
C ASP E 155 33.70 -30.07 46.13
N GLY E 156 33.11 -31.08 46.77
CA GLY E 156 32.50 -32.13 45.97
C GLY E 156 31.17 -31.73 45.37
N SER E 157 30.38 -30.96 46.13
CA SER E 157 28.94 -30.92 45.96
C SER E 157 28.46 -29.97 44.87
N ALA E 158 27.33 -30.31 44.27
CA ALA E 158 26.70 -29.40 43.33
C ALA E 158 26.20 -28.15 44.05
N VAL E 159 26.37 -27.00 43.41
CA VAL E 159 25.72 -25.79 43.88
C VAL E 159 24.81 -25.31 42.75
N ASN E 160 23.52 -25.20 43.05
CA ASN E 160 22.53 -24.88 42.05
C ASN E 160 21.83 -23.57 42.35
N ALA E 161 22.29 -22.83 43.34
CA ALA E 161 21.68 -21.57 43.70
C ALA E 161 22.65 -20.44 43.38
N GLY E 162 22.09 -19.28 43.00
CA GLY E 162 22.88 -18.10 42.74
C GLY E 162 23.62 -18.13 41.43
N VAL E 163 23.17 -18.97 40.50
CA VAL E 163 23.80 -19.22 39.22
C VAL E 163 22.96 -18.61 38.10
N GLU E 164 23.59 -17.80 37.25
CA GLU E 164 22.93 -17.34 36.03
C GLU E 164 23.85 -17.64 34.87
N THR E 165 23.30 -18.23 33.81
CA THR E 165 24.06 -18.77 32.70
C THR E 165 23.43 -18.35 31.39
N THR E 166 24.23 -17.81 30.48
CA THR E 166 23.69 -17.34 29.22
C THR E 166 23.40 -18.50 28.28
N LYS E 167 22.49 -18.25 27.31
CA LYS E 167 22.45 -19.13 26.16
C LYS E 167 23.73 -18.94 25.36
N PRO E 168 24.17 -19.97 24.63
CA PRO E 168 25.32 -19.79 23.73
C PRO E 168 24.98 -18.82 22.60
N SER E 169 25.99 -18.08 22.15
CA SER E 169 25.84 -17.17 21.03
C SER E 169 27.02 -17.29 20.06
N LYS E 170 26.73 -17.11 18.78
CA LYS E 170 27.72 -17.35 17.74
C LYS E 170 28.80 -16.27 17.72
N GLN E 171 30.06 -16.69 17.61
CA GLN E 171 31.19 -15.78 17.49
C GLN E 171 31.44 -15.40 16.03
N SER E 172 32.40 -14.49 15.83
CA SER E 172 32.74 -14.12 14.46
C SER E 172 33.32 -15.31 13.68
N ASN E 173 34.05 -16.20 14.34
CA ASN E 173 34.67 -17.32 13.66
C ASN E 173 33.75 -18.54 13.56
N ASN E 174 32.44 -18.36 13.76
CA ASN E 174 31.42 -19.41 13.71
C ASN E 174 31.50 -20.43 14.85
N LYS E 175 32.42 -20.29 15.78
CA LYS E 175 32.26 -21.05 17.01
C LYS E 175 31.31 -20.29 17.93
N TYR E 176 31.11 -20.81 19.13
CA TYR E 176 30.12 -20.28 20.06
C TYR E 176 30.77 -19.89 21.39
N ALA E 177 30.13 -18.95 22.08
CA ALA E 177 30.54 -18.56 23.41
C ALA E 177 29.33 -18.52 24.33
N ALA E 178 29.61 -18.72 25.61
CA ALA E 178 28.65 -18.59 26.69
C ALA E 178 29.40 -18.15 27.94
N SER E 179 28.66 -17.80 28.98
CA SER E 179 29.29 -17.45 30.23
C SER E 179 28.31 -17.78 31.34
N SER E 180 28.85 -17.94 32.54
CA SER E 180 28.06 -18.28 33.71
C SER E 180 28.60 -17.57 34.93
N TYR E 181 27.71 -17.16 35.82
CA TYR E 181 28.02 -16.30 36.96
C TYR E 181 27.45 -16.97 38.20
N LEU E 182 28.30 -17.22 39.20
CA LEU E 182 27.86 -17.74 40.50
C LEU E 182 28.01 -16.64 41.56
N SER E 183 26.88 -16.17 42.10
CA SER E 183 26.87 -15.09 43.12
C SER E 183 26.74 -15.65 44.53
N LEU E 184 27.79 -15.44 45.33
CA LEU E 184 27.90 -15.83 46.72
C LEU E 184 28.13 -14.57 47.57
N THR E 185 28.05 -14.76 48.88
CA THR E 185 28.55 -13.77 49.82
C THR E 185 30.01 -14.05 50.10
N SER E 186 30.67 -13.10 50.77
CA SER E 186 32.06 -13.32 51.17
C SER E 186 32.22 -14.57 52.04
N ASP E 187 31.29 -14.80 52.98
CA ASP E 187 31.43 -15.91 53.93
C ASP E 187 31.33 -17.24 53.23
N GLN E 188 30.45 -17.36 52.24
CA GLN E 188 30.39 -18.59 51.47
C GLN E 188 31.70 -18.86 50.77
N TRP E 189 32.25 -17.84 50.12
CA TRP E 189 33.51 -18.00 49.40
C TRP E 189 34.61 -18.46 50.35
N LYS E 190 34.71 -17.82 51.53
CA LYS E 190 35.76 -18.20 52.46
C LYS E 190 35.50 -19.54 53.14
N SER E 191 34.24 -19.99 53.20
CA SER E 191 33.90 -21.20 53.94
C SER E 191 34.39 -22.45 53.23
N HIS E 192 34.33 -22.48 51.89
CA HIS E 192 34.68 -23.68 51.15
C HIS E 192 36.13 -23.69 50.71
N LYS E 193 36.59 -24.90 50.37
CA LYS E 193 38.00 -25.11 50.07
C LYS E 193 38.34 -24.77 48.63
N SER E 194 37.41 -25.02 47.71
CA SER E 194 37.57 -24.73 46.30
C SER E 194 36.19 -24.73 45.66
N TYR E 195 36.07 -23.99 44.54
CA TYR E 195 34.87 -23.93 43.70
C TYR E 195 35.23 -24.30 42.27
N SER E 196 34.27 -24.88 41.54
CA SER E 196 34.55 -25.38 40.19
C SER E 196 33.44 -25.02 39.22
N CYS E 197 33.82 -24.68 37.99
CA CYS E 197 32.91 -24.53 36.86
C CYS E 197 33.18 -25.70 35.92
N GLN E 198 32.15 -26.50 35.64
CA GLN E 198 32.22 -27.71 34.83
C GLN E 198 31.40 -27.52 33.58
N VAL E 199 32.04 -27.63 32.41
CA VAL E 199 31.38 -27.37 31.13
C VAL E 199 31.28 -28.69 30.37
N THR E 200 30.05 -29.12 30.07
CA THR E 200 29.82 -30.34 29.31
C THR E 200 29.45 -29.98 27.87
N HIS E 201 30.13 -30.60 26.92
CA HIS E 201 29.95 -30.31 25.51
C HIS E 201 30.18 -31.59 24.73
N GLU E 202 29.22 -31.94 23.88
CA GLU E 202 29.24 -33.19 23.14
C GLU E 202 29.72 -34.32 24.02
N GLY E 203 29.17 -34.36 25.22
CA GLY E 203 29.40 -35.45 26.08
C GLY E 203 30.70 -35.48 26.85
N SER E 204 31.64 -34.56 26.60
CA SER E 204 32.84 -34.50 27.44
C SER E 204 32.84 -33.20 28.22
N THR E 205 33.65 -33.12 29.28
CA THR E 205 33.64 -31.94 30.13
C THR E 205 35.04 -31.33 30.24
N VAL E 206 35.07 -30.01 30.29
CA VAL E 206 36.23 -29.24 30.74
C VAL E 206 35.84 -28.58 32.06
N GLU E 207 36.60 -28.83 33.12
CA GLU E 207 36.28 -28.26 34.42
C GLU E 207 37.46 -27.43 34.91
N LYS E 208 37.16 -26.24 35.42
CA LYS E 208 38.16 -25.33 35.97
C LYS E 208 37.87 -25.09 37.44
N THR E 209 38.92 -24.91 38.25
CA THR E 209 38.81 -24.81 39.69
C THR E 209 39.51 -23.56 40.21
N VAL E 210 38.96 -22.98 41.25
CA VAL E 210 39.55 -21.80 41.87
C VAL E 210 39.39 -21.95 43.38
N ALA E 211 40.34 -21.41 44.14
CA ALA E 211 40.34 -21.58 45.59
C ALA E 211 40.76 -20.31 46.32
N PRO E 212 40.17 -20.01 47.49
CA PRO E 212 40.54 -18.88 48.36
C PRO E 212 41.95 -19.04 48.96
N ALA F 1 17.61 1.26 -7.11
CA ALA F 1 18.42 1.86 -6.06
C ALA F 1 19.56 0.94 -5.62
N VAL F 2 20.70 1.50 -5.22
CA VAL F 2 21.77 0.69 -4.63
C VAL F 2 21.41 0.57 -3.16
N GLY F 3 20.50 -0.34 -2.85
CA GLY F 3 19.92 -0.38 -1.53
C GLY F 3 18.45 0.00 -1.52
N ILE F 4 18.00 0.71 -0.49
CA ILE F 4 16.59 1.09 -0.40
C ILE F 4 16.48 2.59 -0.71
N GLY F 5 15.76 2.91 -1.80
CA GLY F 5 15.65 4.27 -2.29
C GLY F 5 14.40 4.48 -3.11
N ALA F 6 14.54 5.13 -4.27
CA ALA F 6 13.39 5.36 -5.13
C ALA F 6 12.81 4.04 -5.56
N VAL F 7 11.47 3.94 -5.58
CA VAL F 7 10.86 2.65 -5.88
C VAL F 7 11.26 2.23 -7.28
N PHE F 8 10.85 3.04 -8.26
CA PHE F 8 11.43 3.06 -9.60
C PHE F 8 10.87 4.29 -10.28
N VAL G 2 3.41 -34.50 -15.02
CA VAL G 2 3.11 -33.11 -15.34
C VAL G 2 2.13 -33.00 -16.49
N GLN G 3 2.27 -33.83 -17.53
CA GLN G 3 1.59 -33.61 -18.81
C GLN G 3 0.72 -34.78 -19.26
N LEU G 4 -0.51 -34.48 -19.68
CA LEU G 4 -1.48 -35.50 -20.06
C LEU G 4 -2.00 -35.17 -21.45
N GLN G 5 -2.08 -36.17 -22.33
CA GLN G 5 -2.53 -35.91 -23.71
C GLN G 5 -3.48 -37.01 -24.19
N GLU G 6 -4.74 -36.67 -24.43
CA GLU G 6 -5.71 -37.63 -24.96
C GLU G 6 -5.43 -37.96 -26.43
N SER G 7 -5.93 -39.12 -26.86
CA SER G 7 -5.86 -39.52 -28.25
C SER G 7 -6.81 -38.66 -29.08
N GLY G 8 -6.87 -38.92 -30.39
CA GLY G 8 -7.50 -38.07 -31.37
C GLY G 8 -9.01 -38.09 -31.44
N PRO G 9 -9.63 -36.96 -31.85
CA PRO G 9 -11.09 -36.86 -31.86
C PRO G 9 -11.70 -37.72 -32.95
N GLY G 10 -12.97 -38.04 -32.78
CA GLY G 10 -13.49 -38.94 -33.80
C GLY G 10 -14.94 -39.32 -33.61
N LEU G 11 -15.35 -40.17 -34.55
CA LEU G 11 -16.69 -40.69 -34.69
C LEU G 11 -16.72 -42.12 -34.15
N VAL G 12 -17.77 -42.45 -33.41
CA VAL G 12 -18.06 -43.84 -33.04
C VAL G 12 -19.52 -44.09 -33.38
N LYS G 13 -19.81 -45.24 -33.97
CA LYS G 13 -21.18 -45.54 -34.35
C LYS G 13 -22.00 -46.02 -33.15
N PRO G 14 -23.30 -45.75 -33.13
CA PRO G 14 -24.14 -46.25 -32.03
C PRO G 14 -23.99 -47.75 -31.90
N SER G 15 -23.88 -48.22 -30.65
CA SER G 15 -23.68 -49.60 -30.20
C SER G 15 -22.22 -50.04 -30.28
N GLU G 16 -21.31 -49.23 -30.80
CA GLU G 16 -19.92 -49.64 -30.85
C GLU G 16 -19.27 -49.31 -29.50
N THR G 17 -17.95 -49.47 -29.42
CA THR G 17 -17.22 -49.24 -28.19
C THR G 17 -16.32 -48.04 -28.40
N LEU G 18 -16.54 -47.00 -27.60
CA LEU G 18 -15.63 -45.87 -27.53
C LEU G 18 -14.34 -46.30 -26.84
N SER G 19 -13.21 -45.93 -27.43
CA SER G 19 -11.93 -46.33 -26.89
C SER G 19 -10.97 -45.15 -26.96
N LEU G 20 -10.53 -44.70 -25.81
CA LEU G 20 -9.61 -43.58 -25.73
C LEU G 20 -8.39 -44.02 -24.96
N THR G 21 -7.28 -43.32 -25.20
CA THR G 21 -6.08 -43.48 -24.41
C THR G 21 -5.53 -42.09 -24.09
N CYS G 22 -4.84 -42.01 -22.96
CA CYS G 22 -4.18 -40.79 -22.48
C CYS G 22 -2.72 -41.13 -22.27
N ALA G 23 -1.86 -40.42 -23.00
CA ALA G 23 -0.43 -40.62 -22.86
C ALA G 23 0.10 -39.60 -21.86
N VAL G 24 0.82 -40.09 -20.86
CA VAL G 24 1.32 -39.29 -19.76
C VAL G 24 2.81 -39.10 -19.94
N THR G 25 3.30 -37.89 -19.74
CA THR G 25 4.73 -37.62 -19.73
C THR G 25 5.05 -36.71 -18.56
N GLY G 26 6.28 -36.82 -18.07
CA GLY G 26 6.70 -36.06 -16.92
C GLY G 26 6.36 -36.68 -15.58
N GLY G 27 6.01 -37.95 -15.57
CA GLY G 27 5.71 -38.65 -14.34
C GLY G 27 5.26 -40.05 -14.70
N SER G 28 5.33 -40.93 -13.71
CA SER G 28 5.08 -42.34 -13.99
C SER G 28 3.61 -42.66 -13.81
N ILE G 29 3.06 -43.44 -14.76
CA ILE G 29 1.68 -43.88 -14.65
C ILE G 29 1.48 -44.80 -13.47
N SER G 30 2.57 -45.31 -12.88
CA SER G 30 2.46 -46.22 -11.76
C SER G 30 2.48 -45.49 -10.43
N ASP G 31 2.60 -44.16 -10.41
CA ASP G 31 2.61 -43.44 -9.15
C ASP G 31 1.28 -43.58 -8.43
N ALA G 32 1.31 -43.28 -7.14
CA ALA G 32 0.15 -43.40 -6.25
C ALA G 32 -0.71 -42.17 -6.45
N TYR G 33 -1.30 -42.09 -7.65
CA TYR G 33 -2.18 -41.00 -8.03
C TYR G 33 -3.41 -41.59 -8.70
N TYR G 34 -4.46 -40.77 -8.75
CA TYR G 34 -5.73 -41.20 -9.31
C TYR G 34 -5.85 -40.67 -10.73
N TRP G 35 -6.00 -41.57 -11.69
CA TRP G 35 -6.12 -41.23 -13.11
C TRP G 35 -7.58 -41.36 -13.49
N SER G 36 -8.21 -40.21 -13.73
CA SER G 36 -9.64 -40.11 -13.94
C SER G 36 -9.95 -39.86 -15.41
N TRP G 37 -11.14 -40.29 -15.82
CA TRP G 37 -11.77 -39.83 -17.05
C TRP G 37 -13.02 -39.04 -16.67
N ILE G 38 -13.15 -37.85 -17.25
CA ILE G 38 -14.27 -36.96 -16.99
C ILE G 38 -14.77 -36.49 -18.34
N ARG G 39 -16.09 -36.44 -18.53
CA ARG G 39 -16.59 -35.96 -19.81
C ARG G 39 -17.54 -34.77 -19.59
N GLN G 40 -17.59 -33.90 -20.59
CA GLN G 40 -18.43 -32.73 -20.57
C GLN G 40 -19.35 -32.78 -21.79
N PHE G 41 -20.64 -32.81 -21.55
CA PHE G 41 -21.63 -32.90 -22.60
C PHE G 41 -21.86 -31.54 -23.25
N PRO G 42 -22.39 -31.52 -24.46
CA PRO G 42 -22.94 -30.28 -25.00
C PRO G 42 -24.01 -29.78 -24.06
N GLY G 43 -24.01 -28.49 -23.80
CA GLY G 43 -24.80 -27.95 -22.73
C GLY G 43 -24.01 -27.73 -21.47
N LYS G 44 -22.77 -28.22 -21.44
CA LYS G 44 -21.74 -27.96 -20.44
C LYS G 44 -21.77 -28.84 -19.18
N ARG G 45 -22.67 -29.83 -19.06
CA ARG G 45 -22.69 -30.69 -17.87
C ARG G 45 -21.41 -31.51 -17.75
N LEU G 46 -20.83 -31.54 -16.55
CA LEU G 46 -19.63 -32.33 -16.30
C LEU G 46 -19.98 -33.62 -15.57
N GLU G 47 -19.33 -34.70 -15.98
CA GLU G 47 -19.58 -36.00 -15.38
C GLU G 47 -18.29 -36.74 -15.18
N TRP G 48 -18.07 -37.23 -13.96
CA TRP G 48 -16.93 -38.07 -13.65
C TRP G 48 -17.26 -39.51 -14.02
N ILE G 49 -16.45 -40.11 -14.89
CA ILE G 49 -16.69 -41.47 -15.37
C ILE G 49 -16.11 -42.51 -14.42
N GLY G 50 -14.85 -42.33 -14.01
CA GLY G 50 -14.20 -43.25 -13.10
C GLY G 50 -12.72 -42.95 -13.05
N TYR G 51 -12.03 -43.70 -12.17
CA TYR G 51 -10.57 -43.62 -12.14
C TYR G 51 -9.94 -44.94 -11.80
N ILE G 52 -8.63 -44.99 -12.06
CA ILE G 52 -7.75 -46.10 -11.75
C ILE G 52 -6.57 -45.56 -10.95
N TYR G 53 -6.19 -46.28 -9.89
CA TYR G 53 -5.08 -45.88 -9.02
C TYR G 53 -3.79 -46.43 -9.61
N GLY G 54 -2.79 -45.55 -9.79
CA GLY G 54 -1.60 -45.97 -10.52
C GLY G 54 -0.84 -47.10 -9.83
N SER G 55 -0.83 -47.09 -8.49
CA SER G 55 -0.02 -48.02 -7.71
C SER G 55 -0.57 -49.44 -7.71
N THR G 56 -1.90 -49.62 -7.79
CA THR G 56 -2.45 -50.95 -7.67
C THR G 56 -3.21 -51.42 -8.91
N GLY G 57 -3.70 -50.52 -9.75
CA GLY G 57 -4.61 -50.89 -10.82
C GLY G 57 -6.05 -51.06 -10.40
N GLY G 58 -6.37 -50.77 -9.14
CA GLY G 58 -7.75 -50.80 -8.70
C GLY G 58 -8.55 -49.65 -9.31
N THR G 59 -9.83 -49.92 -9.56
CA THR G 59 -10.68 -48.94 -10.24
C THR G 59 -11.94 -48.68 -9.45
N ARG G 60 -12.47 -47.47 -9.62
CA ARG G 60 -13.83 -47.17 -9.22
C ARG G 60 -14.48 -46.47 -10.38
N TYR G 61 -15.75 -46.79 -10.64
CA TYR G 61 -16.52 -46.23 -11.73
C TYR G 61 -17.81 -45.62 -11.18
N ASN G 62 -18.29 -44.60 -11.89
CA ASN G 62 -19.61 -44.05 -11.62
C ASN G 62 -20.65 -45.15 -11.77
N PRO G 63 -21.40 -45.49 -10.73
CA PRO G 63 -22.16 -46.76 -10.71
C PRO G 63 -23.13 -46.94 -11.88
N PRO G 64 -23.89 -45.92 -12.32
CA PRO G 64 -24.77 -46.13 -13.48
C PRO G 64 -24.06 -46.59 -14.75
N LEU G 65 -22.76 -46.35 -14.87
CA LEU G 65 -21.97 -46.74 -16.03
C LEU G 65 -21.22 -48.05 -15.86
N LYS G 66 -21.31 -48.71 -14.70
CA LYS G 66 -20.33 -49.73 -14.35
C LYS G 66 -20.33 -50.91 -15.31
N ASN G 67 -21.46 -51.29 -15.84
CA ASN G 67 -21.39 -52.45 -16.71
C ASN G 67 -20.90 -52.12 -18.12
N ARG G 68 -20.73 -50.84 -18.45
CA ARG G 68 -20.26 -50.45 -19.78
C ARG G 68 -18.81 -50.01 -19.80
N VAL G 69 -18.20 -49.76 -18.65
CA VAL G 69 -16.97 -48.98 -18.57
C VAL G 69 -15.79 -49.86 -18.15
N SER G 70 -14.62 -49.52 -18.68
CA SER G 70 -13.37 -50.12 -18.23
C SER G 70 -12.27 -49.07 -18.29
N ILE G 71 -11.46 -48.98 -17.25
CA ILE G 71 -10.29 -48.13 -17.27
C ILE G 71 -9.08 -49.05 -17.05
N SER G 72 -8.01 -48.83 -17.83
CA SER G 72 -6.87 -49.73 -17.77
C SER G 72 -5.58 -48.93 -17.84
N ILE G 73 -4.49 -49.58 -17.45
CA ILE G 73 -3.17 -48.96 -17.43
C ILE G 73 -2.26 -49.79 -18.33
N ASP G 74 -1.37 -49.11 -19.05
CA ASP G 74 -0.33 -49.77 -19.83
C ASP G 74 0.99 -49.16 -19.39
N THR G 75 1.77 -49.95 -18.66
CA THR G 75 3.00 -49.44 -18.08
C THR G 75 4.07 -49.28 -19.15
N SER G 76 4.12 -50.20 -20.12
CA SER G 76 5.14 -50.13 -21.16
C SER G 76 5.01 -48.83 -21.96
N LYS G 77 3.78 -48.35 -22.18
CA LYS G 77 3.59 -47.09 -22.89
C LYS G 77 3.21 -45.95 -21.98
N ASN G 78 3.25 -46.15 -20.66
CA ASN G 78 2.97 -45.10 -19.68
C ASN G 78 1.69 -44.35 -20.01
N GLN G 79 0.59 -45.11 -20.10
CA GLN G 79 -0.67 -44.53 -20.55
C GLN G 79 -1.82 -45.18 -19.80
N PHE G 80 -2.98 -44.52 -19.79
CA PHE G 80 -4.17 -45.19 -19.27
C PHE G 80 -5.28 -44.99 -20.26
N SER G 81 -6.33 -45.79 -20.15
CA SER G 81 -7.26 -45.91 -21.25
C SER G 81 -8.68 -46.09 -20.74
N LEU G 82 -9.62 -45.71 -21.62
CA LEU G 82 -11.04 -45.79 -21.36
C LEU G 82 -11.72 -46.60 -22.45
N LYS G 83 -12.61 -47.49 -22.03
CA LYS G 83 -13.48 -48.22 -22.94
C LYS G 83 -14.91 -48.05 -22.45
N LEU G 84 -15.76 -47.50 -23.29
CA LEU G 84 -17.16 -47.30 -22.99
C LEU G 84 -17.96 -48.06 -24.04
N ARG G 85 -18.71 -49.06 -23.59
CA ARG G 85 -19.37 -49.98 -24.50
C ARG G 85 -20.79 -49.53 -24.81
N SER G 86 -21.34 -50.12 -25.88
CA SER G 86 -22.74 -49.92 -26.23
C SER G 86 -23.11 -48.45 -26.27
N VAL G 87 -22.34 -47.69 -27.02
CA VAL G 87 -22.40 -46.24 -26.92
C VAL G 87 -23.66 -45.73 -27.64
N THR G 88 -24.15 -44.59 -27.19
CA THR G 88 -25.36 -43.97 -27.70
C THR G 88 -25.06 -42.50 -27.94
N ALA G 89 -25.93 -41.82 -28.71
CA ALA G 89 -25.79 -40.40 -28.91
C ALA G 89 -25.72 -39.64 -27.60
N ALA G 90 -26.26 -40.21 -26.52
CA ALA G 90 -26.12 -39.59 -25.22
C ALA G 90 -24.68 -39.53 -24.75
N ASP G 91 -23.77 -40.27 -25.37
CA ASP G 91 -22.38 -40.28 -24.98
C ASP G 91 -21.49 -39.30 -25.76
N THR G 92 -22.05 -38.49 -26.64
CA THR G 92 -21.28 -37.48 -27.36
C THR G 92 -20.76 -36.45 -26.37
N ALA G 93 -19.45 -36.25 -26.33
CA ALA G 93 -18.94 -35.33 -25.31
C ALA G 93 -17.47 -35.06 -25.53
N VAL G 94 -16.94 -34.05 -24.84
CA VAL G 94 -15.50 -33.85 -24.73
C VAL G 94 -14.99 -34.66 -23.53
N TYR G 95 -14.02 -35.52 -23.77
CA TYR G 95 -13.50 -36.42 -22.75
C TYR G 95 -12.13 -35.92 -22.34
N TYR G 96 -11.96 -35.75 -21.03
CA TYR G 96 -10.70 -35.33 -20.42
C TYR G 96 -10.13 -36.45 -19.58
N CYS G 97 -8.82 -36.66 -19.70
CA CYS G 97 -8.08 -37.42 -18.73
C CYS G 97 -7.47 -36.46 -17.71
N VAL G 98 -7.44 -36.86 -16.44
CA VAL G 98 -6.97 -35.95 -15.41
C VAL G 98 -6.29 -36.74 -14.31
N ARG G 99 -5.33 -36.13 -13.64
CA ARG G 99 -4.67 -36.75 -12.51
C ARG G 99 -4.77 -35.81 -11.32
N ASP G 100 -4.99 -36.36 -10.13
CA ASP G 100 -5.07 -35.47 -8.99
C ASP G 100 -3.67 -34.90 -8.70
N GLY G 101 -3.66 -33.76 -8.03
CA GLY G 101 -2.42 -33.05 -7.79
C GLY G 101 -1.61 -33.59 -6.62
N VAL G 102 -0.34 -33.15 -6.56
CA VAL G 102 0.52 -33.47 -5.43
C VAL G 102 0.01 -32.79 -4.16
N ALA G 103 0.07 -33.51 -3.05
CA ALA G 103 -0.47 -33.00 -1.78
C ALA G 103 0.63 -32.27 -0.99
N THR G 104 0.98 -31.07 -1.45
CA THR G 104 1.88 -30.15 -0.73
C THR G 104 1.30 -28.76 -0.87
N ILE G 105 1.74 -27.85 0.01
CA ILE G 105 1.05 -26.56 0.04
C ILE G 105 1.31 -25.76 -1.25
N GLU G 106 2.48 -25.91 -1.94
CA GLU G 106 2.60 -25.21 -3.21
C GLU G 106 2.20 -26.09 -4.38
N THR G 107 1.19 -26.92 -4.22
CA THR G 107 0.74 -27.67 -5.37
C THR G 107 0.13 -26.75 -6.44
N THR G 108 0.34 -27.14 -7.69
CA THR G 108 -0.22 -26.42 -8.82
C THR G 108 -1.70 -26.72 -8.99
N GLY G 109 -2.19 -27.82 -8.42
CA GLY G 109 -3.58 -28.21 -8.58
C GLY G 109 -3.58 -29.58 -9.23
N ASP G 110 -4.71 -30.01 -9.77
CA ASP G 110 -4.71 -31.26 -10.52
C ASP G 110 -4.21 -31.00 -11.94
N HIS G 111 -4.12 -32.05 -12.75
CA HIS G 111 -3.59 -31.94 -14.10
C HIS G 111 -4.60 -32.48 -15.09
N TRP G 112 -5.02 -31.65 -16.04
CA TRP G 112 -6.04 -32.00 -17.01
C TRP G 112 -5.45 -32.10 -18.40
N GLY G 113 -5.95 -33.05 -19.19
CA GLY G 113 -5.67 -33.06 -20.60
C GLY G 113 -6.41 -31.92 -21.28
N GLN G 114 -6.26 -31.86 -22.60
CA GLN G 114 -6.88 -30.79 -23.36
C GLN G 114 -8.30 -31.11 -23.79
N GLY G 115 -8.72 -32.36 -23.65
CA GLY G 115 -10.05 -32.74 -24.04
C GLY G 115 -10.08 -33.22 -25.47
N VAL G 116 -10.87 -34.26 -25.73
CA VAL G 116 -11.02 -34.82 -27.07
C VAL G 116 -12.51 -35.04 -27.32
N LEU G 117 -13.01 -34.45 -28.41
CA LEU G 117 -14.41 -34.57 -28.81
C LEU G 117 -14.68 -35.93 -29.44
N VAL G 118 -15.61 -36.67 -28.85
CA VAL G 118 -16.11 -37.91 -29.43
C VAL G 118 -17.57 -37.71 -29.79
N THR G 119 -17.90 -37.98 -31.07
CA THR G 119 -19.25 -37.83 -31.58
C THR G 119 -19.82 -39.21 -31.87
N VAL G 120 -21.01 -39.49 -31.34
CA VAL G 120 -21.68 -40.75 -31.57
C VAL G 120 -22.77 -40.47 -32.61
N SER G 121 -22.64 -41.06 -33.78
CA SER G 121 -23.56 -40.76 -34.87
C SER G 121 -23.56 -41.92 -35.85
N SER G 122 -24.72 -42.13 -36.47
CA SER G 122 -24.75 -43.08 -37.56
C SER G 122 -24.21 -42.49 -38.86
N ALA G 123 -24.10 -41.17 -38.97
CA ALA G 123 -23.53 -40.60 -40.19
C ALA G 123 -22.08 -41.04 -40.36
N SER G 124 -21.52 -40.85 -41.55
CA SER G 124 -20.14 -41.25 -41.77
C SER G 124 -19.28 -39.99 -41.81
N THR G 125 -17.99 -40.17 -41.59
CA THR G 125 -17.06 -39.04 -41.62
C THR G 125 -16.95 -38.46 -43.03
N LYS G 126 -16.72 -37.15 -43.11
CA LYS G 126 -16.51 -36.48 -44.38
C LYS G 126 -15.52 -35.35 -44.17
N GLY G 127 -14.40 -35.39 -44.90
CA GLY G 127 -13.39 -34.37 -44.78
C GLY G 127 -13.82 -33.11 -45.52
N PRO G 128 -13.21 -31.97 -45.20
CA PRO G 128 -13.72 -30.72 -45.74
C PRO G 128 -13.24 -30.46 -47.16
N SER G 129 -13.97 -29.56 -47.83
CA SER G 129 -13.42 -28.85 -48.96
C SER G 129 -12.91 -27.53 -48.44
N VAL G 130 -11.78 -27.07 -48.95
CA VAL G 130 -11.17 -25.86 -48.44
C VAL G 130 -11.07 -24.86 -49.57
N PHE G 131 -11.72 -23.72 -49.41
CA PHE G 131 -11.76 -22.70 -50.43
C PHE G 131 -11.15 -21.42 -49.88
N PRO G 132 -10.49 -20.63 -50.73
CA PRO G 132 -9.94 -19.36 -50.26
C PRO G 132 -11.02 -18.29 -50.11
N LEU G 133 -10.90 -17.50 -49.06
CA LEU G 133 -11.74 -16.32 -48.86
C LEU G 133 -10.81 -15.13 -49.09
N ALA G 134 -10.89 -14.53 -50.27
CA ALA G 134 -10.12 -13.35 -50.66
C ALA G 134 -11.04 -12.16 -50.90
N PRO G 135 -10.59 -10.93 -50.59
CA PRO G 135 -11.46 -9.77 -50.83
C PRO G 135 -11.61 -9.48 -52.33
N GLU G 142 -9.02 -1.35 -48.26
CA GLU G 142 -9.05 -0.73 -46.94
C GLU G 142 -7.64 -0.82 -46.28
N SER G 143 -7.47 -0.27 -45.08
CA SER G 143 -6.14 -0.18 -44.49
C SER G 143 -5.64 -1.54 -44.02
N THR G 144 -6.53 -2.35 -43.47
CA THR G 144 -6.24 -3.74 -43.16
C THR G 144 -7.05 -4.64 -44.09
N ALA G 145 -6.54 -5.84 -44.34
CA ALA G 145 -7.20 -6.79 -45.22
C ALA G 145 -7.41 -8.09 -44.48
N ALA G 146 -8.58 -8.67 -44.66
CA ALA G 146 -8.88 -9.97 -44.07
C ALA G 146 -8.82 -11.01 -45.18
N LEU G 147 -8.08 -12.07 -44.94
CA LEU G 147 -8.11 -13.18 -45.88
C LEU G 147 -8.23 -14.46 -45.08
N GLY G 148 -8.83 -15.48 -45.68
CA GLY G 148 -9.11 -16.65 -44.90
C GLY G 148 -9.34 -17.89 -45.71
N CYS G 149 -9.85 -18.91 -45.03
CA CYS G 149 -10.20 -20.18 -45.61
C CYS G 149 -11.61 -20.55 -45.17
N LEU G 150 -12.44 -20.97 -46.12
CA LEU G 150 -13.73 -21.55 -45.85
C LEU G 150 -13.56 -23.06 -45.86
N VAL G 151 -13.85 -23.67 -44.72
CA VAL G 151 -13.72 -25.10 -44.53
C VAL G 151 -15.15 -25.62 -44.59
N LYS G 152 -15.52 -26.16 -45.74
CA LYS G 152 -16.92 -26.39 -46.09
C LYS G 152 -17.24 -27.87 -46.03
N ASP G 153 -18.37 -28.20 -45.43
CA ASP G 153 -19.01 -29.51 -45.51
C ASP G 153 -18.12 -30.62 -44.94
N TYR G 154 -17.90 -30.57 -43.64
CA TYR G 154 -17.20 -31.67 -42.97
C TYR G 154 -18.03 -32.24 -41.83
N PHE G 155 -17.68 -33.45 -41.40
CA PHE G 155 -18.37 -34.10 -40.28
C PHE G 155 -17.49 -35.22 -39.78
N PRO G 156 -17.41 -35.46 -38.47
CA PRO G 156 -18.00 -34.64 -37.42
C PRO G 156 -17.04 -33.53 -37.07
N GLU G 157 -17.35 -32.74 -36.06
CA GLU G 157 -16.38 -31.84 -35.48
C GLU G 157 -15.27 -32.63 -34.82
N PRO G 158 -14.08 -32.01 -34.59
CA PRO G 158 -13.59 -30.65 -34.82
C PRO G 158 -12.63 -30.52 -35.98
N VAL G 159 -12.37 -29.28 -36.34
CA VAL G 159 -11.33 -28.94 -37.30
C VAL G 159 -10.41 -27.94 -36.63
N THR G 160 -9.11 -28.08 -36.85
CA THR G 160 -8.17 -27.11 -36.34
C THR G 160 -7.62 -26.34 -37.54
N VAL G 161 -7.43 -25.05 -37.35
CA VAL G 161 -6.81 -24.24 -38.38
C VAL G 161 -5.66 -23.50 -37.77
N SER G 162 -4.51 -23.57 -38.44
CA SER G 162 -3.38 -22.74 -38.07
C SER G 162 -2.95 -22.01 -39.34
N TRP G 163 -2.03 -21.08 -39.20
CA TRP G 163 -1.60 -20.29 -40.35
C TRP G 163 -0.08 -20.28 -40.43
N ASN G 164 0.42 -20.47 -41.64
CA ASN G 164 1.85 -20.58 -41.88
C ASN G 164 2.50 -21.53 -40.88
N SER G 165 1.93 -22.73 -40.78
CA SER G 165 2.40 -23.80 -39.91
C SER G 165 2.44 -23.38 -38.44
N GLY G 166 1.64 -22.39 -38.06
CA GLY G 166 1.65 -21.92 -36.70
C GLY G 166 2.60 -20.78 -36.44
N SER G 167 3.33 -20.31 -37.46
CA SER G 167 4.23 -19.18 -37.32
C SER G 167 3.55 -17.85 -37.59
N LEU G 168 2.22 -17.85 -37.71
CA LEU G 168 1.39 -16.64 -37.83
C LEU G 168 0.25 -16.81 -36.84
N THR G 169 0.36 -16.12 -35.72
CA THR G 169 -0.66 -16.17 -34.67
C THR G 169 -1.45 -14.88 -34.58
N SER G 170 -0.80 -13.73 -34.60
CA SER G 170 -1.48 -12.48 -34.32
C SER G 170 -2.39 -12.09 -35.47
N GLY G 171 -3.63 -11.74 -35.14
CA GLY G 171 -4.58 -11.42 -36.18
C GLY G 171 -5.40 -12.58 -36.68
N VAL G 172 -5.23 -13.79 -36.11
CA VAL G 172 -5.97 -14.98 -36.54
C VAL G 172 -7.24 -15.09 -35.73
N HIS G 173 -8.35 -15.40 -36.39
CA HIS G 173 -9.65 -15.55 -35.75
C HIS G 173 -10.36 -16.68 -36.49
N THR G 174 -10.55 -17.82 -35.81
CA THR G 174 -11.26 -18.95 -36.37
C THR G 174 -12.62 -18.98 -35.69
N PHE G 175 -13.65 -18.95 -36.45
CA PHE G 175 -15.00 -18.80 -35.91
C PHE G 175 -15.62 -20.16 -35.62
N PRO G 176 -16.48 -20.26 -34.61
CA PRO G 176 -17.19 -21.51 -34.37
C PRO G 176 -17.96 -21.97 -35.60
N ALA G 177 -17.97 -23.27 -35.82
CA ALA G 177 -18.58 -23.86 -36.99
C ALA G 177 -20.09 -23.70 -36.95
N VAL G 178 -20.68 -23.72 -38.15
CA VAL G 178 -22.13 -23.72 -38.33
C VAL G 178 -22.54 -25.13 -38.76
N LEU G 179 -23.70 -25.58 -38.28
CA LEU G 179 -24.29 -26.86 -38.68
C LEU G 179 -25.45 -26.62 -39.65
N GLN G 180 -25.25 -26.97 -40.92
CA GLN G 180 -26.26 -26.74 -41.94
C GLN G 180 -27.24 -27.91 -42.02
N SER G 181 -28.37 -27.64 -42.66
CA SER G 181 -29.45 -28.63 -42.81
C SER G 181 -28.97 -29.93 -43.44
N SER G 182 -27.88 -29.90 -44.20
CA SER G 182 -27.33 -31.12 -44.76
C SER G 182 -26.78 -32.07 -43.71
N GLY G 183 -26.64 -31.62 -42.46
CA GLY G 183 -25.97 -32.40 -41.43
C GLY G 183 -24.47 -32.21 -41.40
N LEU G 184 -23.91 -31.33 -42.24
CA LEU G 184 -22.46 -31.12 -42.31
C LEU G 184 -22.08 -29.76 -41.74
N TYR G 185 -20.86 -29.69 -41.22
CA TYR G 185 -20.34 -28.46 -40.63
C TYR G 185 -19.57 -27.67 -41.66
N SER G 186 -19.54 -26.36 -41.47
CA SER G 186 -18.61 -25.48 -42.16
C SER G 186 -18.11 -24.47 -41.14
N LEU G 187 -16.86 -24.04 -41.29
CA LEU G 187 -16.33 -22.95 -40.49
C LEU G 187 -15.43 -22.12 -41.36
N SER G 188 -15.05 -20.94 -40.85
CA SER G 188 -14.15 -20.04 -41.57
C SER G 188 -13.05 -19.60 -40.63
N SER G 189 -11.84 -19.50 -41.16
CA SER G 189 -10.74 -18.96 -40.40
C SER G 189 -10.20 -17.75 -41.16
N VAL G 190 -9.90 -16.70 -40.43
CA VAL G 190 -9.53 -15.46 -41.05
C VAL G 190 -8.29 -14.95 -40.37
N VAL G 191 -7.44 -14.29 -41.13
CA VAL G 191 -6.35 -13.55 -40.54
C VAL G 191 -6.41 -12.13 -41.11
N THR G 192 -6.35 -11.14 -40.21
CA THR G 192 -6.35 -9.73 -40.57
C THR G 192 -4.92 -9.23 -40.56
N VAL G 193 -4.58 -8.46 -41.58
CA VAL G 193 -3.18 -8.18 -41.80
C VAL G 193 -3.08 -6.77 -42.40
N PRO G 194 -1.98 -6.05 -42.21
CA PRO G 194 -1.89 -4.71 -42.83
C PRO G 194 -1.88 -4.80 -44.36
N SER G 195 -2.66 -3.93 -45.01
CA SER G 195 -2.80 -4.02 -46.46
C SER G 195 -1.45 -4.00 -47.15
N SER G 196 -0.48 -3.30 -46.56
CA SER G 196 0.90 -3.36 -47.01
C SER G 196 1.41 -4.81 -47.13
N SER G 197 0.95 -5.71 -46.25
CA SER G 197 1.50 -7.04 -46.13
C SER G 197 1.24 -7.90 -47.34
N LEU G 198 0.32 -7.49 -48.19
CA LEU G 198 -0.14 -8.44 -49.19
C LEU G 198 1.00 -8.81 -50.12
N GLY G 199 1.93 -7.88 -50.36
CA GLY G 199 3.13 -8.19 -51.09
C GLY G 199 4.19 -8.93 -50.31
N THR G 200 4.54 -8.50 -49.10
CA THR G 200 5.56 -9.21 -48.32
C THR G 200 5.26 -10.70 -48.19
N GLN G 201 4.07 -11.02 -47.69
CA GLN G 201 3.77 -12.32 -47.11
C GLN G 201 2.95 -13.18 -48.06
N THR G 202 3.19 -14.49 -47.99
CA THR G 202 2.31 -15.50 -48.57
C THR G 202 1.58 -16.16 -47.42
N TYR G 203 0.29 -16.38 -47.58
CA TYR G 203 -0.53 -16.89 -46.50
C TYR G 203 -1.07 -18.28 -46.84
N VAL G 204 -0.81 -19.23 -45.96
CA VAL G 204 -1.22 -20.62 -46.14
C VAL G 204 -2.03 -21.02 -44.91
N CYS G 205 -3.23 -21.53 -45.12
CA CYS G 205 -4.01 -22.01 -44.00
C CYS G 205 -3.89 -23.52 -43.92
N ASN G 206 -3.63 -24.00 -42.71
CA ASN G 206 -3.34 -25.40 -42.42
C ASN G 206 -4.57 -25.96 -41.73
N VAL G 207 -5.37 -26.70 -42.49
CA VAL G 207 -6.61 -27.29 -42.01
C VAL G 207 -6.33 -28.73 -41.60
N ASN G 208 -6.62 -29.05 -40.34
CA ASN G 208 -6.48 -30.42 -39.87
C ASN G 208 -7.85 -30.94 -39.43
N HIS G 209 -8.30 -32.01 -40.09
CA HIS G 209 -9.51 -32.73 -39.73
C HIS G 209 -9.09 -34.13 -39.26
N LYS G 210 -8.75 -34.24 -37.98
CA LYS G 210 -8.33 -35.54 -37.46
C LYS G 210 -9.39 -36.63 -37.62
N PRO G 211 -10.70 -36.38 -37.46
CA PRO G 211 -11.65 -37.49 -37.58
C PRO G 211 -11.59 -38.23 -38.91
N SER G 212 -11.20 -37.60 -40.01
CA SER G 212 -11.06 -38.36 -41.24
C SER G 212 -9.61 -38.47 -41.67
N ASN G 213 -8.67 -38.19 -40.75
CA ASN G 213 -7.25 -38.34 -41.01
C ASN G 213 -6.82 -37.49 -42.20
N THR G 214 -7.33 -36.26 -42.30
CA THR G 214 -7.05 -35.44 -43.46
C THR G 214 -6.47 -34.10 -43.04
N LYS G 215 -5.51 -33.61 -43.83
CA LYS G 215 -4.90 -32.31 -43.57
C LYS G 215 -4.74 -31.60 -44.92
N VAL G 216 -5.11 -30.33 -44.99
CA VAL G 216 -5.06 -29.57 -46.23
C VAL G 216 -4.32 -28.27 -45.98
N ASP G 217 -3.38 -27.95 -46.88
CA ASP G 217 -2.66 -26.68 -46.80
C ASP G 217 -3.02 -25.86 -48.04
N LYS G 218 -3.81 -24.82 -47.86
CA LYS G 218 -4.29 -24.05 -49.00
C LYS G 218 -3.64 -22.69 -49.01
N ARG G 219 -3.06 -22.32 -50.16
CA ARG G 219 -2.49 -21.00 -50.32
C ARG G 219 -3.62 -20.04 -50.64
N VAL G 220 -3.67 -18.91 -49.92
CA VAL G 220 -4.70 -17.91 -50.12
C VAL G 220 -4.10 -16.87 -51.07
N GLU G 221 -4.66 -16.77 -52.27
CA GLU G 221 -4.10 -15.94 -53.33
C GLU G 221 -4.91 -14.68 -53.56
N ILE G 222 -4.38 -13.86 -54.48
CA ILE G 222 -4.86 -12.52 -54.85
C ILE G 222 -5.49 -11.79 -53.69
N GLN H 1 -33.71 -30.83 -8.02
CA GLN H 1 -33.16 -32.18 -7.96
C GLN H 1 -31.76 -32.33 -8.57
N PHE H 2 -31.04 -31.22 -8.72
CA PHE H 2 -29.59 -31.27 -8.87
C PHE H 2 -29.00 -31.89 -7.59
N VAL H 3 -27.86 -32.56 -7.71
CA VAL H 3 -27.25 -33.06 -6.48
C VAL H 3 -26.49 -31.94 -5.79
N LEU H 4 -25.77 -31.13 -6.55
CA LEU H 4 -25.14 -29.91 -6.05
C LEU H 4 -25.76 -28.77 -6.85
N ALA H 5 -26.52 -27.91 -6.18
CA ALA H 5 -27.28 -26.87 -6.85
C ALA H 5 -26.48 -25.58 -6.83
N GLN H 6 -26.37 -24.93 -7.97
CA GLN H 6 -25.67 -23.67 -8.10
C GLN H 6 -26.57 -22.68 -8.81
N PRO H 7 -26.47 -21.39 -8.49
CA PRO H 7 -27.20 -20.37 -9.23
C PRO H 7 -26.70 -20.33 -10.66
N PRO H 8 -27.59 -20.47 -11.64
CA PRO H 8 -27.11 -20.46 -13.04
C PRO H 8 -26.31 -19.21 -13.38
N SER H 9 -26.64 -18.08 -12.78
CA SER H 9 -25.95 -16.86 -13.14
C SER H 9 -25.78 -15.96 -11.92
N VAL H 10 -24.62 -15.34 -11.84
CA VAL H 10 -24.30 -14.38 -10.80
C VAL H 10 -23.58 -13.23 -11.47
N SER H 11 -23.98 -11.99 -11.14
CA SER H 11 -23.39 -10.81 -11.74
C SER H 11 -22.93 -9.86 -10.65
N GLY H 12 -21.82 -9.18 -10.91
CA GLY H 12 -21.29 -8.19 -9.99
C GLY H 12 -20.57 -7.11 -10.77
N ALA H 13 -20.46 -5.94 -10.15
CA ALA H 13 -19.75 -4.84 -10.78
C ALA H 13 -18.26 -4.94 -10.50
N PRO H 14 -17.42 -4.45 -11.40
CA PRO H 14 -15.96 -4.60 -11.21
C PRO H 14 -15.50 -3.96 -9.92
N GLY H 15 -14.47 -4.57 -9.33
CA GLY H 15 -13.92 -4.14 -8.06
C GLY H 15 -14.68 -4.62 -6.83
N GLN H 16 -15.86 -5.19 -7.00
CA GLN H 16 -16.66 -5.58 -5.85
C GLN H 16 -16.35 -7.04 -5.46
N ARG H 17 -17.08 -7.56 -4.48
CA ARG H 17 -16.98 -8.95 -4.04
C ARG H 17 -18.29 -9.68 -4.32
N VAL H 18 -18.20 -10.90 -4.86
CA VAL H 18 -19.36 -11.74 -5.13
C VAL H 18 -19.14 -13.11 -4.51
N THR H 19 -20.25 -13.79 -4.20
CA THR H 19 -20.22 -15.11 -3.59
C THR H 19 -21.05 -16.07 -4.45
N LEU H 20 -20.40 -17.15 -4.88
CA LEU H 20 -21.02 -18.23 -5.64
C LEU H 20 -21.35 -19.40 -4.71
N SER H 21 -22.63 -19.74 -4.65
CA SER H 21 -23.11 -20.73 -3.69
C SER H 21 -23.26 -22.12 -4.30
N CYS H 22 -23.19 -23.13 -3.44
CA CYS H 22 -23.30 -24.53 -3.84
C CYS H 22 -23.99 -25.21 -2.67
N THR H 23 -25.24 -25.61 -2.85
CA THR H 23 -26.00 -26.19 -1.76
C THR H 23 -26.18 -27.69 -2.05
N GLY H 24 -25.80 -28.52 -1.08
CA GLY H 24 -25.87 -29.95 -1.23
C GLY H 24 -26.61 -30.57 -0.06
N SER H 25 -26.28 -31.84 0.23
CA SER H 25 -26.94 -32.57 1.29
C SER H 25 -25.90 -33.19 2.23
N ASN H 26 -26.40 -33.97 3.18
CA ASN H 26 -25.52 -34.62 4.13
C ASN H 26 -24.74 -35.76 3.51
N SER H 27 -25.16 -36.27 2.36
CA SER H 27 -24.42 -37.34 1.73
C SER H 27 -23.35 -36.84 0.75
N ASN H 28 -23.16 -35.51 0.64
CA ASN H 28 -21.99 -34.98 -0.06
C ASN H 28 -21.31 -33.87 0.75
N ILE H 29 -21.76 -32.62 0.62
CA ILE H 29 -21.07 -31.49 1.24
C ILE H 29 -20.97 -31.60 2.76
N GLY H 30 -21.97 -32.20 3.42
CA GLY H 30 -21.90 -32.32 4.87
C GLY H 30 -20.73 -33.14 5.38
N VAL H 31 -20.24 -34.09 4.58
CA VAL H 31 -19.24 -35.04 5.04
C VAL H 31 -17.98 -35.04 4.19
N ASN H 32 -18.00 -34.52 2.96
CA ASN H 32 -16.85 -34.63 2.07
C ASN H 32 -16.35 -33.27 1.60
N TYR H 33 -15.09 -33.26 1.15
CA TYR H 33 -14.46 -32.03 0.71
C TYR H 33 -15.09 -31.48 -0.57
N VAL H 34 -15.03 -30.16 -0.71
CA VAL H 34 -15.56 -29.44 -1.86
C VAL H 34 -14.38 -28.89 -2.66
N GLN H 35 -14.41 -29.09 -3.97
CA GLN H 35 -13.45 -28.49 -4.87
C GLN H 35 -14.17 -27.47 -5.75
N TRP H 36 -13.43 -26.48 -6.23
CA TRP H 36 -13.97 -25.46 -7.11
C TRP H 36 -13.11 -25.36 -8.37
N TYR H 37 -13.77 -25.47 -9.53
CA TYR H 37 -13.17 -25.40 -10.85
C TYR H 37 -13.71 -24.21 -11.62
N GLN H 38 -12.83 -23.53 -12.32
CA GLN H 38 -13.18 -22.44 -13.22
C GLN H 38 -12.91 -22.87 -14.65
N GLN H 39 -13.84 -22.57 -15.54
CA GLN H 39 -13.70 -22.93 -16.94
C GLN H 39 -13.92 -21.68 -17.77
N LEU H 40 -12.88 -21.24 -18.45
CA LEU H 40 -12.90 -20.21 -19.46
C LEU H 40 -13.21 -20.83 -20.82
N PRO H 41 -13.72 -20.02 -21.76
CA PRO H 41 -14.13 -20.56 -23.07
C PRO H 41 -13.00 -21.27 -23.79
N GLY H 42 -13.27 -22.49 -24.23
CA GLY H 42 -12.31 -23.26 -25.01
C GLY H 42 -11.24 -24.00 -24.23
N THR H 43 -11.31 -23.99 -22.90
CA THR H 43 -10.23 -24.50 -22.05
C THR H 43 -10.75 -25.55 -21.07
N ALA H 44 -9.82 -26.38 -20.62
CA ALA H 44 -10.15 -27.38 -19.61
C ALA H 44 -10.46 -26.70 -18.27
N PRO H 45 -11.26 -27.36 -17.43
CA PRO H 45 -11.48 -26.83 -16.08
C PRO H 45 -10.16 -26.70 -15.33
N LYS H 46 -10.10 -25.67 -14.50
CA LYS H 46 -8.90 -25.38 -13.73
C LYS H 46 -9.26 -25.38 -12.25
N LEU H 47 -8.47 -26.08 -11.44
CA LEU H 47 -8.73 -26.17 -9.99
C LEU H 47 -8.45 -24.83 -9.32
N LEU H 48 -9.49 -24.23 -8.75
CA LEU H 48 -9.30 -23.02 -7.97
C LEU H 48 -9.24 -23.31 -6.47
N ILE H 49 -10.09 -24.20 -5.97
CA ILE H 49 -10.12 -24.49 -4.54
C ILE H 49 -10.17 -26.00 -4.35
N TYR H 50 -9.46 -26.52 -3.34
CA TYR H 50 -9.61 -27.93 -2.98
C TYR H 50 -9.71 -28.08 -1.47
N GLU H 51 -10.32 -29.18 -1.04
CA GLU H 51 -10.50 -29.48 0.37
C GLU H 51 -11.08 -28.27 1.10
N ASN H 52 -12.23 -27.82 0.59
CA ASN H 52 -13.05 -26.75 1.15
C ASN H 52 -12.46 -25.34 1.06
N ASN H 53 -11.17 -25.16 1.34
CA ASN H 53 -10.66 -23.80 1.37
C ASN H 53 -9.19 -23.68 1.01
N LYS H 54 -8.55 -24.70 0.43
CA LYS H 54 -7.14 -24.62 0.11
C LYS H 54 -6.96 -24.11 -1.31
N ARG H 55 -5.90 -23.31 -1.51
CA ARG H 55 -5.63 -22.63 -2.77
C ARG H 55 -4.33 -23.12 -3.35
N PRO H 56 -4.31 -23.62 -4.58
CA PRO H 56 -3.05 -24.03 -5.19
C PRO H 56 -2.18 -22.81 -5.45
N SER H 57 -0.89 -23.06 -5.54
CA SER H 57 0.02 -21.99 -5.89
C SER H 57 -0.31 -21.50 -7.30
N GLY H 58 -0.37 -20.19 -7.47
CA GLY H 58 -0.67 -19.63 -8.77
C GLY H 58 -2.11 -19.25 -9.00
N VAL H 59 -2.98 -19.44 -8.03
CA VAL H 59 -4.32 -18.88 -8.06
C VAL H 59 -4.31 -17.62 -7.21
N SER H 60 -4.81 -16.53 -7.76
CA SER H 60 -4.83 -15.27 -7.04
C SER H 60 -5.62 -15.40 -5.74
N ASP H 61 -5.14 -14.72 -4.68
CA ASP H 61 -5.80 -14.76 -3.38
C ASP H 61 -7.12 -14.00 -3.36
N ARG H 62 -7.52 -13.43 -4.49
CA ARG H 62 -8.87 -12.88 -4.57
C ARG H 62 -9.93 -13.97 -4.58
N PHE H 63 -9.54 -15.23 -4.80
CA PHE H 63 -10.43 -16.38 -4.73
C PHE H 63 -10.30 -17.08 -3.37
N SER H 64 -11.43 -17.41 -2.76
CA SER H 64 -11.38 -18.05 -1.46
C SER H 64 -12.59 -18.97 -1.29
N GLY H 65 -12.39 -20.08 -0.59
CA GLY H 65 -13.43 -21.08 -0.44
C GLY H 65 -13.88 -21.19 1.00
N SER H 66 -15.13 -21.60 1.19
CA SER H 66 -15.65 -21.82 2.53
C SER H 66 -16.71 -22.91 2.48
N GLN H 67 -16.93 -23.55 3.62
CA GLN H 67 -17.89 -24.63 3.72
C GLN H 67 -18.52 -24.58 5.10
N SER H 68 -19.82 -24.90 5.17
CA SER H 68 -20.51 -24.98 6.44
C SER H 68 -21.78 -25.81 6.26
N GLY H 69 -21.94 -26.81 7.12
CA GLY H 69 -23.09 -27.69 7.00
C GLY H 69 -23.13 -28.30 5.61
N THR H 70 -24.27 -28.18 4.96
CA THR H 70 -24.47 -28.75 3.62
C THR H 70 -24.36 -27.69 2.53
N SER H 71 -23.65 -26.59 2.79
CA SER H 71 -23.52 -25.53 1.82
C SER H 71 -22.05 -25.12 1.74
N ALA H 72 -21.64 -24.67 0.57
CA ALA H 72 -20.28 -24.19 0.37
C ALA H 72 -20.33 -22.96 -0.52
N SER H 73 -19.27 -22.16 -0.48
CA SER H 73 -19.23 -20.90 -1.22
C SER H 73 -17.83 -20.62 -1.75
N LEU H 74 -17.79 -20.10 -2.98
CA LEU H 74 -16.62 -19.48 -3.58
C LEU H 74 -16.79 -17.97 -3.49
N THR H 75 -15.73 -17.28 -3.09
CA THR H 75 -15.81 -15.84 -2.91
C THR H 75 -14.72 -15.19 -3.74
N ILE H 76 -15.12 -14.22 -4.56
CA ILE H 76 -14.19 -13.46 -5.39
C ILE H 76 -14.23 -12.02 -4.93
N THR H 77 -13.06 -11.50 -4.56
CA THR H 77 -12.86 -10.11 -4.17
C THR H 77 -12.12 -9.38 -5.29
N GLY H 78 -12.36 -8.07 -5.36
CA GLY H 78 -11.74 -7.26 -6.39
C GLY H 78 -12.08 -7.77 -7.78
N LEU H 79 -13.39 -7.89 -8.02
CA LEU H 79 -13.88 -8.56 -9.22
C LEU H 79 -13.36 -7.87 -10.47
N GLN H 80 -12.92 -8.66 -11.43
CA GLN H 80 -12.32 -8.15 -12.65
C GLN H 80 -13.06 -8.70 -13.85
N SER H 81 -12.90 -8.01 -14.99
CA SER H 81 -13.54 -8.47 -16.21
C SER H 81 -13.00 -9.84 -16.62
N GLU H 82 -11.74 -10.11 -16.33
CA GLU H 82 -11.16 -11.41 -16.64
C GLU H 82 -11.59 -12.50 -15.65
N ASP H 83 -12.60 -12.27 -14.84
CA ASP H 83 -13.17 -13.33 -14.02
C ASP H 83 -14.42 -13.94 -14.62
N GLU H 84 -14.89 -13.41 -15.76
CA GLU H 84 -16.06 -14.01 -16.42
C GLU H 84 -15.71 -15.42 -16.87
N ALA H 85 -16.47 -16.39 -16.39
CA ALA H 85 -16.24 -17.80 -16.71
C ALA H 85 -17.41 -18.59 -16.17
N ASP H 86 -17.36 -19.91 -16.36
CA ASP H 86 -18.24 -20.82 -15.65
C ASP H 86 -17.50 -21.35 -14.43
N TYR H 87 -18.23 -21.52 -13.33
CA TYR H 87 -17.65 -21.97 -12.08
C TYR H 87 -18.44 -23.16 -11.58
N TYR H 88 -17.75 -24.26 -11.29
CA TYR H 88 -18.36 -25.50 -10.83
C TYR H 88 -17.80 -25.89 -9.47
N CYS H 89 -18.68 -26.30 -8.57
CA CYS H 89 -18.26 -26.99 -7.37
C CYS H 89 -18.25 -28.48 -7.67
N GLN H 90 -17.51 -29.23 -6.85
CA GLN H 90 -17.30 -30.65 -7.07
C GLN H 90 -17.20 -31.31 -5.70
N CYS H 91 -17.88 -32.43 -5.52
CA CYS H 91 -17.87 -33.13 -4.24
C CYS H 91 -18.09 -34.61 -4.50
N TYR H 92 -17.91 -35.41 -3.46
CA TYR H 92 -18.18 -36.83 -3.55
C TYR H 92 -19.48 -37.12 -2.80
N ASP H 93 -20.36 -37.90 -3.40
CA ASP H 93 -21.67 -38.21 -2.84
C ASP H 93 -21.73 -39.69 -2.46
N ILE H 94 -21.97 -39.97 -1.17
CA ILE H 94 -21.99 -41.34 -0.66
C ILE H 94 -23.18 -42.10 -1.19
N SER H 95 -24.34 -41.45 -1.25
CA SER H 95 -25.55 -42.18 -1.65
C SER H 95 -25.50 -42.51 -3.13
N LEU H 96 -24.80 -41.71 -3.94
CA LEU H 96 -24.56 -42.04 -5.33
C LEU H 96 -23.31 -42.87 -5.53
N GLY H 97 -22.42 -42.89 -4.54
CA GLY H 97 -21.14 -43.55 -4.74
C GLY H 97 -20.38 -42.94 -5.89
N ALA H 98 -20.36 -41.61 -6.01
CA ALA H 98 -19.69 -41.04 -7.16
C ALA H 98 -19.18 -39.64 -6.85
N HIS H 99 -18.08 -39.26 -7.51
CA HIS H 99 -17.67 -37.86 -7.59
C HIS H 99 -18.58 -37.12 -8.56
N VAL H 100 -19.14 -35.99 -8.13
CA VAL H 100 -20.11 -35.25 -8.92
C VAL H 100 -19.70 -33.78 -8.95
N PHE H 101 -20.14 -33.10 -10.00
CA PHE H 101 -19.95 -31.69 -10.22
C PHE H 101 -21.28 -30.96 -10.01
N GLY H 102 -21.21 -29.70 -9.62
CA GLY H 102 -22.41 -28.90 -9.50
C GLY H 102 -22.99 -28.51 -10.85
N SER H 103 -24.20 -27.96 -10.82
CA SER H 103 -24.84 -27.59 -12.07
C SER H 103 -24.16 -26.42 -12.75
N GLY H 104 -23.32 -25.67 -12.04
CA GLY H 104 -22.54 -24.64 -12.71
C GLY H 104 -23.11 -23.24 -12.60
N THR H 105 -22.22 -22.26 -12.43
CA THR H 105 -22.60 -20.86 -12.36
C THR H 105 -21.85 -20.07 -13.42
N GLU H 106 -22.58 -19.29 -14.20
CA GLU H 106 -21.98 -18.38 -15.17
C GLU H 106 -21.82 -17.01 -14.51
N LEU H 107 -20.59 -16.52 -14.44
CA LEU H 107 -20.31 -15.24 -13.79
C LEU H 107 -20.06 -14.17 -14.85
N THR H 108 -20.86 -13.08 -14.80
CA THR H 108 -20.78 -11.95 -15.72
C THR H 108 -20.40 -10.68 -14.97
N VAL H 109 -19.47 -9.92 -15.54
CA VAL H 109 -19.02 -8.65 -14.99
C VAL H 109 -19.81 -7.50 -15.61
N LEU H 110 -20.55 -6.75 -14.79
CA LEU H 110 -21.39 -5.68 -15.29
C LEU H 110 -20.56 -4.48 -15.76
N GLY H 111 -21.26 -3.55 -16.40
CA GLY H 111 -20.69 -2.29 -16.87
C GLY H 111 -19.74 -2.40 -18.03
N GLN H 112 -19.88 -3.44 -18.86
CA GLN H 112 -19.05 -3.45 -20.05
C GLN H 112 -19.69 -2.59 -21.14
N PRO H 113 -18.89 -1.84 -21.90
CA PRO H 113 -19.46 -0.89 -22.86
C PRO H 113 -20.02 -1.57 -24.09
N LYS H 114 -21.01 -0.92 -24.70
CA LYS H 114 -21.57 -1.41 -25.95
C LYS H 114 -20.48 -1.39 -27.02
N ALA H 115 -20.41 -2.44 -27.83
CA ALA H 115 -19.40 -2.51 -28.87
C ALA H 115 -20.07 -2.96 -30.15
N ALA H 116 -19.82 -2.20 -31.24
CA ALA H 116 -20.45 -2.44 -32.52
C ALA H 116 -19.79 -3.61 -33.22
N PRO H 117 -20.53 -4.35 -34.03
CA PRO H 117 -19.92 -5.48 -34.70
C PRO H 117 -19.06 -4.96 -35.83
N SER H 118 -17.89 -5.54 -35.96
CA SER H 118 -17.14 -5.42 -37.19
C SER H 118 -17.59 -6.56 -38.09
N VAL H 119 -17.89 -6.25 -39.35
CA VAL H 119 -18.52 -7.19 -40.27
C VAL H 119 -17.68 -7.32 -41.52
N THR H 120 -17.39 -8.55 -41.93
CA THR H 120 -16.64 -8.78 -43.16
C THR H 120 -17.41 -9.75 -44.04
N LEU H 121 -17.58 -9.40 -45.30
CA LEU H 121 -18.36 -10.20 -46.24
C LEU H 121 -17.46 -10.65 -47.38
N PHE H 122 -17.36 -11.97 -47.57
CA PHE H 122 -16.59 -12.58 -48.62
C PHE H 122 -17.50 -13.16 -49.69
N PRO H 123 -17.18 -12.90 -50.96
CA PRO H 123 -17.86 -13.55 -52.11
C PRO H 123 -17.39 -14.98 -52.30
N PRO H 124 -17.98 -15.74 -53.25
CA PRO H 124 -17.51 -17.11 -53.51
C PRO H 124 -16.14 -17.13 -54.17
N SER H 125 -15.36 -18.16 -53.88
CA SER H 125 -14.10 -18.35 -54.59
C SER H 125 -14.38 -18.82 -56.01
N SER H 126 -13.42 -18.53 -56.90
CA SER H 126 -13.56 -19.01 -58.28
C SER H 126 -13.68 -20.53 -58.34
N GLU H 127 -12.92 -21.24 -57.50
CA GLU H 127 -12.95 -22.68 -57.67
C GLU H 127 -14.22 -23.30 -57.09
N GLU H 128 -14.82 -22.69 -56.08
CA GLU H 128 -16.13 -23.17 -55.70
C GLU H 128 -17.15 -22.92 -56.80
N LEU H 129 -17.02 -21.79 -57.51
CA LEU H 129 -17.94 -21.55 -58.63
C LEU H 129 -17.74 -22.60 -59.72
N GLN H 130 -16.51 -23.09 -59.90
CA GLN H 130 -16.27 -24.16 -60.85
C GLN H 130 -17.00 -25.45 -60.51
N ALA H 131 -17.31 -25.68 -59.23
CA ALA H 131 -18.15 -26.81 -58.89
C ALA H 131 -19.62 -26.45 -58.97
N ASN H 132 -19.95 -25.32 -59.59
CA ASN H 132 -21.32 -24.85 -59.80
C ASN H 132 -22.06 -24.47 -58.51
N LYS H 133 -21.33 -24.18 -57.43
CA LYS H 133 -21.81 -23.73 -56.13
C LYS H 133 -21.24 -22.37 -55.80
N ALA H 134 -21.83 -21.75 -54.79
CA ALA H 134 -21.39 -20.42 -54.33
C ALA H 134 -21.83 -20.19 -52.89
N THR H 135 -20.87 -20.02 -51.98
CA THR H 135 -21.19 -19.69 -50.59
C THR H 135 -20.67 -18.31 -50.25
N LEU H 136 -21.56 -17.43 -49.80
CA LEU H 136 -21.14 -16.14 -49.27
C LEU H 136 -20.94 -16.27 -47.77
N VAL H 137 -19.83 -15.73 -47.26
CA VAL H 137 -19.47 -15.86 -45.85
C VAL H 137 -19.46 -14.49 -45.21
N CYS H 138 -20.26 -14.32 -44.17
CA CYS H 138 -20.34 -13.05 -43.44
C CYS H 138 -19.84 -13.28 -42.02
N LEU H 139 -18.67 -12.72 -41.69
CA LEU H 139 -18.05 -12.90 -40.39
C LEU H 139 -18.27 -11.67 -39.52
N ILE H 140 -18.69 -11.89 -38.28
CA ILE H 140 -19.13 -10.81 -37.41
C ILE H 140 -18.38 -10.93 -36.09
N SER H 141 -17.64 -9.88 -35.70
CA SER H 141 -16.80 -10.03 -34.52
C SER H 141 -16.77 -8.76 -33.68
N ASP H 142 -16.44 -8.97 -32.40
CA ASP H 142 -16.11 -7.90 -31.44
C ASP H 142 -17.33 -7.08 -31.05
N PHE H 143 -18.51 -7.70 -30.95
CA PHE H 143 -19.69 -6.97 -30.55
C PHE H 143 -20.12 -7.34 -29.12
N TYR H 144 -20.78 -6.38 -28.48
CA TYR H 144 -21.24 -6.49 -27.11
C TYR H 144 -22.37 -5.50 -26.94
N PRO H 145 -23.52 -5.91 -26.36
CA PRO H 145 -23.70 -7.27 -25.84
C PRO H 145 -23.93 -8.32 -26.92
N GLY H 146 -24.09 -9.56 -26.47
CA GLY H 146 -24.01 -10.72 -27.33
C GLY H 146 -25.16 -11.05 -28.25
N ALA H 147 -26.05 -10.12 -28.56
CA ALA H 147 -27.18 -10.45 -29.43
C ALA H 147 -27.08 -9.69 -30.74
N VAL H 148 -27.36 -10.37 -31.85
CA VAL H 148 -27.26 -9.74 -33.16
C VAL H 148 -28.26 -10.44 -34.07
N GLU H 149 -28.76 -9.76 -35.12
CA GLU H 149 -29.58 -10.50 -36.08
C GLU H 149 -28.98 -10.31 -37.47
N VAL H 150 -29.05 -11.35 -38.28
CA VAL H 150 -28.49 -11.36 -39.62
C VAL H 150 -29.62 -11.60 -40.62
N ALA H 151 -29.66 -10.76 -41.64
CA ALA H 151 -30.58 -10.91 -42.76
C ALA H 151 -29.75 -10.72 -44.02
N TRP H 152 -30.05 -11.49 -45.05
CA TRP H 152 -29.39 -11.35 -46.34
C TRP H 152 -30.33 -10.69 -47.34
N LYS H 153 -29.76 -9.97 -48.30
CA LYS H 153 -30.54 -9.41 -49.41
C LYS H 153 -29.86 -9.75 -50.73
N ALA H 154 -30.68 -9.90 -51.76
CA ALA H 154 -30.22 -10.04 -53.14
C ALA H 154 -30.88 -8.92 -53.92
N ASP H 155 -30.07 -8.00 -54.43
CA ASP H 155 -30.57 -6.73 -54.97
C ASP H 155 -31.52 -6.13 -53.93
N GLY H 156 -32.77 -5.91 -54.30
CA GLY H 156 -33.71 -5.40 -53.33
C GLY H 156 -34.19 -6.40 -52.29
N SER H 157 -34.40 -7.64 -52.70
CA SER H 157 -35.30 -8.53 -51.99
C SER H 157 -34.61 -9.27 -50.85
N ALA H 158 -35.39 -9.57 -49.82
CA ALA H 158 -34.91 -10.42 -48.74
C ALA H 158 -34.62 -11.80 -49.31
N VAL H 159 -33.64 -12.48 -48.73
CA VAL H 159 -33.31 -13.84 -49.11
C VAL H 159 -33.74 -14.75 -47.97
N ASN H 160 -34.55 -15.76 -48.31
CA ASN H 160 -35.17 -16.60 -47.29
C ASN H 160 -34.72 -18.05 -47.35
N ALA H 161 -33.84 -18.41 -48.27
CA ALA H 161 -33.37 -19.77 -48.42
C ALA H 161 -31.85 -19.79 -48.43
N GLY H 162 -31.29 -20.92 -48.00
CA GLY H 162 -29.86 -21.13 -48.04
C GLY H 162 -29.08 -20.39 -46.98
N VAL H 163 -29.75 -19.91 -45.94
CA VAL H 163 -29.10 -19.10 -44.90
C VAL H 163 -28.95 -19.94 -43.65
N GLU H 164 -27.72 -20.06 -43.15
CA GLU H 164 -27.50 -20.66 -41.85
C GLU H 164 -26.56 -19.77 -41.04
N THR H 165 -26.94 -19.47 -39.80
CA THR H 165 -26.31 -18.45 -38.97
C THR H 165 -26.01 -19.03 -37.61
N THR H 166 -24.77 -18.85 -37.13
CA THR H 166 -24.38 -19.39 -35.84
C THR H 166 -24.95 -18.51 -34.73
N LYS H 167 -25.09 -19.12 -33.56
CA LYS H 167 -25.34 -18.35 -32.36
C LYS H 167 -24.10 -17.55 -32.02
N PRO H 168 -24.27 -16.43 -31.33
CA PRO H 168 -23.11 -15.68 -30.85
C PRO H 168 -22.35 -16.50 -29.83
N SER H 169 -21.03 -16.39 -29.86
CA SER H 169 -20.19 -17.14 -28.94
C SER H 169 -19.13 -16.22 -28.38
N LYS H 170 -18.76 -16.47 -27.13
CA LYS H 170 -17.90 -15.56 -26.40
C LYS H 170 -16.45 -15.70 -26.84
N GLN H 171 -15.80 -14.58 -27.10
CA GLN H 171 -14.39 -14.54 -27.48
C GLN H 171 -13.54 -14.46 -26.23
N SER H 172 -12.21 -14.51 -26.43
CA SER H 172 -11.27 -14.41 -25.32
C SER H 172 -11.35 -13.06 -24.63
N ASN H 173 -11.64 -11.99 -25.38
CA ASN H 173 -11.69 -10.64 -24.85
C ASN H 173 -13.08 -10.24 -24.31
N ASN H 174 -13.95 -11.22 -24.08
CA ASN H 174 -15.32 -11.10 -23.54
C ASN H 174 -16.30 -10.39 -24.46
N LYS H 175 -15.90 -10.00 -25.67
CA LYS H 175 -16.87 -9.63 -26.68
C LYS H 175 -17.35 -10.89 -27.39
N TYR H 176 -18.20 -10.72 -28.41
CA TYR H 176 -18.86 -11.87 -29.02
C TYR H 176 -18.55 -11.92 -30.50
N ALA H 177 -18.68 -13.12 -31.04
CA ALA H 177 -18.49 -13.40 -32.46
C ALA H 177 -19.62 -14.26 -32.98
N ALA H 178 -19.93 -14.10 -34.27
CA ALA H 178 -20.90 -14.95 -34.97
C ALA H 178 -20.52 -14.98 -36.44
N SER H 179 -21.12 -15.89 -37.18
CA SER H 179 -20.88 -15.93 -38.61
C SER H 179 -22.14 -16.44 -39.28
N SER H 180 -22.29 -16.10 -40.56
CA SER H 180 -23.50 -16.45 -41.30
C SER H 180 -23.13 -16.81 -42.73
N TYR H 181 -23.82 -17.82 -43.27
CA TYR H 181 -23.45 -18.44 -44.53
C TYR H 181 -24.67 -18.48 -45.43
N LEU H 182 -24.52 -17.95 -46.64
CA LEU H 182 -25.58 -18.06 -47.64
C LEU H 182 -25.11 -19.02 -48.73
N SER H 183 -25.82 -20.13 -48.88
CA SER H 183 -25.45 -21.15 -49.85
C SER H 183 -26.33 -21.02 -51.09
N LEU H 184 -25.73 -20.68 -52.21
CA LEU H 184 -26.36 -20.52 -53.51
C LEU H 184 -25.73 -21.45 -54.53
N THR H 185 -26.38 -21.56 -55.68
CA THR H 185 -25.70 -22.14 -56.81
C THR H 185 -24.94 -21.05 -57.58
N SER H 186 -24.09 -21.47 -58.51
CA SER H 186 -23.40 -20.50 -59.36
C SER H 186 -24.39 -19.63 -60.10
N ASP H 187 -25.46 -20.22 -60.63
CA ASP H 187 -26.36 -19.44 -61.48
C ASP H 187 -27.12 -18.40 -60.66
N GLN H 188 -27.55 -18.76 -59.45
CA GLN H 188 -28.18 -17.77 -58.58
C GLN H 188 -27.22 -16.64 -58.27
N TRP H 189 -25.95 -16.98 -57.98
CA TRP H 189 -24.96 -15.95 -57.71
C TRP H 189 -24.85 -14.98 -58.89
N LYS H 190 -24.68 -15.52 -60.11
CA LYS H 190 -24.49 -14.70 -61.30
C LYS H 190 -25.76 -13.97 -61.71
N SER H 191 -26.92 -14.37 -61.21
CA SER H 191 -28.18 -13.76 -61.63
C SER H 191 -28.35 -12.36 -61.09
N HIS H 192 -27.95 -12.10 -59.86
CA HIS H 192 -28.21 -10.81 -59.25
C HIS H 192 -27.05 -9.85 -59.40
N LYS H 193 -27.34 -8.55 -59.21
CA LYS H 193 -26.32 -7.51 -59.32
C LYS H 193 -25.51 -7.37 -58.05
N SER H 194 -26.12 -7.67 -56.90
CA SER H 194 -25.40 -7.58 -55.66
C SER H 194 -26.11 -8.41 -54.60
N TYR H 195 -25.34 -8.85 -53.60
CA TYR H 195 -25.80 -9.53 -52.42
C TYR H 195 -25.34 -8.75 -51.20
N SER H 196 -26.12 -8.79 -50.12
CA SER H 196 -25.88 -7.98 -48.94
C SER H 196 -26.04 -8.83 -47.69
N CYS H 197 -25.11 -8.64 -46.75
CA CYS H 197 -25.20 -9.16 -45.40
C CYS H 197 -25.52 -7.98 -44.50
N GLN H 198 -26.66 -8.06 -43.82
CA GLN H 198 -27.14 -6.99 -42.96
C GLN H 198 -27.15 -7.49 -41.53
N VAL H 199 -26.38 -6.83 -40.67
CA VAL H 199 -26.19 -7.22 -39.28
C VAL H 199 -26.77 -6.13 -38.38
N THR H 200 -27.80 -6.48 -37.61
CA THR H 200 -28.42 -5.53 -36.69
C THR H 200 -27.98 -5.80 -35.26
N HIS H 201 -27.57 -4.73 -34.56
CA HIS H 201 -27.08 -4.84 -33.20
C HIS H 201 -27.49 -3.58 -32.47
N GLU H 202 -28.18 -3.75 -31.34
CA GLU H 202 -28.65 -2.66 -30.49
C GLU H 202 -29.21 -1.49 -31.30
N GLY H 203 -30.13 -1.80 -32.20
CA GLY H 203 -30.85 -0.76 -32.88
C GLY H 203 -30.14 -0.11 -34.06
N SER H 204 -28.91 -0.46 -34.35
CA SER H 204 -28.32 0.02 -35.59
C SER H 204 -28.00 -1.17 -36.47
N THR H 205 -27.81 -0.93 -37.75
CA THR H 205 -27.43 -2.01 -38.64
C THR H 205 -26.19 -1.59 -39.40
N VAL H 206 -25.29 -2.54 -39.59
CA VAL H 206 -24.20 -2.42 -40.55
C VAL H 206 -24.46 -3.42 -41.65
N GLU H 207 -24.42 -2.95 -42.90
CA GLU H 207 -24.67 -3.79 -44.06
C GLU H 207 -23.48 -3.72 -44.99
N LYS H 208 -23.01 -4.88 -45.44
CA LYS H 208 -21.92 -4.97 -46.40
C LYS H 208 -22.44 -5.63 -47.67
N THR H 209 -21.87 -5.24 -48.80
CA THR H 209 -22.36 -5.67 -50.09
C THR H 209 -21.22 -6.22 -50.94
N VAL H 210 -21.55 -7.20 -51.78
CA VAL H 210 -20.61 -7.79 -52.70
C VAL H 210 -21.34 -7.99 -54.02
N ALA H 211 -20.58 -7.93 -55.12
CA ALA H 211 -21.20 -8.05 -56.42
C ALA H 211 -20.35 -8.95 -57.29
N PRO H 212 -20.98 -9.78 -58.14
CA PRO H 212 -20.32 -10.63 -59.14
C PRO H 212 -19.60 -9.82 -60.21
N ALA I 1 -8.46 -34.58 -1.35
CA ALA I 1 -7.62 -34.78 -2.53
C ALA I 1 -7.39 -33.45 -3.21
N VAL I 2 -6.24 -33.28 -3.86
CA VAL I 2 -5.97 -32.06 -4.65
C VAL I 2 -6.59 -32.32 -6.02
N GLY I 3 -7.89 -32.10 -6.08
CA GLY I 3 -8.65 -32.50 -7.25
C GLY I 3 -9.55 -33.67 -6.91
N ILE I 4 -9.70 -34.61 -7.83
CA ILE I 4 -10.53 -35.79 -7.61
C ILE I 4 -9.62 -36.98 -7.33
N GLY I 5 -9.71 -37.53 -6.12
CA GLY I 5 -8.81 -38.60 -5.69
C GLY I 5 -9.46 -39.44 -4.61
N ALA I 6 -8.70 -39.76 -3.57
CA ALA I 6 -9.22 -40.60 -2.50
C ALA I 6 -10.44 -39.95 -1.86
N VAL I 7 -11.45 -40.79 -1.55
CA VAL I 7 -12.74 -40.28 -1.09
C VAL I 7 -12.60 -39.50 0.21
N PHE I 8 -11.94 -40.12 1.19
CA PHE I 8 -11.42 -39.39 2.35
C PHE I 8 -10.19 -40.12 2.81
N VAL J 2 24.87 13.85 -22.64
CA VAL J 2 24.92 15.25 -23.03
C VAL J 2 23.93 15.51 -24.16
N GLN J 3 23.93 14.69 -25.24
CA GLN J 3 23.08 14.99 -26.41
C GLN J 3 22.38 13.79 -27.01
N LEU J 4 21.13 14.03 -27.45
CA LEU J 4 20.18 13.02 -27.90
C LEU J 4 19.66 13.33 -29.30
N GLN J 5 19.57 12.31 -30.18
CA GLN J 5 19.11 12.53 -31.56
C GLN J 5 18.16 11.43 -32.01
N GLU J 6 16.90 11.78 -32.24
CA GLU J 6 15.93 10.82 -32.77
C GLU J 6 16.25 10.49 -34.22
N SER J 7 15.74 9.34 -34.68
CA SER J 7 15.90 8.97 -36.08
C SER J 7 14.96 9.84 -36.93
N GLY J 8 14.97 9.62 -38.25
CA GLY J 8 14.34 10.51 -39.21
C GLY J 8 12.82 10.44 -39.23
N PRO J 9 12.17 11.52 -39.66
CA PRO J 9 10.69 11.57 -39.66
C PRO J 9 10.11 10.69 -40.75
N GLY J 10 8.84 10.33 -40.57
CA GLY J 10 8.33 9.40 -41.57
C GLY J 10 6.88 9.01 -41.39
N LEU J 11 6.47 8.13 -42.30
CA LEU J 11 5.11 7.64 -42.47
C LEU J 11 5.01 6.22 -41.91
N VAL J 12 3.93 5.94 -41.18
CA VAL J 12 3.61 4.58 -40.73
C VAL J 12 2.22 4.22 -41.22
N LYS J 13 2.07 3.02 -41.73
CA LYS J 13 0.73 2.67 -42.17
C LYS J 13 -0.11 2.26 -40.97
N PRO J 14 -1.42 2.54 -41.01
CA PRO J 14 -2.29 2.17 -39.89
C PRO J 14 -2.18 0.69 -39.59
N SER J 15 -2.17 0.38 -38.29
CA SER J 15 -2.12 -0.96 -37.71
C SER J 15 -0.72 -1.57 -37.80
N GLU J 16 0.24 -0.92 -38.45
CA GLU J 16 1.60 -1.45 -38.43
C GLU J 16 2.30 -0.95 -37.17
N THR J 17 3.62 -1.14 -37.10
CA THR J 17 4.37 -0.84 -35.89
C THR J 17 5.33 0.32 -36.12
N LEU J 18 5.14 1.38 -35.33
CA LEU J 18 6.07 2.49 -35.28
C LEU J 18 7.36 2.09 -34.60
N SER J 19 8.50 2.46 -35.19
CA SER J 19 9.79 2.09 -34.63
C SER J 19 10.74 3.29 -34.68
N LEU J 20 11.21 3.73 -33.51
CA LEU J 20 12.12 4.87 -33.41
C LEU J 20 13.37 4.49 -32.63
N THR J 21 14.44 5.23 -32.90
CA THR J 21 15.66 5.11 -32.11
C THR J 21 16.16 6.49 -31.78
N CYS J 22 16.84 6.59 -30.64
CA CYS J 22 17.47 7.80 -30.18
C CYS J 22 18.93 7.43 -29.98
N ALA J 23 19.81 8.10 -30.73
CA ALA J 23 21.24 7.90 -30.59
C ALA J 23 21.78 8.93 -29.62
N VAL J 24 22.52 8.45 -28.62
CA VAL J 24 23.04 9.26 -27.52
C VAL J 24 24.53 9.43 -27.71
N THR J 25 25.02 10.65 -27.49
CA THR J 25 26.44 10.93 -27.47
C THR J 25 26.77 11.85 -26.31
N GLY J 26 28.00 11.75 -25.81
CA GLY J 26 28.39 12.56 -24.69
C GLY J 26 28.03 11.99 -23.34
N GLY J 27 27.69 10.71 -23.29
CA GLY J 27 27.36 10.05 -22.06
C GLY J 27 26.96 8.63 -22.41
N SER J 28 27.01 7.77 -21.40
CA SER J 28 26.76 6.36 -21.66
C SER J 28 25.29 6.03 -21.47
N ILE J 29 24.72 5.27 -22.40
CA ILE J 29 23.33 4.85 -22.28
C ILE J 29 23.12 3.95 -21.08
N SER J 30 24.19 3.42 -20.51
CA SER J 30 24.11 2.50 -19.38
C SER J 30 24.15 3.23 -18.06
N ASP J 31 24.22 4.57 -18.07
CA ASP J 31 24.24 5.34 -16.84
C ASP J 31 22.91 5.28 -16.12
N ALA J 32 22.95 5.63 -14.83
CA ALA J 32 21.78 5.54 -13.95
C ALA J 32 20.86 6.73 -14.19
N TYR J 33 20.25 6.73 -15.39
CA TYR J 33 19.31 7.79 -15.79
C TYR J 33 18.08 7.18 -16.44
N TYR J 34 17.01 7.98 -16.52
CA TYR J 34 15.74 7.53 -17.08
C TYR J 34 15.64 8.08 -18.50
N TRP J 35 15.52 7.19 -19.47
CA TRP J 35 15.47 7.54 -20.88
C TRP J 35 14.00 7.38 -21.27
N SER J 36 13.35 8.51 -21.53
CA SER J 36 11.91 8.61 -21.71
C SER J 36 11.59 8.83 -23.18
N TRP J 37 10.40 8.37 -23.59
CA TRP J 37 9.78 8.81 -24.83
C TRP J 37 8.54 9.61 -24.47
N ILE J 38 8.43 10.80 -25.06
CA ILE J 38 7.35 11.74 -24.81
C ILE J 38 6.85 12.19 -26.17
N ARG J 39 5.55 12.26 -26.37
CA ARG J 39 5.02 12.69 -27.65
C ARG J 39 4.11 13.90 -27.48
N GLN J 40 4.06 14.74 -28.51
CA GLN J 40 3.23 15.94 -28.51
C GLN J 40 2.32 15.87 -29.73
N PHE J 41 1.02 15.81 -29.48
CA PHE J 41 0.05 15.68 -30.54
C PHE J 41 -0.23 17.02 -31.19
N PRO J 42 -0.75 17.02 -32.42
CA PRO J 42 -1.29 18.28 -32.97
C PRO J 42 -2.35 18.79 -32.01
N GLY J 43 -2.27 20.06 -31.69
CA GLY J 43 -3.02 20.58 -30.56
C GLY J 43 -2.20 20.81 -29.31
N LYS J 44 -0.95 20.35 -29.30
CA LYS J 44 0.11 20.66 -28.33
C LYS J 44 0.01 19.83 -27.05
N ARG J 45 -0.93 18.90 -26.96
CA ARG J 45 -1.06 18.02 -25.81
C ARG J 45 0.20 17.17 -25.64
N LEU J 46 0.77 17.14 -24.43
CA LEU J 46 1.96 16.34 -24.18
C LEU J 46 1.67 15.05 -23.42
N GLU J 47 2.26 13.95 -23.88
CA GLU J 47 2.01 12.66 -23.25
C GLU J 47 3.32 11.91 -23.08
N TRP J 48 3.53 11.44 -21.86
CA TRP J 48 4.69 10.63 -21.51
C TRP J 48 4.36 9.19 -21.83
N ILE J 49 5.17 8.56 -22.67
CA ILE J 49 4.92 7.19 -23.13
C ILE J 49 5.50 6.17 -22.16
N GLY J 50 6.75 6.35 -21.75
CA GLY J 50 7.39 5.43 -20.82
C GLY J 50 8.88 5.75 -20.77
N TYR J 51 9.58 5.05 -19.88
CA TYR J 51 11.03 5.19 -19.86
C TYR J 51 11.69 3.86 -19.52
N ILE J 52 12.99 3.82 -19.77
CA ILE J 52 13.89 2.71 -19.45
C ILE J 52 15.09 3.25 -18.67
N TYR J 53 15.47 2.54 -17.60
CA TYR J 53 16.59 2.94 -16.73
C TYR J 53 17.88 2.36 -17.30
N GLY J 54 18.88 3.20 -17.52
CA GLY J 54 20.07 2.77 -18.25
C GLY J 54 20.85 1.67 -17.54
N SER J 55 20.89 1.72 -16.20
CA SER J 55 21.72 0.80 -15.43
C SER J 55 21.16 -0.61 -15.39
N THR J 56 19.83 -0.76 -15.41
CA THR J 56 19.24 -2.07 -15.23
C THR J 56 18.48 -2.57 -16.45
N GLY J 57 18.02 -1.67 -17.33
CA GLY J 57 17.13 -2.08 -18.39
C GLY J 57 15.68 -2.23 -17.98
N GLY J 58 15.34 -1.87 -16.74
CA GLY J 58 13.94 -1.86 -16.31
C GLY J 58 13.14 -0.75 -16.96
N THR J 59 11.85 -1.03 -17.20
CA THR J 59 10.98 -0.10 -17.91
C THR J 59 9.71 0.16 -17.13
N ARG J 60 9.13 1.35 -17.37
CA ARG J 60 7.77 1.63 -16.99
C ARG J 60 7.08 2.32 -18.16
N TYR J 61 5.82 1.94 -18.41
CA TYR J 61 5.05 2.50 -19.51
C TYR J 61 3.77 3.15 -18.99
N ASN J 62 3.29 4.16 -19.72
CA ASN J 62 2.00 4.75 -19.43
C ASN J 62 0.94 3.65 -19.56
N PRO J 63 0.21 3.32 -18.49
CA PRO J 63 -0.53 2.04 -18.47
C PRO J 63 -1.49 1.86 -19.64
N PRO J 64 -2.23 2.89 -20.08
CA PRO J 64 -3.10 2.68 -21.27
C PRO J 64 -2.36 2.20 -22.50
N LEU J 65 -1.06 2.45 -22.61
CA LEU J 65 -0.28 2.03 -23.77
C LEU J 65 0.43 0.71 -23.55
N LYS J 66 0.28 0.09 -22.37
CA LYS J 66 1.19 -0.97 -21.97
C LYS J 66 1.13 -2.19 -22.89
N ASN J 67 -0.01 -2.45 -23.55
CA ASN J 67 -0.04 -3.61 -24.45
C ASN J 67 0.78 -3.37 -25.70
N ARG J 68 1.02 -2.10 -26.00
CA ARG J 68 1.43 -1.70 -27.33
C ARG J 68 2.87 -1.31 -27.41
N VAL J 69 3.51 -1.00 -26.30
CA VAL J 69 4.78 -0.29 -26.34
C VAL J 69 5.87 -1.21 -25.82
N SER J 70 7.06 -1.02 -26.36
CA SER J 70 8.24 -1.60 -25.76
C SER J 70 9.37 -0.59 -25.96
N ILE J 71 10.16 -0.39 -24.90
CA ILE J 71 11.32 0.48 -24.93
C ILE J 71 12.53 -0.39 -24.68
N SER J 72 13.61 -0.15 -25.43
CA SER J 72 14.76 -1.05 -25.37
C SER J 72 16.07 -0.27 -25.44
N ILE J 73 17.16 -0.95 -25.08
CA ILE J 73 18.49 -0.35 -25.08
C ILE J 73 19.41 -1.22 -25.94
N ASP J 74 20.29 -0.55 -26.69
CA ASP J 74 21.35 -1.23 -27.44
C ASP J 74 22.66 -0.58 -27.01
N THR J 75 23.46 -1.33 -26.25
CA THR J 75 24.69 -0.81 -25.70
C THR J 75 25.76 -0.65 -26.77
N SER J 76 25.77 -1.57 -27.76
CA SER J 76 26.78 -1.51 -28.80
C SER J 76 26.70 -0.20 -29.57
N LYS J 77 25.50 0.32 -29.77
CA LYS J 77 25.35 1.59 -30.47
C LYS J 77 24.99 2.75 -29.56
N ASN J 78 25.03 2.54 -28.24
CA ASN J 78 24.75 3.61 -27.27
C ASN J 78 23.44 4.31 -27.64
N GLN J 79 22.37 3.53 -27.74
CA GLN J 79 21.11 4.07 -28.22
C GLN J 79 19.95 3.41 -27.47
N PHE J 80 18.78 4.06 -27.48
CA PHE J 80 17.60 3.38 -26.98
C PHE J 80 16.47 3.58 -27.97
N SER J 81 15.41 2.79 -27.84
CA SER J 81 14.46 2.67 -28.92
C SER J 81 13.04 2.54 -28.40
N LEU J 82 12.10 2.88 -29.29
CA LEU J 82 10.67 2.85 -29.04
C LEU J 82 10.00 1.98 -30.10
N LYS J 83 9.09 1.11 -29.66
CA LYS J 83 8.26 0.33 -30.57
C LYS J 83 6.82 0.50 -30.12
N LEU J 84 5.97 1.00 -31.00
CA LEU J 84 4.56 1.20 -30.70
C LEU J 84 3.74 0.41 -31.71
N ARG J 85 2.98 -0.56 -31.23
CA ARG J 85 2.31 -1.47 -32.14
C ARG J 85 0.90 -1.01 -32.45
N SER J 86 0.36 -1.58 -33.53
CA SER J 86 -1.03 -1.38 -33.93
C SER J 86 -1.39 0.10 -33.98
N VAL J 87 -0.57 0.88 -34.70
CA VAL J 87 -0.71 2.32 -34.60
C VAL J 87 -1.94 2.75 -35.37
N THR J 88 -2.51 3.86 -34.94
CA THR J 88 -3.72 4.42 -35.51
C THR J 88 -3.43 5.89 -35.79
N ALA J 89 -4.32 6.55 -36.53
CA ALA J 89 -4.15 7.97 -36.79
C ALA J 89 -4.05 8.78 -35.51
N ALA J 90 -4.58 8.25 -34.41
CA ALA J 90 -4.47 8.89 -33.10
C ALA J 90 -3.04 8.94 -32.60
N ASP J 91 -2.14 8.17 -33.19
CA ASP J 91 -0.74 8.13 -32.79
C ASP J 91 0.14 9.10 -33.59
N THR J 92 -0.43 9.86 -34.52
CA THR J 92 0.33 10.84 -35.27
C THR J 92 0.79 11.94 -34.31
N ALA J 93 2.10 12.17 -34.25
CA ALA J 93 2.59 13.10 -33.23
C ALA J 93 4.08 13.35 -33.43
N VAL J 94 4.60 14.35 -32.70
CA VAL J 94 6.04 14.57 -32.59
C VAL J 94 6.58 13.79 -31.39
N TYR J 95 7.58 12.96 -31.62
CA TYR J 95 8.11 12.09 -30.59
C TYR J 95 9.50 12.60 -30.18
N TYR J 96 9.69 12.81 -28.90
CA TYR J 96 10.95 13.24 -28.32
C TYR J 96 11.54 12.14 -27.46
N CYS J 97 12.84 11.94 -27.56
CA CYS J 97 13.57 11.18 -26.55
C CYS J 97 14.16 12.16 -25.54
N VAL J 98 14.14 11.78 -24.27
CA VAL J 98 14.65 12.68 -23.23
C VAL J 98 15.31 11.87 -22.12
N ARG J 99 16.26 12.49 -21.42
CA ARG J 99 16.95 11.89 -20.29
C ARG J 99 16.83 12.87 -19.12
N ASP J 100 16.63 12.36 -17.92
CA ASP J 100 16.53 13.27 -16.80
C ASP J 100 17.89 13.90 -16.50
N GLY J 101 17.86 15.04 -15.82
CA GLY J 101 19.08 15.80 -15.62
C GLY J 101 19.93 15.24 -14.49
N VAL J 102 21.19 15.67 -14.49
CA VAL J 102 22.09 15.34 -13.38
C VAL J 102 21.59 16.03 -12.11
N ALA J 103 21.63 15.30 -10.99
CA ALA J 103 21.12 15.85 -9.74
C ALA J 103 22.27 16.53 -9.01
N THR J 104 22.62 17.71 -9.49
CA THR J 104 23.61 18.55 -8.85
C THR J 104 23.10 19.98 -8.89
N ILE J 105 23.65 20.82 -8.00
CA ILE J 105 23.02 22.12 -7.78
C ILE J 105 23.10 22.98 -9.04
N GLU J 106 24.16 22.84 -9.83
CA GLU J 106 24.31 23.59 -11.08
C GLU J 106 23.92 22.77 -12.30
N THR J 107 22.91 21.91 -12.15
CA THR J 107 22.43 21.17 -13.30
C THR J 107 21.85 22.12 -14.33
N THR J 108 22.07 21.80 -15.60
CA THR J 108 21.49 22.57 -16.68
C THR J 108 20.04 22.20 -16.93
N GLY J 109 19.58 21.09 -16.37
CA GLY J 109 18.23 20.57 -16.52
C GLY J 109 18.27 19.19 -17.12
N ASP J 110 17.09 18.73 -17.58
CA ASP J 110 17.06 17.47 -18.30
C ASP J 110 17.46 17.74 -19.76
N HIS J 111 17.52 16.68 -20.56
CA HIS J 111 18.01 16.75 -21.93
C HIS J 111 16.97 16.21 -22.89
N TRP J 112 16.56 17.03 -23.84
CA TRP J 112 15.55 16.66 -24.82
C TRP J 112 16.19 16.58 -26.20
N GLY J 113 15.77 15.60 -26.99
CA GLY J 113 16.09 15.61 -28.39
C GLY J 113 15.30 16.69 -29.08
N GLN J 114 15.47 16.77 -30.40
CA GLN J 114 14.79 17.80 -31.19
C GLN J 114 13.41 17.37 -31.68
N GLY J 115 13.06 16.10 -31.53
CA GLY J 115 11.72 15.68 -31.89
C GLY J 115 11.63 15.19 -33.31
N VAL J 116 10.80 14.16 -33.55
CA VAL J 116 10.64 13.60 -34.88
C VAL J 116 9.16 13.41 -35.16
N LEU J 117 8.67 14.01 -36.25
CA LEU J 117 7.28 13.86 -36.66
C LEU J 117 7.06 12.48 -37.28
N VAL J 118 6.18 11.72 -36.65
CA VAL J 118 5.75 10.45 -37.17
C VAL J 118 4.29 10.61 -37.52
N THR J 119 3.94 10.36 -38.78
CA THR J 119 2.58 10.55 -39.23
C THR J 119 2.03 9.20 -39.66
N VAL J 120 0.84 8.87 -39.15
CA VAL J 120 0.17 7.60 -39.44
C VAL J 120 -0.89 7.87 -40.49
N SER J 121 -0.72 7.23 -41.65
CA SER J 121 -1.58 7.47 -42.80
C SER J 121 -1.47 6.26 -43.69
N SER J 122 -2.56 5.95 -44.37
CA SER J 122 -2.52 4.95 -45.42
C SER J 122 -1.99 5.51 -46.74
N ALA J 123 -1.94 6.83 -46.91
CA ALA J 123 -1.42 7.36 -48.16
C ALA J 123 0.05 6.98 -48.30
N SER J 124 0.56 7.10 -49.51
CA SER J 124 1.96 6.75 -49.65
C SER J 124 2.75 8.04 -49.74
N THR J 125 4.04 7.94 -49.48
CA THR J 125 4.91 9.10 -49.53
C THR J 125 5.02 9.62 -50.94
N LYS J 126 5.24 10.92 -51.05
CA LYS J 126 5.47 11.56 -52.34
C LYS J 126 6.47 12.68 -52.13
N GLY J 127 7.56 12.66 -52.87
CA GLY J 127 8.55 13.71 -52.80
C GLY J 127 8.04 14.96 -53.50
N PRO J 128 8.67 16.09 -53.22
CA PRO J 128 8.16 17.35 -53.75
C PRO J 128 8.60 17.58 -55.18
N SER J 129 7.87 18.47 -55.84
CA SER J 129 8.40 19.20 -56.98
C SER J 129 8.86 20.56 -56.45
N VAL J 130 10.03 21.02 -56.89
CA VAL J 130 10.60 22.25 -56.35
C VAL J 130 10.72 23.25 -57.47
N PHE J 131 10.06 24.40 -57.33
CA PHE J 131 10.02 25.43 -58.33
C PHE J 131 10.61 26.72 -57.77
N PRO J 132 11.26 27.53 -58.59
CA PRO J 132 11.81 28.81 -58.10
C PRO J 132 10.72 29.86 -57.97
N LEU J 133 10.85 30.70 -56.94
CA LEU J 133 10.01 31.89 -56.77
C LEU J 133 10.90 33.10 -57.03
N ALA J 134 10.80 33.69 -58.24
CA ALA J 134 11.56 34.85 -58.65
C ALA J 134 10.64 36.05 -58.92
N PRO J 135 11.12 37.29 -58.65
CA PRO J 135 10.27 38.48 -58.80
C PRO J 135 9.92 38.85 -60.24
N GLU J 142 11.46 46.86 -54.83
CA GLU J 142 12.54 47.50 -54.04
C GLU J 142 14.01 47.16 -54.19
N SER J 143 14.58 47.76 -53.15
CA SER J 143 15.98 47.70 -52.85
C SER J 143 16.36 46.34 -52.27
N THR J 144 15.41 45.70 -51.60
CA THR J 144 15.53 44.32 -51.23
C THR J 144 14.60 43.50 -52.12
N ALA J 145 15.04 42.29 -52.41
CA ALA J 145 14.28 41.38 -53.23
C ALA J 145 14.16 40.05 -52.50
N ALA J 146 13.00 39.45 -52.59
CA ALA J 146 12.79 38.14 -52.01
C ALA J 146 12.83 37.13 -53.14
N LEU J 147 13.65 36.10 -52.97
CA LEU J 147 13.67 35.01 -53.93
C LEU J 147 13.51 33.75 -53.11
N GLY J 148 12.96 32.71 -53.72
CA GLY J 148 12.68 31.56 -52.89
C GLY J 148 12.47 30.29 -53.68
N CYS J 149 11.97 29.30 -52.95
CA CYS J 149 11.62 28.00 -53.50
C CYS J 149 10.21 27.67 -53.06
N LEU J 150 9.40 27.23 -54.01
CA LEU J 150 8.11 26.64 -53.74
C LEU J 150 8.30 25.13 -53.73
N VAL J 151 8.05 24.53 -52.59
CA VAL J 151 8.19 23.08 -52.40
C VAL J 151 6.77 22.56 -52.45
N LYS J 152 6.41 21.96 -53.59
CA LYS J 152 5.05 21.70 -53.99
C LYS J 152 4.74 20.21 -53.93
N ASP J 153 3.55 19.91 -53.37
CA ASP J 153 2.89 18.62 -53.49
C ASP J 153 3.75 17.48 -52.93
N TYR J 154 3.98 17.53 -51.61
CA TYR J 154 4.68 16.43 -50.96
C TYR J 154 3.83 15.87 -49.82
N PHE J 155 4.19 14.66 -49.39
CA PHE J 155 3.54 14.02 -48.27
C PHE J 155 4.49 12.95 -47.75
N PRO J 156 4.60 12.77 -46.43
CA PRO J 156 4.01 13.66 -45.43
C PRO J 156 4.95 14.79 -45.07
N GLU J 157 4.55 15.60 -44.09
CA GLU J 157 5.46 16.50 -43.46
C GLU J 157 6.50 15.66 -42.73
N PRO J 158 7.70 16.22 -42.45
CA PRO J 158 8.13 17.59 -42.72
C PRO J 158 9.10 17.67 -43.88
N VAL J 159 9.34 18.88 -44.33
CA VAL J 159 10.40 19.17 -45.27
C VAL J 159 11.25 20.25 -44.62
N THR J 160 12.55 20.15 -44.79
CA THR J 160 13.48 21.15 -44.27
C THR J 160 14.05 21.92 -45.45
N VAL J 161 14.20 23.22 -45.29
CA VAL J 161 14.82 24.03 -46.34
C VAL J 161 16.00 24.75 -45.74
N SER J 162 17.12 24.71 -46.45
CA SER J 162 18.31 25.46 -46.12
C SER J 162 18.69 26.29 -47.34
N TRP J 163 19.66 27.18 -47.18
CA TRP J 163 20.12 28.00 -48.29
C TRP J 163 21.63 28.00 -48.36
N ASN J 164 22.16 27.82 -49.57
CA ASN J 164 23.61 27.70 -49.79
C ASN J 164 24.25 26.82 -48.74
N SER J 165 23.71 25.62 -48.60
CA SER J 165 24.23 24.60 -47.69
C SER J 165 24.30 25.08 -46.23
N GLY J 166 23.46 26.05 -45.86
CA GLY J 166 23.44 26.55 -44.52
C GLY J 166 24.36 27.73 -44.30
N SER J 167 25.07 28.16 -45.33
CA SER J 167 25.96 29.30 -45.24
C SER J 167 25.25 30.62 -45.51
N LEU J 168 23.92 30.60 -45.61
CA LEU J 168 23.10 31.80 -45.75
C LEU J 168 21.94 31.69 -44.78
N THR J 169 22.03 32.37 -43.65
CA THR J 169 20.99 32.35 -42.62
C THR J 169 20.21 33.65 -42.52
N SER J 170 20.88 34.80 -42.53
CA SER J 170 20.18 36.04 -42.26
C SER J 170 19.28 36.41 -43.43
N GLY J 171 18.04 36.76 -43.12
CA GLY J 171 17.07 37.06 -44.16
C GLY J 171 16.27 35.88 -44.65
N VAL J 172 16.45 34.70 -44.07
CA VAL J 172 15.74 33.49 -44.49
C VAL J 172 14.46 33.32 -43.69
N HIS J 173 13.38 32.98 -44.38
CA HIS J 173 12.07 32.76 -43.75
C HIS J 173 11.42 31.59 -44.47
N THR J 174 11.26 30.48 -43.78
CA THR J 174 10.57 29.30 -44.29
C THR J 174 9.23 29.28 -43.58
N PHE J 175 8.13 29.23 -44.35
CA PHE J 175 6.77 29.40 -43.89
C PHE J 175 6.12 28.04 -43.57
N PRO J 176 5.23 28.00 -42.59
CA PRO J 176 4.48 26.76 -42.34
C PRO J 176 3.76 26.26 -43.60
N ALA J 177 3.76 24.95 -43.78
CA ALA J 177 3.17 24.34 -44.96
C ALA J 177 1.66 24.49 -44.94
N VAL J 178 1.06 24.41 -46.15
CA VAL J 178 -0.38 24.37 -46.32
C VAL J 178 -0.77 22.94 -46.70
N LEU J 179 -1.92 22.47 -46.21
CA LEU J 179 -2.46 21.17 -46.59
C LEU J 179 -3.58 21.41 -47.60
N GLN J 180 -3.34 21.07 -48.86
CA GLN J 180 -4.36 21.34 -49.85
C GLN J 180 -5.37 20.20 -49.90
N SER J 181 -6.53 20.49 -50.46
CA SER J 181 -7.61 19.51 -50.60
C SER J 181 -7.15 18.25 -51.36
N SER J 182 -6.09 18.33 -52.17
CA SER J 182 -5.56 17.11 -52.76
C SER J 182 -4.97 16.15 -51.72
N GLY J 183 -4.84 16.58 -50.46
CA GLY J 183 -4.19 15.78 -49.45
C GLY J 183 -2.68 15.91 -49.41
N LEU J 184 -2.08 16.76 -50.24
CA LEU J 184 -0.63 16.94 -50.31
C LEU J 184 -0.23 18.29 -49.73
N TYR J 185 1.00 18.38 -49.23
CA TYR J 185 1.49 19.62 -48.62
C TYR J 185 2.30 20.47 -49.60
N SER J 186 2.28 21.79 -49.38
CA SER J 186 3.21 22.70 -50.04
C SER J 186 3.68 23.74 -49.04
N LEU J 187 4.92 24.19 -49.22
CA LEU J 187 5.40 25.33 -48.45
C LEU J 187 6.35 26.14 -49.32
N SER J 188 6.69 27.32 -48.84
CA SER J 188 7.60 28.18 -49.58
C SER J 188 8.67 28.63 -48.61
N SER J 189 9.89 28.71 -49.10
CA SER J 189 11.00 29.27 -48.35
C SER J 189 11.51 30.46 -49.13
N VAL J 190 11.81 31.52 -48.41
CA VAL J 190 12.15 32.77 -49.05
C VAL J 190 13.38 33.32 -48.37
N VAL J 191 14.23 33.97 -49.14
CA VAL J 191 15.33 34.71 -48.56
C VAL J 191 15.26 36.12 -49.12
N THR J 192 15.39 37.10 -48.23
CA THR J 192 15.39 38.51 -48.58
C THR J 192 16.83 38.96 -48.69
N VAL J 193 17.16 39.66 -49.76
CA VAL J 193 18.56 39.94 -50.07
C VAL J 193 18.65 41.32 -50.69
N PRO J 194 19.80 41.99 -50.65
CA PRO J 194 19.92 43.30 -51.29
C PRO J 194 19.81 43.14 -52.80
N SER J 195 19.00 44.01 -53.42
CA SER J 195 18.79 43.88 -54.87
C SER J 195 20.11 44.01 -55.63
N SER J 196 21.03 44.84 -55.12
CA SER J 196 22.38 44.89 -55.64
C SER J 196 22.99 43.50 -55.76
N SER J 197 22.68 42.63 -54.80
CA SER J 197 23.31 41.33 -54.65
C SER J 197 22.84 40.27 -55.66
N LEU J 198 21.86 40.51 -56.52
CA LEU J 198 21.43 39.41 -57.38
C LEU J 198 22.51 38.98 -58.37
N GLY J 199 23.38 39.89 -58.77
CA GLY J 199 24.50 39.52 -59.60
C GLY J 199 25.61 38.85 -58.80
N THR J 200 25.98 39.38 -57.64
CA THR J 200 27.05 38.75 -56.86
C THR J 200 26.80 37.25 -56.70
N GLN J 201 25.59 36.89 -56.29
CA GLN J 201 25.38 35.61 -55.64
C GLN J 201 24.60 34.64 -56.53
N THR J 202 24.92 33.36 -56.36
CA THR J 202 24.08 32.26 -56.82
C THR J 202 23.36 31.78 -55.58
N TYR J 203 22.04 31.66 -55.65
CA TYR J 203 21.23 31.24 -54.52
C TYR J 203 20.66 29.86 -54.82
N VAL J 204 20.94 28.93 -53.93
CA VAL J 204 20.53 27.53 -54.08
C VAL J 204 19.76 27.15 -52.85
N CYS J 205 18.55 26.67 -53.02
CA CYS J 205 17.81 26.21 -51.87
C CYS J 205 17.92 24.70 -51.79
N ASN J 206 18.18 24.22 -50.58
CA ASN J 206 18.46 22.82 -50.27
C ASN J 206 17.22 22.28 -49.59
N VAL J 207 16.43 21.51 -50.33
CA VAL J 207 15.20 20.93 -49.83
C VAL J 207 15.48 19.50 -49.43
N ASN J 208 15.21 19.17 -48.17
CA ASN J 208 15.36 17.81 -47.67
C ASN J 208 14.01 17.29 -47.25
N HIS J 209 13.57 16.21 -47.90
CA HIS J 209 12.34 15.49 -47.55
C HIS J 209 12.76 14.09 -47.11
N LYS J 210 13.10 13.96 -45.84
CA LYS J 210 13.50 12.66 -45.32
C LYS J 210 12.45 11.56 -45.50
N PRO J 211 11.15 11.80 -45.35
CA PRO J 211 10.21 10.68 -45.41
C PRO J 211 10.29 9.89 -46.71
N SER J 212 10.64 10.53 -47.82
CA SER J 212 10.80 9.81 -49.08
C SER J 212 12.24 9.74 -49.51
N ASN J 213 13.16 10.02 -48.59
CA ASN J 213 14.58 9.87 -48.85
C ASN J 213 15.01 10.71 -50.05
N THR J 214 14.46 11.91 -50.16
CA THR J 214 14.77 12.71 -51.35
C THR J 214 15.29 14.07 -50.93
N LYS J 215 16.26 14.57 -51.68
CA LYS J 215 16.90 15.84 -51.43
C LYS J 215 17.06 16.53 -52.77
N VAL J 216 16.72 17.82 -52.83
CA VAL J 216 16.79 18.59 -54.06
C VAL J 216 17.56 19.88 -53.80
N ASP J 217 18.49 20.18 -54.68
CA ASP J 217 19.23 21.43 -54.64
C ASP J 217 18.81 22.21 -55.89
N LYS J 218 18.07 23.28 -55.70
CA LYS J 218 17.54 24.04 -56.82
C LYS J 218 18.19 25.40 -56.87
N ARG J 219 18.81 25.73 -58.00
CA ARG J 219 19.35 27.08 -58.19
C ARG J 219 18.23 28.00 -58.66
N VAL J 220 18.09 29.11 -57.95
CA VAL J 220 17.04 30.09 -58.20
C VAL J 220 17.65 31.24 -59.00
N GLU J 221 17.31 31.36 -60.28
CA GLU J 221 17.86 32.44 -61.09
C GLU J 221 16.79 33.38 -61.62
N ILE J 222 17.27 34.43 -62.31
CA ILE J 222 16.54 35.57 -62.86
C ILE J 222 16.10 36.44 -61.69
N GLN K 1 -11.79 16.85 -15.73
CA GLN K 1 -11.19 15.54 -15.90
C GLN K 1 -9.78 15.60 -16.50
N PHE K 2 -9.27 16.81 -16.69
CA PHE K 2 -7.83 17.01 -16.67
C PHE K 2 -7.28 16.53 -15.34
N VAL K 3 -6.13 15.87 -15.39
CA VAL K 3 -5.52 15.50 -14.13
C VAL K 3 -4.75 16.68 -13.54
N LEU K 4 -4.18 17.54 -14.38
CA LEU K 4 -3.56 18.78 -13.93
C LEU K 4 -4.21 19.91 -14.73
N ALA K 5 -4.94 20.79 -14.06
CA ALA K 5 -5.69 21.84 -14.74
C ALA K 5 -4.88 23.12 -14.71
N GLN K 6 -4.80 23.80 -15.86
CA GLN K 6 -4.10 25.06 -16.01
C GLN K 6 -4.99 26.07 -16.73
N PRO K 7 -4.87 27.35 -16.40
CA PRO K 7 -5.57 28.37 -17.17
C PRO K 7 -5.07 28.41 -18.60
N PRO K 8 -5.96 28.29 -19.58
CA PRO K 8 -5.52 28.29 -20.98
C PRO K 8 -4.73 29.52 -21.36
N SER K 9 -5.01 30.66 -20.77
CA SER K 9 -4.29 31.86 -21.14
C SER K 9 -4.09 32.73 -19.92
N VAL K 10 -2.92 33.35 -19.85
CA VAL K 10 -2.59 34.31 -18.82
C VAL K 10 -1.81 35.43 -19.48
N SER K 11 -2.17 36.67 -19.17
CA SER K 11 -1.50 37.82 -19.75
C SER K 11 -1.18 38.86 -18.68
N GLY K 12 -0.08 39.56 -18.89
CA GLY K 12 0.35 40.60 -17.99
C GLY K 12 1.03 41.70 -18.77
N ALA K 13 1.09 42.86 -18.16
CA ALA K 13 1.76 43.98 -18.79
C ALA K 13 3.27 43.86 -18.56
N PRO K 14 4.09 44.38 -19.46
CA PRO K 14 5.53 44.22 -19.31
C PRO K 14 6.03 44.83 -18.01
N GLY K 15 7.06 44.20 -17.44
CA GLY K 15 7.65 44.63 -16.20
C GLY K 15 6.91 44.22 -14.96
N GLN K 16 5.70 43.70 -15.07
CA GLN K 16 4.97 43.32 -13.88
C GLN K 16 5.31 41.86 -13.54
N ARG K 17 4.65 41.32 -12.52
CA ARG K 17 4.80 39.93 -12.08
C ARG K 17 3.48 39.20 -12.28
N VAL K 18 3.56 37.98 -12.83
CA VAL K 18 2.36 37.17 -13.08
C VAL K 18 2.61 35.79 -12.48
N THR K 19 1.50 35.10 -12.15
CA THR K 19 1.52 33.74 -11.60
C THR K 19 0.69 32.80 -12.46
N LEU K 20 1.33 31.74 -12.93
CA LEU K 20 0.68 30.68 -13.68
C LEU K 20 0.38 29.52 -12.73
N SER K 21 -0.90 29.20 -12.59
CA SER K 21 -1.39 28.26 -11.62
C SER K 21 -1.56 26.86 -12.21
N CYS K 22 -1.52 25.86 -11.32
CA CYS K 22 -1.65 24.45 -11.70
C CYS K 22 -2.37 23.77 -10.55
N THR K 23 -3.59 23.30 -10.82
CA THR K 23 -4.46 22.73 -9.81
C THR K 23 -4.49 21.23 -9.99
N GLY K 24 -4.16 20.49 -8.93
CA GLY K 24 -4.11 19.05 -8.99
C GLY K 24 -4.95 18.44 -7.87
N SER K 25 -4.56 17.22 -7.49
CA SER K 25 -5.21 16.47 -6.43
C SER K 25 -4.16 15.92 -5.47
N ASN K 26 -4.62 15.13 -4.49
CA ASN K 26 -3.71 14.47 -3.57
C ASN K 26 -3.00 13.27 -4.19
N SER K 27 -3.45 12.77 -5.33
CA SER K 27 -2.73 11.69 -5.97
C SER K 27 -1.66 12.19 -6.94
N ASN K 28 -1.44 13.51 -7.04
CA ASN K 28 -0.27 14.03 -7.73
C ASN K 28 0.42 15.16 -6.98
N ILE K 29 -0.02 16.40 -7.18
CA ILE K 29 0.65 17.56 -6.57
C ILE K 29 0.66 17.44 -5.05
N GLY K 30 -0.38 16.83 -4.48
CA GLY K 30 -0.44 16.67 -3.06
C GLY K 30 0.70 15.86 -2.48
N VAL K 31 1.31 14.98 -3.27
CA VAL K 31 2.34 14.08 -2.75
C VAL K 31 3.63 14.07 -3.56
N ASN K 32 3.63 14.52 -4.82
CA ASN K 32 4.77 14.39 -5.72
C ASN K 32 5.25 15.73 -6.25
N TYR K 33 6.51 15.72 -6.70
CA TYR K 33 7.13 16.95 -7.17
C TYR K 33 6.50 17.45 -8.47
N VAL K 34 6.49 18.77 -8.61
CA VAL K 34 5.97 19.45 -9.79
C VAL K 34 7.15 20.03 -10.53
N GLN K 35 7.18 19.83 -11.84
CA GLN K 35 8.16 20.41 -12.75
C GLN K 35 7.45 21.43 -13.65
N TRP K 36 8.18 22.44 -14.10
CA TRP K 36 7.63 23.43 -15.02
C TRP K 36 8.49 23.53 -16.27
N TYR K 37 7.85 23.40 -17.43
CA TYR K 37 8.46 23.44 -18.75
C TYR K 37 7.95 24.64 -19.54
N GLN K 38 8.86 25.27 -20.27
CA GLN K 38 8.55 26.35 -21.18
C GLN K 38 8.80 25.90 -22.61
N GLN K 39 7.88 26.22 -23.51
CA GLN K 39 8.02 25.85 -24.91
C GLN K 39 7.80 27.08 -25.77
N LEU K 40 8.83 27.47 -26.48
CA LEU K 40 8.78 28.51 -27.50
C LEU K 40 8.34 27.90 -28.83
N PRO K 41 7.83 28.70 -29.75
CA PRO K 41 7.38 28.14 -31.03
C PRO K 41 8.53 27.43 -31.74
N GLY K 42 8.26 26.22 -32.19
CA GLY K 42 9.24 25.46 -32.95
C GLY K 42 10.28 24.72 -32.13
N THR K 43 10.20 24.74 -30.80
CA THR K 43 11.28 24.21 -29.97
C THR K 43 10.76 23.13 -29.03
N ALA K 44 11.69 22.28 -28.59
CA ALA K 44 11.35 21.31 -27.58
C ALA K 44 11.08 21.99 -26.24
N PRO K 45 10.25 21.39 -25.39
CA PRO K 45 10.04 21.96 -24.05
C PRO K 45 11.36 22.08 -23.29
N LYS K 46 11.47 23.13 -22.51
CA LYS K 46 12.67 23.40 -21.71
C LYS K 46 12.30 23.42 -20.24
N LEU K 47 13.06 22.65 -19.45
CA LEU K 47 12.80 22.54 -18.01
C LEU K 47 13.16 23.83 -17.32
N LEU K 48 12.18 24.48 -16.72
CA LEU K 48 12.41 25.69 -15.93
C LEU K 48 12.48 25.43 -14.43
N ILE K 49 11.61 24.59 -13.89
CA ILE K 49 11.60 24.31 -12.46
C ILE K 49 11.50 22.80 -12.27
N TYR K 50 12.20 22.29 -11.26
CA TYR K 50 12.04 20.88 -10.90
C TYR K 50 11.93 20.75 -9.38
N GLU K 51 11.28 19.67 -8.96
CA GLU K 51 11.06 19.38 -7.54
C GLU K 51 10.47 20.60 -6.83
N ASN K 52 9.37 21.10 -7.37
CA ASN K 52 8.55 22.18 -6.82
C ASN K 52 9.16 23.58 -6.89
N ASN K 53 10.44 23.74 -6.57
CA ASN K 53 10.95 25.11 -6.54
C ASN K 53 12.43 25.22 -6.88
N LYS K 54 13.06 24.20 -7.44
CA LYS K 54 14.47 24.32 -7.79
C LYS K 54 14.61 24.80 -9.22
N ARG K 55 15.67 25.58 -9.46
CA ARG K 55 15.89 26.24 -10.74
C ARG K 55 17.22 25.77 -11.32
N PRO K 56 17.25 25.22 -12.53
CA PRO K 56 18.54 24.80 -13.12
C PRO K 56 19.44 25.97 -13.42
N SER K 57 20.72 25.67 -13.54
CA SER K 57 21.69 26.67 -13.95
C SER K 57 21.35 27.16 -15.35
N GLY K 58 21.31 28.47 -15.52
CA GLY K 58 21.00 29.03 -16.82
C GLY K 58 19.55 29.40 -17.04
N VAL K 59 18.69 29.20 -16.05
CA VAL K 59 17.33 29.72 -16.09
C VAL K 59 17.31 31.00 -15.29
N SER K 60 16.79 32.07 -15.88
CA SER K 60 16.79 33.38 -15.24
C SER K 60 16.05 33.35 -13.91
N ASP K 61 16.58 34.09 -12.93
CA ASP K 61 15.98 34.08 -11.59
C ASP K 61 14.65 34.84 -11.54
N ARG K 62 14.19 35.42 -12.64
CA ARG K 62 12.85 35.95 -12.64
C ARG K 62 11.79 34.85 -12.58
N PHE K 63 12.19 33.61 -12.80
CA PHE K 63 11.28 32.47 -12.68
C PHE K 63 11.45 31.79 -11.32
N SER K 64 10.33 31.47 -10.69
CA SER K 64 10.37 30.83 -9.40
C SER K 64 9.16 29.92 -9.26
N GLY K 65 9.34 28.80 -8.58
CA GLY K 65 8.28 27.81 -8.44
C GLY K 65 7.87 27.71 -6.99
N SER K 66 6.60 27.39 -6.78
CA SER K 66 6.10 27.20 -5.42
C SER K 66 4.99 26.18 -5.44
N GLN K 67 4.78 25.54 -4.30
CA GLN K 67 3.78 24.47 -4.16
C GLN K 67 3.20 24.52 -2.76
N SER K 68 1.90 24.24 -2.65
CA SER K 68 1.25 24.21 -1.35
C SER K 68 -0.01 23.38 -1.50
N GLY K 69 -0.23 22.47 -0.57
CA GLY K 69 -1.38 21.59 -0.66
C GLY K 69 -1.38 20.87 -1.99
N THR K 70 -2.52 20.91 -2.67
CA THR K 70 -2.64 20.21 -3.93
C THR K 70 -2.48 21.16 -5.11
N SER K 71 -1.90 22.33 -4.89
CA SER K 71 -1.85 23.26 -6.01
C SER K 71 -0.46 23.88 -6.03
N ALA K 72 0.01 24.21 -7.24
CA ALA K 72 1.35 24.77 -7.43
C ALA K 72 1.31 25.90 -8.44
N SER K 73 2.36 26.72 -8.44
CA SER K 73 2.39 27.91 -9.27
C SER K 73 3.80 28.26 -9.74
N LEU K 74 3.87 28.78 -10.96
CA LEU K 74 5.04 29.40 -11.54
C LEU K 74 4.90 30.91 -11.44
N THR K 75 5.97 31.59 -11.06
CA THR K 75 5.91 33.03 -10.91
C THR K 75 7.01 33.67 -11.75
N ILE K 76 6.61 34.65 -12.55
CA ILE K 76 7.52 35.39 -13.41
C ILE K 76 7.46 36.85 -12.96
N THR K 77 8.62 37.40 -12.61
CA THR K 77 8.75 38.80 -12.24
C THR K 77 9.44 39.58 -13.35
N GLY K 78 9.12 40.88 -13.44
CA GLY K 78 9.71 41.72 -14.46
C GLY K 78 9.44 41.24 -15.86
N LEU K 79 8.16 41.08 -16.20
CA LEU K 79 7.75 40.42 -17.45
C LEU K 79 8.44 41.03 -18.66
N GLN K 80 8.86 40.16 -19.58
CA GLN K 80 9.53 40.57 -20.81
C GLN K 80 8.80 39.97 -22.00
N SER K 81 9.04 40.58 -23.17
CA SER K 81 8.41 40.09 -24.40
C SER K 81 8.88 38.68 -24.75
N GLU K 82 10.13 38.34 -24.44
CA GLU K 82 10.65 37.02 -24.72
C GLU K 82 10.15 35.98 -23.74
N ASP K 83 9.16 36.29 -22.92
CA ASP K 83 8.53 35.30 -22.07
C ASP K 83 7.25 34.72 -22.67
N GLU K 84 6.77 35.26 -23.79
CA GLU K 84 5.60 34.69 -24.44
C GLU K 84 5.94 33.27 -24.90
N ALA K 85 5.21 32.29 -24.41
CA ALA K 85 5.46 30.90 -24.73
C ALA K 85 4.32 30.09 -24.15
N ASP K 86 4.37 28.78 -24.35
CA ASP K 86 3.47 27.90 -23.62
C ASP K 86 4.20 27.36 -22.38
N TYR K 87 3.49 27.27 -21.27
CA TYR K 87 4.09 26.82 -20.02
C TYR K 87 3.25 25.66 -19.51
N TYR K 88 3.90 24.53 -19.24
CA TYR K 88 3.28 23.30 -18.75
C TYR K 88 3.81 22.94 -17.38
N CYS K 89 2.91 22.57 -16.47
CA CYS K 89 3.30 21.89 -15.24
C CYS K 89 3.28 20.39 -15.51
N GLN K 90 4.05 19.65 -14.72
CA GLN K 90 4.21 18.23 -14.92
C GLN K 90 4.40 17.54 -13.58
N CYS K 91 3.69 16.43 -13.39
CA CYS K 91 3.76 15.76 -12.10
C CYS K 91 3.52 14.28 -12.33
N TYR K 92 3.73 13.49 -11.28
CA TYR K 92 3.45 12.06 -11.36
C TYR K 92 2.15 11.78 -10.61
N ASP K 93 1.27 10.97 -11.21
CA ASP K 93 -0.03 10.70 -10.63
C ASP K 93 -0.11 9.23 -10.21
N ILE K 94 -0.30 9.06 -8.89
CA ILE K 94 -0.34 7.74 -8.26
C ILE K 94 -1.52 6.95 -8.78
N SER K 95 -2.66 7.62 -8.95
CA SER K 95 -3.86 6.90 -9.33
C SER K 95 -3.80 6.43 -10.78
N LEU K 96 -3.09 7.16 -11.63
CA LEU K 96 -2.88 6.76 -13.02
C LEU K 96 -1.64 5.91 -13.19
N GLY K 97 -0.74 5.92 -12.20
CA GLY K 97 0.54 5.26 -12.38
C GLY K 97 1.28 5.83 -13.56
N ALA K 98 1.26 7.16 -13.71
CA ALA K 98 1.90 7.71 -14.89
C ALA K 98 2.38 9.13 -14.62
N HIS K 99 3.45 9.50 -15.31
CA HIS K 99 3.82 10.91 -15.40
C HIS K 99 2.86 11.62 -16.35
N VAL K 100 2.34 12.76 -15.93
CA VAL K 100 1.37 13.49 -16.72
C VAL K 100 1.79 14.95 -16.83
N PHE K 101 1.35 15.58 -17.91
CA PHE K 101 1.59 16.99 -18.15
C PHE K 101 0.28 17.74 -17.94
N GLY K 102 0.40 19.00 -17.55
CA GLY K 102 -0.78 19.82 -17.45
C GLY K 102 -1.30 20.18 -18.82
N SER K 103 -2.49 20.78 -18.84
CA SER K 103 -3.14 21.14 -20.10
C SER K 103 -2.43 22.29 -20.81
N GLY K 104 -1.56 23.02 -20.14
CA GLY K 104 -0.78 24.07 -20.78
C GLY K 104 -1.37 25.46 -20.64
N THR K 105 -0.51 26.46 -20.41
CA THR K 105 -0.91 27.85 -20.33
C THR K 105 -0.12 28.65 -21.35
N GLU K 106 -0.83 29.43 -22.16
CA GLU K 106 -0.21 30.35 -23.12
C GLU K 106 -0.09 31.73 -22.48
N LEU K 107 1.12 32.26 -22.42
CA LEU K 107 1.37 33.55 -21.77
C LEU K 107 1.54 34.65 -22.81
N THR K 108 0.74 35.71 -22.68
CA THR K 108 0.78 36.86 -23.57
C THR K 108 1.33 38.08 -22.86
N VAL K 109 2.26 38.77 -23.50
CA VAL K 109 2.76 40.03 -22.99
C VAL K 109 1.94 41.16 -23.60
N LEU K 110 1.19 41.89 -22.77
CA LEU K 110 0.25 42.88 -23.26
C LEU K 110 0.99 44.09 -23.83
N GLY K 111 0.22 44.95 -24.51
CA GLY K 111 0.73 46.21 -24.99
C GLY K 111 1.78 46.11 -26.08
N GLN K 112 1.74 45.03 -26.89
CA GLN K 112 2.66 45.05 -28.00
C GLN K 112 2.08 45.90 -29.14
N PRO K 113 2.91 46.65 -29.86
CA PRO K 113 2.36 47.56 -30.88
C PRO K 113 1.85 46.80 -32.10
N LYS K 114 0.84 47.36 -32.74
CA LYS K 114 0.30 46.79 -33.96
C LYS K 114 1.30 46.90 -35.10
N ALA K 115 1.35 45.87 -35.94
CA ALA K 115 2.28 45.84 -37.05
C ALA K 115 1.57 45.39 -38.31
N ALA K 116 1.66 46.18 -39.37
CA ALA K 116 0.98 45.82 -40.60
C ALA K 116 1.78 44.75 -41.32
N PRO K 117 1.10 43.87 -42.05
CA PRO K 117 1.80 42.76 -42.70
C PRO K 117 2.59 43.22 -43.89
N SER K 118 3.77 42.64 -44.06
CA SER K 118 4.45 42.71 -45.34
C SER K 118 3.96 41.56 -46.21
N VAL K 119 3.65 41.86 -47.48
CA VAL K 119 3.00 40.93 -48.40
C VAL K 119 3.85 40.80 -49.64
N THR K 120 4.09 39.58 -50.09
CA THR K 120 4.83 39.33 -51.30
C THR K 120 4.07 38.35 -52.18
N LEU K 121 3.93 38.67 -53.47
CA LEU K 121 3.19 37.82 -54.40
C LEU K 121 4.12 37.34 -55.51
N PHE K 122 4.20 36.02 -55.70
CA PHE K 122 5.02 35.45 -56.77
C PHE K 122 4.15 34.84 -57.86
N PRO K 123 4.48 35.11 -59.11
CA PRO K 123 3.83 34.44 -60.24
C PRO K 123 4.34 33.03 -60.40
N PRO K 124 3.75 32.22 -61.29
CA PRO K 124 4.27 30.87 -61.48
C PRO K 124 5.63 30.90 -62.14
N SER K 125 6.42 29.88 -61.86
CA SER K 125 7.64 29.70 -62.62
C SER K 125 7.27 29.23 -64.02
N SER K 126 8.15 29.55 -64.98
CA SER K 126 7.92 29.07 -66.35
C SER K 126 7.89 27.55 -66.39
N GLU K 127 8.73 26.88 -65.58
CA GLU K 127 8.79 25.44 -65.70
C GLU K 127 7.59 24.75 -65.05
N GLU K 128 6.97 25.38 -64.05
CA GLU K 128 5.67 24.88 -63.62
C GLU K 128 4.63 25.07 -64.72
N LEU K 129 4.74 26.19 -65.47
CA LEU K 129 3.83 26.43 -66.59
C LEU K 129 4.00 25.39 -67.68
N GLN K 130 5.21 24.86 -67.88
CA GLN K 130 5.34 23.80 -68.88
C GLN K 130 4.59 22.53 -68.47
N ALA K 131 4.32 22.33 -67.18
CA ALA K 131 3.46 21.23 -66.77
C ALA K 131 1.98 21.58 -66.79
N ASN K 132 1.63 22.70 -67.41
CA ASN K 132 0.26 23.17 -67.59
C ASN K 132 -0.43 23.54 -66.29
N LYS K 133 0.33 23.79 -65.24
CA LYS K 133 -0.19 24.27 -63.96
C LYS K 133 0.45 25.62 -63.62
N ALA K 134 -0.14 26.30 -62.66
CA ALA K 134 0.31 27.64 -62.29
C ALA K 134 -0.09 27.88 -60.84
N THR K 135 0.89 28.05 -59.95
CA THR K 135 0.61 28.36 -58.55
C THR K 135 1.10 29.77 -58.23
N LEU K 136 0.18 30.64 -57.81
CA LEU K 136 0.55 31.95 -57.30
C LEU K 136 0.75 31.86 -55.79
N VAL K 137 1.85 32.42 -55.30
CA VAL K 137 2.18 32.29 -53.87
C VAL K 137 2.18 33.66 -53.23
N CYS K 138 1.35 33.83 -52.20
CA CYS K 138 1.27 35.09 -51.46
C CYS K 138 1.75 34.87 -50.03
N LEU K 139 2.94 35.39 -49.71
CA LEU K 139 3.57 35.25 -48.41
C LEU K 139 3.34 36.50 -47.57
N ILE K 140 2.99 36.31 -46.30
CA ILE K 140 2.57 37.40 -45.43
C ILE K 140 3.34 37.26 -44.11
N SER K 141 4.10 38.30 -43.73
CA SER K 141 4.95 38.14 -42.55
C SER K 141 4.97 39.42 -41.72
N ASP K 142 5.38 39.25 -40.46
CA ASP K 142 5.72 40.35 -39.55
C ASP K 142 4.50 41.17 -39.14
N PHE K 143 3.34 40.54 -39.01
CA PHE K 143 2.18 41.29 -38.58
C PHE K 143 1.80 40.91 -37.14
N TYR K 144 1.11 41.86 -36.51
CA TYR K 144 0.65 41.75 -35.13
C TYR K 144 -0.51 42.70 -34.95
N PRO K 145 -1.64 42.26 -34.40
CA PRO K 145 -1.87 40.88 -33.94
C PRO K 145 -2.17 39.84 -35.02
N GLY K 146 -2.30 38.60 -34.57
CA GLY K 146 -2.27 37.45 -35.44
C GLY K 146 -3.49 37.17 -36.28
N ALA K 147 -4.35 38.15 -36.55
CA ALA K 147 -5.54 37.88 -37.32
C ALA K 147 -5.45 38.55 -38.68
N VAL K 148 -5.77 37.81 -39.74
CA VAL K 148 -5.69 38.33 -41.09
C VAL K 148 -6.64 37.57 -41.95
N GLU K 149 -7.11 38.22 -43.01
CA GLU K 149 -7.82 37.46 -44.03
C GLU K 149 -7.25 37.79 -45.40
N VAL K 150 -7.25 36.78 -46.28
CA VAL K 150 -6.69 36.87 -47.62
C VAL K 150 -7.81 36.62 -48.61
N ALA K 151 -7.91 37.47 -49.63
CA ALA K 151 -8.83 37.28 -50.74
C ALA K 151 -8.04 37.46 -52.02
N TRP K 152 -8.32 36.64 -53.02
CA TRP K 152 -7.70 36.77 -54.33
C TRP K 152 -8.70 37.38 -55.30
N LYS K 153 -8.21 38.16 -56.27
CA LYS K 153 -9.02 38.70 -57.35
C LYS K 153 -8.32 38.41 -58.65
N ALA K 154 -9.11 38.23 -59.72
CA ALA K 154 -8.61 38.07 -61.08
C ALA K 154 -9.26 39.14 -61.94
N ASP K 155 -8.43 40.02 -62.53
CA ASP K 155 -8.90 41.27 -63.11
C ASP K 155 -9.76 42.00 -62.07
N GLY K 156 -11.01 42.27 -62.38
CA GLY K 156 -11.83 42.84 -61.33
C GLY K 156 -12.33 41.87 -60.27
N SER K 157 -12.75 40.68 -60.68
CA SER K 157 -13.69 39.87 -59.90
C SER K 157 -13.01 38.97 -58.87
N ALA K 158 -13.78 38.64 -57.83
CA ALA K 158 -13.33 37.71 -56.81
C ALA K 158 -13.07 36.33 -57.37
N VAL K 159 -12.09 35.65 -56.78
CA VAL K 159 -11.80 34.25 -57.10
C VAL K 159 -12.18 33.36 -55.93
N ASN K 160 -12.99 32.35 -56.23
CA ASN K 160 -13.73 31.49 -55.32
C ASN K 160 -13.28 30.05 -55.33
N ALA K 161 -12.35 29.69 -56.20
CA ALA K 161 -11.86 28.32 -56.32
C ALA K 161 -10.35 28.33 -56.34
N GLY K 162 -9.79 27.23 -55.86
CA GLY K 162 -8.36 27.01 -55.90
C GLY K 162 -7.52 27.74 -54.87
N VAL K 163 -8.14 28.27 -53.82
CA VAL K 163 -7.43 29.06 -52.83
C VAL K 163 -7.25 28.25 -51.56
N GLU K 164 -6.01 28.15 -51.09
CA GLU K 164 -5.74 27.53 -49.81
C GLU K 164 -4.89 28.49 -49.01
N THR K 165 -5.31 28.77 -47.78
CA THR K 165 -4.68 29.81 -47.00
C THR K 165 -4.36 29.25 -45.63
N THR K 166 -3.12 29.40 -45.21
CA THR K 166 -2.77 28.85 -43.91
C THR K 166 -3.30 29.70 -42.79
N LYS K 167 -3.38 29.08 -41.60
CA LYS K 167 -3.49 29.78 -40.34
C LYS K 167 -2.23 30.57 -40.01
N PRO K 168 -2.40 31.68 -39.32
CA PRO K 168 -1.25 32.44 -38.84
C PRO K 168 -0.47 31.67 -37.79
N SER K 169 0.86 31.82 -37.83
CA SER K 169 1.75 31.18 -36.89
C SER K 169 2.75 32.18 -36.32
N LYS K 170 3.11 31.97 -35.05
CA LYS K 170 3.97 32.89 -34.35
C LYS K 170 5.40 32.74 -34.84
N GLN K 171 6.06 33.86 -35.11
CA GLN K 171 7.46 33.86 -35.47
C GLN K 171 8.30 33.92 -34.20
N SER K 172 9.63 33.86 -34.36
CA SER K 172 10.51 33.97 -33.21
C SER K 172 10.37 35.33 -32.51
N ASN K 173 10.07 36.38 -33.25
CA ASN K 173 9.95 37.74 -32.73
C ASN K 173 8.54 38.08 -32.24
N ASN K 174 7.69 37.07 -32.02
CA ASN K 174 6.33 37.21 -31.51
C ASN K 174 5.38 37.92 -32.47
N LYS K 175 5.83 38.30 -33.67
CA LYS K 175 4.88 38.65 -34.73
C LYS K 175 4.42 37.37 -35.41
N TYR K 176 3.59 37.51 -36.46
CA TYR K 176 2.94 36.38 -37.10
C TYR K 176 3.27 36.29 -38.57
N ALA K 177 3.12 35.08 -39.12
CA ALA K 177 3.28 34.81 -40.55
C ALA K 177 2.13 33.93 -41.04
N ALA K 178 1.78 34.10 -42.32
CA ALA K 178 0.78 33.28 -42.99
C ALA K 178 1.12 33.24 -44.48
N SER K 179 0.45 32.36 -45.20
CA SER K 179 0.65 32.31 -46.63
C SER K 179 -0.61 31.80 -47.30
N SER K 180 -0.76 32.15 -48.58
CA SER K 180 -1.94 31.73 -49.33
C SER K 180 -1.50 31.33 -50.73
N TYR K 181 -2.15 30.29 -51.27
CA TYR K 181 -1.76 29.64 -52.51
C TYR K 181 -2.97 29.60 -53.43
N LEU K 182 -2.82 30.13 -54.64
CA LEU K 182 -3.88 30.03 -55.63
C LEU K 182 -3.41 29.07 -56.71
N SER K 183 -4.10 27.95 -56.86
CA SER K 183 -3.75 26.93 -57.86
C SER K 183 -4.64 27.09 -59.08
N LEU K 184 -4.03 27.40 -60.22
CA LEU K 184 -4.68 27.55 -61.52
C LEU K 184 -4.06 26.58 -62.52
N THR K 185 -4.73 26.43 -63.65
CA THR K 185 -4.04 25.84 -64.79
C THR K 185 -3.32 26.92 -65.57
N SER K 186 -2.43 26.49 -66.45
CA SER K 186 -1.71 27.42 -67.30
C SER K 186 -2.68 28.30 -68.10
N ASP K 187 -3.75 27.70 -68.64
CA ASP K 187 -4.65 28.49 -69.47
C ASP K 187 -5.38 29.55 -68.65
N GLN K 188 -5.78 29.21 -67.42
CA GLN K 188 -6.38 30.22 -66.54
C GLN K 188 -5.42 31.35 -66.27
N TRP K 189 -4.16 31.03 -65.97
CA TRP K 189 -3.18 32.07 -65.72
C TRP K 189 -3.06 32.98 -66.93
N LYS K 190 -2.92 32.39 -68.12
CA LYS K 190 -2.73 33.17 -69.35
C LYS K 190 -3.99 33.90 -69.79
N SER K 191 -5.15 33.52 -69.26
CA SER K 191 -6.37 34.16 -69.71
C SER K 191 -6.55 35.55 -69.14
N HIS K 192 -6.19 35.77 -67.88
CA HIS K 192 -6.53 37.05 -67.28
C HIS K 192 -5.39 38.06 -67.43
N LYS K 193 -5.74 39.33 -67.24
CA LYS K 193 -4.74 40.38 -67.43
C LYS K 193 -3.90 40.56 -66.19
N SER K 194 -4.48 40.28 -65.01
CA SER K 194 -3.72 40.37 -63.78
C SER K 194 -4.45 39.59 -62.68
N TYR K 195 -3.68 39.15 -61.70
CA TYR K 195 -4.18 38.52 -60.49
C TYR K 195 -3.71 39.32 -59.29
N SER K 196 -4.50 39.31 -58.23
CA SER K 196 -4.24 40.11 -57.06
C SER K 196 -4.44 39.29 -55.80
N CYS K 197 -3.52 39.47 -54.86
CA CYS K 197 -3.61 38.95 -53.50
C CYS K 197 -3.89 40.13 -52.59
N GLN K 198 -5.03 40.10 -51.91
CA GLN K 198 -5.50 41.19 -51.05
C GLN K 198 -5.53 40.71 -49.61
N VAL K 199 -4.77 41.38 -48.75
CA VAL K 199 -4.59 40.97 -47.35
C VAL K 199 -5.18 42.07 -46.45
N THR K 200 -6.22 41.72 -45.70
CA THR K 200 -6.84 42.67 -44.78
C THR K 200 -6.40 42.36 -43.35
N HIS K 201 -5.97 43.41 -42.65
CA HIS K 201 -5.44 43.38 -41.30
C HIS K 201 -5.85 44.66 -40.60
N GLU K 202 -6.49 44.52 -39.45
CA GLU K 202 -6.95 45.66 -38.64
C GLU K 202 -7.62 46.73 -39.49
N GLY K 203 -8.53 46.30 -40.34
CA GLY K 203 -9.35 47.25 -41.07
C GLY K 203 -8.70 47.91 -42.25
N SER K 204 -7.41 47.66 -42.50
CA SER K 204 -6.82 48.14 -43.73
C SER K 204 -6.33 46.95 -44.56
N THR K 205 -6.20 47.16 -45.86
CA THR K 205 -5.80 46.10 -46.75
C THR K 205 -4.56 46.50 -47.52
N VAL K 206 -3.63 45.57 -47.69
CA VAL K 206 -2.55 45.69 -48.66
C VAL K 206 -2.83 44.71 -49.78
N GLU K 207 -2.82 45.18 -51.01
CA GLU K 207 -3.08 44.36 -52.17
C GLU K 207 -1.87 44.39 -53.09
N LYS K 208 -1.44 43.22 -53.54
CA LYS K 208 -0.35 43.15 -54.50
C LYS K 208 -0.87 42.49 -55.77
N THR K 209 -0.35 42.94 -56.90
CA THR K 209 -0.86 42.52 -58.19
C THR K 209 0.30 41.98 -59.02
N VAL K 210 0.01 40.97 -59.83
CA VAL K 210 0.98 40.37 -60.73
C VAL K 210 0.30 40.09 -62.07
N ALA K 211 1.07 40.17 -63.15
CA ALA K 211 0.45 39.99 -64.46
C ALA K 211 1.31 39.10 -65.34
N PRO K 212 0.69 38.22 -66.15
CA PRO K 212 1.45 37.39 -67.10
C PRO K 212 2.10 38.20 -68.21
N ALA L 1 13.35 14.41 -9.05
CA ALA L 1 14.11 14.21 -10.28
C ALA L 1 14.30 15.54 -10.99
N VAL L 2 15.42 15.69 -11.69
CA VAL L 2 15.64 16.88 -12.49
C VAL L 2 14.96 16.63 -13.83
N GLY L 3 13.65 16.85 -13.87
CA GLY L 3 12.92 16.41 -15.04
C GLY L 3 12.03 15.23 -14.69
N ILE L 4 11.93 14.27 -15.60
CA ILE L 4 11.11 13.09 -15.39
C ILE L 4 12.02 11.92 -15.09
N GLY L 5 11.90 11.38 -13.87
CA GLY L 5 12.73 10.28 -13.44
C GLY L 5 12.09 9.45 -12.34
N ALA L 6 12.87 9.08 -11.33
CA ALA L 6 12.33 8.27 -10.24
C ALA L 6 11.20 9.03 -9.56
N VAL L 7 10.13 8.33 -9.20
CA VAL L 7 8.98 9.08 -8.71
C VAL L 7 9.29 9.77 -7.38
N PHE L 8 9.51 8.96 -6.34
CA PHE L 8 10.18 9.38 -5.13
C PHE L 8 10.49 8.12 -4.33
#